data_1SQP
#
_entry.id   1SQP
#
_cell.length_a   153.700
_cell.length_b   153.700
_cell.length_c   596.534
_cell.angle_alpha   90.00
_cell.angle_beta   90.00
_cell.angle_gamma   90.00
#
_symmetry.space_group_name_H-M   'I 41 2 2'
#
loop_
_entity.id
_entity.type
_entity.pdbx_description
1 polymer 'Ubiquinol-cytochrome-c reductase complex core protein I, mitochondrial precursor'
2 polymer 'Ubiquinol-cytochrome-c reductase complex core protein 2, mitochondrial precursor'
3 polymer 'Cytochrome b'
4 polymer 'Cytochrome c1, heme protein, mitochondrial'
5 polymer 'Ubiquinol-cytochrome c reductase iron-sulfur subunit, mitochondrial precursor (EC 1.10.2.2) (Rieske iron-sulfur protein) (RISP) [Contains: Ubiquinol-cytochrome c reductase 8 kDa protein (Complex III subunit IX)]'
6 polymer sub6
7 polymer 'Ubiquinol-cytochrome c reductase complex ubiquinone-binding protein QP-C'
8 polymer 'Ubiquinol-cytochrome c reductase complex 11 kDa protein'
9 polymer 'Ubiquinol-cytochrome c reductase iron-sulfur subunit, mitochondrial precursor (EC 1.10.2.2) (Rieske iron-sulfur protein) (RISP) [Contains: Ubiquinol-cytochrome c reductase 8 kDa protein (Complex III subunit IX)]'
10 polymer 'Ubiquinol-cytochrome c reductase complex 7.2 kDa protein'
11 polymer 'Ubiquinol-cytochrome c reductase complex 6.4 kDa protein'
12 non-polymer CARDIOLIPIN
13 non-polymer 1,2-dioleoyl-sn-glycero-3-phosphoethanolamine
14 non-polymer 'HEME C'
15 non-polymer "(2Z,6E)-7-{2'-[(2E,4E)-1,6-DIMETHYLHEPTA-2,4-DIENYL]-2,4'-BI-1,3-THIAZOL-4-YL}-3,5-DIMETHOXY-4-METHYLHEPTA-2,6-DIENAMID E"
16 non-polymer 'FE2/S2 (INORGANIC) CLUSTER'
17 non-polymer (9R,11S)-9-({[(1S)-1-HYDROXYHEXADECYL]OXY}METHYL)-2,2-DIMETHYL-5,7,10-TRIOXA-2LAMBDA~5~-AZA-6LAMBDA~5~-PHOSPHAOCTACOSANE-6,6,11-TRIOL
18 water water
#
loop_
_entity_poly.entity_id
_entity_poly.type
_entity_poly.pdbx_seq_one_letter_code
_entity_poly.pdbx_strand_id
1 'polypeptide(L)'
;MAASAVCRAAGAGTRVLLRTRRSPALLRSSDLRGTATYAQALQSVPETQVSQLDNGLRVASEQSSQPTCTVGVWIDAGSR
YESEKNNGAGYFVEHLAFKGTKNRPGNALEKEVESMGAHLNAYSTREHTAYYIKALSKDLPKAVELLADIVQNCSLEDSQ
IEKERDVILQELQENDTSMRDVVFNYLHATAFQGTPLAQSVEGPSENVRKLSRADLTEYLSRHYKAPRMVLAAAGGLEHR
QLLDLAQKHFSGLSGTYDEDAVPTLSPCRFTGSQICHREDGLPLAHVAIAVEGPGWAHPDNVALQVANAIIGHYDCTYGG
GAHLSSPLASIAATNKLCQSFQTFNICYADTGLLGAHFVCDHMSIDDMMFVLQGQWMRLCTSATESEVLRGKNLLRNALV
SHLDGTTPVCEDIGRSLLTYGRRIPLAEWESRIAEVDARVVREVCSKYFYDQCPAVAGFGPIEQLPDYNRIRSGMFWLRF
;
A
2 'polypeptide(L)'
;MKLLTRAGSLSRFYSLKVAPKVKATEAPAGVPPHPQDLEFTRLPNGLVIASLENYAPASRIGLFIKAGSRYENSNNLGTS
HLLRLASSLTTKGASSFKITRGIEAVGGKLSVTSTRENMAYTVECLRDDVDILMEFLLNVTTAPEFRRWEVAALQPQLRI
DKAVALQNPQAHVIENLHAAAYRNALANSLYCPDYRIGKVTPVELHDYVQNHFTSARMALIGLGVSHPVLKQVAEQFLNI
RGGLGLSGAKAKYHGGEIREQNGDSLVHAALVAESAAIGSAEANAFSVLQHVLGAGPHVKRGSNATSSLYQAVAKGVHQP
FDVSAFNASYSDSGLFGFYTISQAASAGDVIKAAYNQVKTIAQGNLSNPDVQAAKNKLKAGYLMSVESSEGFLDEVGSQA
LAAGSYTPPSTVLQQIDAVADADVINAAKKFVSGRKSMAASGNLGHTPFIDEL
;
B
3 'polypeptide(L)'
;MTNIRKSHPLMKIVNNAFIDLPAPSNISSWWNFGSLLGICLILQILTGLFLAMHYTSDTTTAFSSVTHICRDVNYGWIIR
YMHANGASMFFICLYMHVGRGLYYGSYTFLETWNIGVILLLTVMATAFMGYVLPWGQMSFWGATVITNLLSAIPYIGTNL
VEWIWGGFSVDKATLTRFFAFHFILPFIIMAIAMVHLLFLHETGSNNPTGISSDVDKIPFHPYYTIKDILGALLLILALM
LLVLFAPDLLGDPDNYTPANPLNTPPHIKPEWYFLFAYAILRSIPNKLGGVLALAFSILILALIPLLHTSKQRSMMFRPL
SQCLFWALVADLLTLTWIGGQPVEHPYITIGQLASVLYFLLILVLMPTAGTIENKLLKW
;
C
4 'polypeptide(L)'
;SDLELHPPSYPWSHRGLLSSLDHTSIRRGFQVYKQVCSSCHSMDYVAYRHLVGVCYTEDEAKALAEEVEVQDGPNEDGEM
FMRPGKLSDYFPKPYPNPEAARAANNGALPPDLSYIVRARHGGEDYVFSLLTGYCEPPTGVSLREGLYFNPYFPGQAIGM
APPIYNEVLEFDDGTPATMSQVAKDVCTFLRWAAEPEHDHRKRMGLKMLLMMGLLLPLVYAMKRHKWSVLKSRKLAYRPP
K
;
D
5 'polypeptide(L)'
;SHTDIKVPDFSDYRRPEVLDSTKSSKESSEARKGFSYLVTATTTVGVAYAAKNVVSQFVSSMSASADVLAMSKIEIKLSD
IPEGKNMAFKWRGKPLFVRHRTKKEIDQEAAVEVSQLRDPQHDLERVKKPEWVILIGVCTHLGCVPIANAGDFGGYYCPC
HGSHYDASGRIRKGPAPLNLEVPSYEFTSDDMVIVG
;
E
6 'polypeptide(L)'
;AGRPAVSASSRWLEKIRKWYYNAAGFNKLGLMRDDTIHENDDVKEAIRRLPENLYDDRVFRIKRALDLSMRQQILPKEQW
TKYEEDKSYLEPYLKEVIRERKEREEWAKK
;
F
7 'polypeptide(L)'
;GRQFGHLTRVRHVITYSLSPFEQRAFPHYFSKGIPNVLRRTRACILRVAPPFVAFYLVYTWGTQEFEKSKRKNPAAYEND
R
;
G
8 'polypeptide(L)' GDPKEEEEEEEELVDPLTTVREQCEQLEKCVKARERLELCDERVSSRSQTEEDCTEELLDFLHARDHCVAHKLFNSLK H
9 'polypeptide(L)' MLSVAARSGPFAPVLSATSRGVAGALRPLVQAAVPATSESPVLDLKRSVLCRESLRGQAAGRPLVASVSLNVPASVRY I
10 'polypeptide(L)' VAPTLTARLYSLLFRRTSTFALTIVVGALFFERAFDQGADAIYEHINEGKLWKHIKHKYENK J
11 'polypeptide(L)' MLTRFLGPRYRQLARNWVPTAGLWGAVGAVGLVWATDWRLILDWVPYINGKFKKDD K
#
loop_
_chem_comp.id
_chem_comp.type
_chem_comp.name
_chem_comp.formula
CDL non-polymer CARDIOLIPIN 'C81 H156 O17 P2 -2'
FES non-polymer 'FE2/S2 (INORGANIC) CLUSTER' 'Fe2 S2'
HEC non-polymer 'HEME C' 'C34 H34 Fe N4 O4'
MYX non-polymer '(2Z,6E)-7-{2'-[(2E,4E)-1,6-DIMETHYLHEPTA-2,4-DIENYL]-2,4'-BI-1,3-THIAZOL-4-YL}-3,5-DIMETHOXY-4-METHYLHEPTA-2,6-DIENAMID E' 'C25 H33 N3 O3 S2'
PEE non-polymer 1,2-dioleoyl-sn-glycero-3-phosphoethanolamine 'C41 H78 N O8 P'
PLX non-polymer (9R,11S)-9-({[(1S)-1-HYDROXYHEXADECYL]OXY}METHYL)-2,2-DIMETHYL-5,7,10-TRIOXA-2LAMBDA~5~-AZA-6LAMBDA~5~-PHOSPHAOCTACOSANE-6,6,11-TRIOL 'C42 H89 N O8 P 1'
#
# COMPACT_ATOMS: atom_id res chain seq x y z
N THR A 35 5.17 59.09 0.98
CA THR A 35 5.46 57.61 0.85
C THR A 35 5.77 56.97 2.21
N ALA A 36 5.85 55.64 2.18
CA ALA A 36 6.38 54.79 3.27
C ALA A 36 6.49 53.42 2.65
N THR A 37 7.71 52.91 2.54
CA THR A 37 7.90 51.56 2.00
C THR A 37 7.64 50.53 3.09
N TYR A 38 7.15 49.34 2.68
CA TYR A 38 6.88 48.19 3.59
C TYR A 38 8.04 47.95 4.59
N ALA A 39 9.28 48.06 4.06
CA ALA A 39 10.53 48.02 4.84
C ALA A 39 10.53 49.05 5.97
N GLN A 40 10.34 50.33 5.62
CA GLN A 40 10.36 51.42 6.62
C GLN A 40 9.34 51.22 7.76
N ALA A 41 8.17 50.69 7.40
CA ALA A 41 7.07 50.45 8.35
C ALA A 41 7.47 49.52 9.49
N LEU A 42 8.32 48.53 9.15
CA LEU A 42 8.79 47.55 10.12
C LEU A 42 9.72 48.15 11.17
N GLN A 43 10.51 49.17 10.78
CA GLN A 43 11.38 49.88 11.72
C GLN A 43 10.61 50.81 12.67
N SER A 44 9.48 51.35 12.19
CA SER A 44 8.58 52.26 12.97
C SER A 44 7.94 51.60 14.23
N VAL A 45 7.67 50.30 14.15
CA VAL A 45 7.11 49.53 15.29
C VAL A 45 8.13 49.55 16.44
N PRO A 46 7.77 50.13 17.61
CA PRO A 46 8.72 50.33 18.70
C PRO A 46 9.24 49.04 19.34
N GLU A 47 10.52 49.06 19.75
CA GLU A 47 11.19 47.92 20.36
C GLU A 47 10.50 47.51 21.65
N THR A 48 10.22 46.21 21.76
CA THR A 48 9.66 45.63 22.98
C THR A 48 10.70 45.73 24.10
N GLN A 49 10.39 46.56 25.09
CA GLN A 49 11.30 46.88 26.19
C GLN A 49 11.19 45.86 27.31
N VAL A 50 12.35 45.34 27.70
CA VAL A 50 12.45 44.30 28.72
C VAL A 50 13.34 44.77 29.88
N SER A 51 12.78 44.65 31.08
CA SER A 51 13.51 44.77 32.33
C SER A 51 13.15 43.58 33.24
N GLN A 52 14.09 43.18 34.11
CA GLN A 52 13.89 42.05 35.03
C GLN A 52 13.89 42.42 36.49
N LEU A 53 12.91 41.88 37.22
CA LEU A 53 12.82 41.95 38.70
C LEU A 53 13.88 41.07 39.35
N ASP A 54 14.17 41.32 40.64
CA ASP A 54 15.10 40.48 41.42
C ASP A 54 14.58 39.04 41.64
N ASN A 55 13.24 38.89 41.62
CA ASN A 55 12.51 37.59 41.65
C ASN A 55 12.88 36.65 40.49
N GLY A 56 13.16 37.25 39.33
CA GLY A 56 13.30 36.53 38.08
C GLY A 56 12.06 36.69 37.20
N LEU A 57 11.12 37.52 37.64
CA LEU A 57 9.95 37.86 36.82
C LEU A 57 10.39 38.84 35.72
N ARG A 58 10.44 38.31 34.50
CA ARG A 58 10.66 39.13 33.31
C ARG A 58 9.40 39.94 33.05
N VAL A 59 9.58 41.25 32.94
CA VAL A 59 8.49 42.23 32.80
C VAL A 59 8.68 43.00 31.47
N ALA A 60 7.75 42.79 30.53
CA ALA A 60 7.89 43.37 29.18
C ALA A 60 6.64 44.02 28.58
N SER A 61 6.90 45.02 27.72
CA SER A 61 5.87 45.89 27.13
C SER A 61 6.23 46.38 25.72
N GLU A 62 5.19 46.56 24.89
CA GLU A 62 5.27 47.27 23.62
C GLU A 62 4.32 48.47 23.72
N GLN A 63 4.88 49.67 23.63
CA GLN A 63 4.10 50.90 23.78
C GLN A 63 3.48 51.38 22.47
N SER A 64 2.35 52.08 22.60
CA SER A 64 1.63 52.74 21.49
C SER A 64 0.79 53.88 22.06
N SER A 65 0.13 54.64 21.17
CA SER A 65 -0.75 55.73 21.59
C SER A 65 -2.22 55.27 21.89
N GLN A 66 -2.42 53.97 22.00
CA GLN A 66 -3.76 53.38 22.22
C GLN A 66 -4.42 53.76 23.58
N PRO A 67 -5.75 53.96 23.60
CA PRO A 67 -6.47 54.28 24.86
C PRO A 67 -6.69 53.06 25.76
N THR A 68 -6.50 51.85 25.21
CA THR A 68 -6.68 50.58 25.93
C THR A 68 -5.36 49.84 25.98
N CYS A 69 -5.40 48.64 26.58
CA CYS A 69 -4.25 47.77 26.70
C CYS A 69 -4.67 46.33 27.03
N THR A 70 -3.71 45.41 26.85
CA THR A 70 -3.81 44.05 27.34
C THR A 70 -2.58 43.81 28.23
N VAL A 71 -2.86 43.27 29.45
CA VAL A 71 -1.84 42.89 30.44
C VAL A 71 -2.05 41.46 30.83
N GLY A 72 -0.96 40.71 30.92
CA GLY A 72 -1.03 39.34 31.30
C GLY A 72 0.19 38.72 31.91
N VAL A 73 -0.03 37.54 32.48
CA VAL A 73 1.04 36.69 32.96
C VAL A 73 1.06 35.42 32.14
N TRP A 74 2.20 35.18 31.49
CA TRP A 74 2.49 33.93 30.78
C TRP A 74 3.38 33.05 31.65
N ILE A 75 2.94 31.80 31.87
CA ILE A 75 3.61 30.82 32.74
C ILE A 75 4.14 29.63 31.94
N ASP A 76 5.39 29.25 32.24
CA ASP A 76 6.08 28.07 31.66
C ASP A 76 5.53 26.76 32.29
N ALA A 77 4.23 26.52 32.11
CA ALA A 77 3.55 25.31 32.62
C ALA A 77 2.45 24.87 31.66
N GLY A 78 2.21 23.56 31.62
CA GLY A 78 1.14 22.98 30.83
C GLY A 78 0.90 21.53 31.21
N SER A 79 0.66 20.70 30.20
CA SER A 79 0.43 19.26 30.38
C SER A 79 1.73 18.46 30.30
N ARG A 80 2.69 18.97 29.49
CA ARG A 80 4.05 18.38 29.34
C ARG A 80 4.82 18.28 30.67
N TYR A 81 4.42 19.12 31.65
CA TYR A 81 5.00 19.11 33.01
C TYR A 81 4.27 18.16 33.98
N GLU A 82 3.11 17.65 33.56
CA GLU A 82 2.27 16.81 34.43
C GLU A 82 2.63 15.30 34.43
N SER A 83 2.11 14.57 35.43
CA SER A 83 2.65 13.26 35.80
C SER A 83 1.98 12.00 35.27
N GLU A 84 0.77 12.15 34.75
CA GLU A 84 -0.19 11.02 34.51
C GLU A 84 -1.15 10.95 35.66
N LYS A 85 -0.62 11.02 36.90
CA LYS A 85 -1.46 11.00 38.10
C LYS A 85 -2.01 12.38 38.51
N ASN A 86 -1.57 13.44 37.82
CA ASN A 86 -2.12 14.79 37.97
C ASN A 86 -2.24 15.51 36.63
N ASN A 87 -2.95 14.85 35.71
CA ASN A 87 -3.02 15.24 34.30
C ASN A 87 -3.96 16.41 34.00
N GLY A 88 -4.96 16.62 34.84
CA GLY A 88 -5.88 17.73 34.61
C GLY A 88 -5.65 18.90 35.52
N ALA A 89 -4.49 18.90 36.19
CA ALA A 89 -4.15 19.82 37.28
C ALA A 89 -4.10 21.28 36.87
N GLY A 90 -3.43 21.56 35.74
CA GLY A 90 -3.30 22.91 35.22
C GLY A 90 -4.62 23.41 34.75
N TYR A 91 -5.34 22.52 34.09
CA TYR A 91 -6.67 22.78 33.57
C TYR A 91 -7.68 23.07 34.69
N PHE A 92 -7.47 22.41 35.84
CA PHE A 92 -8.30 22.58 37.02
C PHE A 92 -8.08 23.95 37.66
N VAL A 93 -6.80 24.34 37.82
CA VAL A 93 -6.43 25.67 38.40
C VAL A 93 -7.06 26.77 37.56
N GLU A 94 -6.97 26.60 36.24
CA GLU A 94 -7.61 27.50 35.27
C GLU A 94 -9.12 27.71 35.52
N HIS A 95 -9.80 26.68 36.01
CA HIS A 95 -11.20 26.77 36.40
C HIS A 95 -11.40 27.43 37.76
N LEU A 96 -10.36 27.38 38.61
CA LEU A 96 -10.44 27.92 39.97
C LEU A 96 -9.90 29.33 40.11
N ALA A 97 -9.03 29.74 39.18
CA ALA A 97 -8.28 31.01 39.23
C ALA A 97 -9.11 32.28 39.31
N PHE A 98 -10.33 32.25 38.76
CA PHE A 98 -11.18 33.45 38.73
C PHE A 98 -12.35 33.46 39.72
N LYS A 99 -12.40 32.42 40.57
CA LYS A 99 -13.52 32.17 41.47
C LYS A 99 -13.27 32.54 42.97
N GLY A 100 -12.14 33.22 43.24
CA GLY A 100 -11.84 33.75 44.55
C GLY A 100 -10.39 33.75 44.97
N THR A 101 -10.01 34.79 45.73
CA THR A 101 -8.68 34.90 46.38
C THR A 101 -8.85 35.21 47.89
N LYS A 102 -7.70 35.30 48.59
CA LYS A 102 -7.64 35.68 50.00
C LYS A 102 -8.09 37.14 50.23
N ASN A 103 -7.82 38.01 49.25
CA ASN A 103 -8.20 39.43 49.31
C ASN A 103 -9.55 39.71 48.63
N ARG A 104 -9.88 38.87 47.65
CA ARG A 104 -11.14 38.96 46.92
C ARG A 104 -11.87 37.59 46.92
N PRO A 105 -12.60 37.27 48.03
CA PRO A 105 -13.35 36.01 48.10
C PRO A 105 -14.55 35.93 47.14
N GLY A 106 -14.67 34.79 46.45
CA GLY A 106 -15.79 34.48 45.56
C GLY A 106 -15.97 35.41 44.38
N ASN A 107 -17.13 36.10 44.39
CA ASN A 107 -17.54 37.12 43.43
C ASN A 107 -16.55 38.23 43.19
N ALA A 108 -16.10 38.84 44.28
CA ALA A 108 -15.30 40.07 44.31
C ALA A 108 -14.43 40.41 43.09
N LEU A 109 -13.65 39.43 42.60
CA LEU A 109 -12.81 39.63 41.42
C LEU A 109 -13.61 40.02 40.21
N GLU A 110 -14.54 39.15 39.79
CA GLU A 110 -15.48 39.39 38.70
C GLU A 110 -16.06 40.81 38.79
N LYS A 111 -16.74 41.07 39.93
CA LYS A 111 -17.34 42.37 40.23
C LYS A 111 -16.41 43.58 39.97
N GLU A 112 -15.13 43.45 40.34
CA GLU A 112 -14.12 44.51 40.13
C GLU A 112 -13.81 44.69 38.65
N VAL A 113 -13.45 43.56 37.99
CA VAL A 113 -13.08 43.53 36.55
C VAL A 113 -14.26 43.98 35.69
N GLU A 114 -15.43 43.39 35.96
CA GLU A 114 -16.67 43.71 35.28
C GLU A 114 -16.96 45.21 35.38
N SER A 115 -16.89 45.76 36.61
CA SER A 115 -17.25 47.17 36.87
C SER A 115 -16.39 48.25 36.22
N MET A 116 -15.15 47.92 35.88
CA MET A 116 -14.31 48.85 35.15
C MET A 116 -14.41 48.65 33.63
N GLY A 117 -15.16 47.62 33.24
CA GLY A 117 -15.42 47.32 31.84
C GLY A 117 -14.39 46.43 31.19
N ALA A 118 -13.49 45.90 32.01
CA ALA A 118 -12.42 45.04 31.53
C ALA A 118 -12.91 43.62 31.19
N HIS A 119 -12.11 42.91 30.39
CA HIS A 119 -12.31 41.50 30.08
C HIS A 119 -11.13 40.73 30.62
N LEU A 120 -11.41 39.58 31.23
CA LEU A 120 -10.39 38.73 31.85
C LEU A 120 -10.48 37.33 31.33
N ASN A 121 -9.38 36.84 30.76
CA ASN A 121 -9.34 35.53 30.13
C ASN A 121 -8.15 34.70 30.56
N ALA A 122 -8.21 33.41 30.22
CA ALA A 122 -7.14 32.45 30.49
C ALA A 122 -7.09 31.35 29.43
N TYR A 123 -5.92 30.73 29.25
CA TYR A 123 -5.76 29.55 28.40
C TYR A 123 -4.59 28.69 28.83
N SER A 124 -4.65 27.41 28.46
CA SER A 124 -3.60 26.44 28.74
C SER A 124 -3.39 25.50 27.57
N THR A 125 -2.16 25.51 27.05
CA THR A 125 -1.67 24.52 26.09
C THR A 125 -0.85 23.49 26.88
N ARG A 126 -0.20 22.57 26.16
CA ARG A 126 0.66 21.55 26.76
C ARG A 126 1.95 22.14 27.29
N GLU A 127 2.27 23.38 26.88
CA GLU A 127 3.54 24.03 27.23
C GLU A 127 3.43 25.37 27.96
N HIS A 128 2.27 26.03 27.84
CA HIS A 128 2.11 27.41 28.31
C HIS A 128 0.73 27.67 28.91
N THR A 129 0.72 28.46 29.98
CA THR A 129 -0.52 28.89 30.63
C THR A 129 -0.48 30.37 30.78
N ALA A 130 -1.59 31.01 30.43
CA ALA A 130 -1.66 32.46 30.42
C ALA A 130 -2.95 32.97 30.99
N TYR A 131 -2.83 34.04 31.77
CA TYR A 131 -3.98 34.80 32.31
C TYR A 131 -3.78 36.26 31.88
N TYR A 132 -4.74 36.83 31.15
CA TYR A 132 -4.63 38.23 30.70
C TYR A 132 -5.92 39.07 30.88
N ILE A 133 -5.70 40.39 31.04
CA ILE A 133 -6.78 41.38 31.18
C ILE A 133 -6.72 42.39 30.02
N LYS A 134 -7.84 42.53 29.31
CA LYS A 134 -8.06 43.64 28.37
C LYS A 134 -8.78 44.70 29.18
N ALA A 135 -8.18 45.86 29.30
CA ALA A 135 -8.76 46.97 30.06
C ALA A 135 -8.33 48.32 29.47
N LEU A 136 -8.96 49.41 29.95
CA LEU A 136 -8.52 50.77 29.67
C LEU A 136 -7.06 50.95 30.15
N SER A 137 -6.28 51.74 29.41
CA SER A 137 -4.88 52.04 29.78
C SER A 137 -4.72 52.65 31.20
N LYS A 138 -5.65 53.56 31.56
CA LYS A 138 -5.70 54.17 32.90
C LYS A 138 -5.98 53.15 34.03
N ASP A 139 -6.60 52.02 33.67
CA ASP A 139 -6.96 50.95 34.60
C ASP A 139 -5.82 49.90 34.81
N LEU A 140 -4.67 50.14 34.17
CA LEU A 140 -3.48 49.30 34.29
C LEU A 140 -2.98 49.05 35.76
N PRO A 141 -3.02 50.06 36.66
CA PRO A 141 -2.69 49.82 38.07
C PRO A 141 -3.51 48.69 38.72
N LYS A 142 -4.84 48.69 38.54
CA LYS A 142 -5.70 47.64 39.12
C LYS A 142 -5.60 46.34 38.37
N ALA A 143 -5.38 46.44 37.06
CA ALA A 143 -5.25 45.28 36.17
C ALA A 143 -4.09 44.39 36.59
N VAL A 144 -2.92 45.01 36.82
CA VAL A 144 -1.71 44.31 37.27
C VAL A 144 -1.95 43.76 38.68
N GLU A 145 -2.55 44.59 39.53
CA GLU A 145 -2.88 44.22 40.90
C GLU A 145 -3.73 42.95 40.96
N LEU A 146 -4.75 42.87 40.09
CA LEU A 146 -5.65 41.73 40.09
C LEU A 146 -4.96 40.46 39.61
N LEU A 147 -4.09 40.62 38.59
CA LEU A 147 -3.29 39.50 38.04
C LEU A 147 -2.34 38.95 39.06
N ALA A 148 -1.79 39.84 39.90
CA ALA A 148 -0.91 39.45 40.99
C ALA A 148 -1.66 38.58 41.99
N ASP A 149 -2.87 39.02 42.38
CA ASP A 149 -3.71 38.30 43.32
C ASP A 149 -4.14 36.93 42.78
N ILE A 150 -4.56 36.91 41.50
CA ILE A 150 -4.95 35.67 40.82
C ILE A 150 -3.80 34.66 40.79
N VAL A 151 -2.61 35.15 40.41
CA VAL A 151 -1.46 34.28 40.17
C VAL A 151 -0.71 33.79 41.44
N GLN A 152 -0.96 34.46 42.58
CA GLN A 152 -0.21 34.19 43.84
C GLN A 152 -1.09 33.73 45.01
N ASN A 153 -2.34 34.20 45.03
CA ASN A 153 -3.24 33.98 46.18
C ASN A 153 -4.56 33.27 45.84
N CYS A 154 -4.48 32.26 44.98
CA CYS A 154 -5.63 31.46 44.55
C CYS A 154 -6.30 30.70 45.74
N SER A 155 -7.47 31.22 46.16
CA SER A 155 -8.29 30.62 47.25
C SER A 155 -8.95 29.32 46.78
N LEU A 156 -8.20 28.23 46.77
CA LEU A 156 -8.68 26.93 46.26
C LEU A 156 -9.67 26.27 47.25
N GLU A 157 -10.77 26.97 47.54
CA GLU A 157 -11.81 26.56 48.47
C GLU A 157 -12.46 25.24 48.04
N ASP A 158 -12.41 24.25 48.94
CA ASP A 158 -12.83 22.85 48.64
C ASP A 158 -14.25 22.68 48.06
N SER A 159 -15.15 23.60 48.43
CA SER A 159 -16.53 23.66 47.89
C SER A 159 -16.52 24.05 46.41
N GLN A 160 -15.62 24.96 46.04
CA GLN A 160 -15.47 25.42 44.66
C GLN A 160 -14.76 24.39 43.77
N ILE A 161 -13.77 23.67 44.32
CA ILE A 161 -13.06 22.61 43.57
C ILE A 161 -14.02 21.45 43.21
N GLU A 162 -14.98 21.19 44.11
CA GLU A 162 -16.02 20.20 43.88
C GLU A 162 -17.03 20.65 42.83
N LYS A 163 -17.35 21.95 42.83
CA LYS A 163 -18.23 22.52 41.81
C LYS A 163 -17.55 22.47 40.42
N GLU A 164 -16.22 22.69 40.42
CA GLU A 164 -15.39 22.67 39.21
C GLU A 164 -15.21 21.29 38.65
N ARG A 165 -15.23 20.29 39.53
CA ARG A 165 -15.18 18.89 39.15
C ARG A 165 -16.30 18.55 38.14
N ASP A 166 -17.53 18.98 38.44
CA ASP A 166 -18.67 18.74 37.58
C ASP A 166 -18.56 19.53 36.29
N VAL A 167 -18.13 20.80 36.41
CA VAL A 167 -17.95 21.71 35.28
C VAL A 167 -16.96 21.12 34.27
N ILE A 168 -15.78 20.67 34.76
CA ILE A 168 -14.73 20.07 33.89
C ILE A 168 -15.18 18.76 33.26
N LEU A 169 -15.83 17.89 34.04
CA LEU A 169 -16.38 16.62 33.55
C LEU A 169 -17.42 16.82 32.45
N GLN A 170 -18.24 17.87 32.64
CA GLN A 170 -19.24 18.24 31.64
C GLN A 170 -18.60 18.77 30.36
N GLU A 171 -17.53 19.52 30.53
CA GLU A 171 -16.69 19.99 29.40
C GLU A 171 -15.96 18.86 28.68
N LEU A 172 -15.72 17.74 29.36
CA LEU A 172 -15.10 16.59 28.72
C LEU A 172 -16.05 15.94 27.71
N GLN A 173 -17.34 15.88 28.09
CA GLN A 173 -18.40 15.30 27.26
C GLN A 173 -18.68 16.20 26.08
N GLU A 174 -18.56 17.51 26.31
CA GLU A 174 -18.73 18.56 25.31
C GLU A 174 -17.66 18.48 24.21
N ASN A 175 -16.40 18.35 24.64
CA ASN A 175 -15.27 18.25 23.73
C ASN A 175 -15.30 16.99 22.81
N ASP A 176 -15.82 15.87 23.35
CA ASP A 176 -16.04 14.60 22.60
C ASP A 176 -16.80 14.78 21.28
N THR A 177 -17.67 15.77 21.24
CA THR A 177 -18.48 16.05 20.06
C THR A 177 -17.77 16.91 19.01
N SER A 178 -16.57 17.40 19.32
CA SER A 178 -15.81 18.19 18.39
C SER A 178 -14.76 17.32 17.72
N MET A 179 -15.10 16.77 16.56
CA MET A 179 -14.19 15.87 15.85
C MET A 179 -12.74 16.39 15.69
N ARG A 180 -12.62 17.70 15.40
CA ARG A 180 -11.31 18.38 15.31
C ARG A 180 -10.49 18.37 16.63
N ASP A 181 -11.13 18.67 17.77
CA ASP A 181 -10.46 18.65 19.10
C ASP A 181 -9.96 17.22 19.48
N VAL A 182 -10.74 16.24 19.07
CA VAL A 182 -10.43 14.83 19.29
C VAL A 182 -9.21 14.43 18.44
N VAL A 183 -9.30 14.59 17.12
CA VAL A 183 -8.22 14.09 16.22
C VAL A 183 -6.84 14.65 16.56
N PHE A 184 -6.80 15.89 17.06
CA PHE A 184 -5.55 16.47 17.48
C PHE A 184 -5.04 15.92 18.81
N ASN A 185 -5.98 15.63 19.75
CA ASN A 185 -5.62 14.93 21.00
C ASN A 185 -5.13 13.54 20.67
N TYR A 186 -5.86 12.85 19.78
CA TYR A 186 -5.49 11.52 19.27
C TYR A 186 -4.12 11.52 18.59
N LEU A 187 -3.87 12.53 17.75
CA LEU A 187 -2.57 12.70 17.07
C LEU A 187 -1.45 12.91 18.06
N HIS A 188 -1.73 13.70 19.12
CA HIS A 188 -0.79 13.91 20.20
C HIS A 188 -0.54 12.64 20.95
N ALA A 189 -1.61 11.87 21.18
CA ALA A 189 -1.56 10.64 21.94
C ALA A 189 -0.70 9.58 21.25
N THR A 190 -0.78 9.52 19.91
CA THR A 190 -0.05 8.51 19.14
C THR A 190 1.35 8.90 18.71
N ALA A 191 1.53 10.18 18.32
CA ALA A 191 2.86 10.71 17.94
C ALA A 191 3.80 10.76 19.14
N PHE A 192 3.25 11.12 20.30
CA PHE A 192 4.04 11.23 21.53
C PHE A 192 3.77 10.11 22.54
N GLN A 193 3.30 8.96 22.02
CA GLN A 193 3.18 7.66 22.72
C GLN A 193 4.16 7.54 23.89
N GLY A 194 3.63 7.42 25.11
CA GLY A 194 4.46 7.20 26.29
C GLY A 194 5.21 8.40 26.84
N THR A 195 5.08 9.55 26.19
CA THR A 195 5.78 10.77 26.64
C THR A 195 4.76 11.74 27.27
N PRO A 196 5.20 12.75 28.04
CA PRO A 196 4.25 13.67 28.69
C PRO A 196 3.43 14.47 27.69
N LEU A 197 3.96 14.61 26.46
CA LEU A 197 3.33 15.32 25.37
C LEU A 197 2.13 14.59 24.79
N ALA A 198 2.05 13.26 25.01
CA ALA A 198 0.91 12.42 24.58
C ALA A 198 -0.38 12.79 25.29
N GLN A 199 -0.23 13.36 26.49
CA GLN A 199 -1.34 13.74 27.34
C GLN A 199 -2.03 14.99 26.81
N SER A 200 -3.34 15.03 27.08
CA SER A 200 -4.20 16.18 26.80
C SER A 200 -4.04 17.23 27.90
N VAL A 201 -4.50 18.44 27.62
CA VAL A 201 -4.44 19.55 28.58
C VAL A 201 -5.42 19.33 29.75
N GLU A 202 -6.61 18.83 29.42
CA GLU A 202 -7.70 18.63 30.40
C GLU A 202 -7.60 17.38 31.29
N GLY A 203 -6.76 16.40 30.89
CA GLY A 203 -6.59 15.14 31.62
C GLY A 203 -7.72 14.12 31.38
N PRO A 204 -7.55 12.87 31.82
CA PRO A 204 -8.63 11.86 31.74
C PRO A 204 -9.66 12.04 32.84
N SER A 205 -10.86 11.48 32.62
CA SER A 205 -12.00 11.59 33.57
C SER A 205 -11.66 11.24 35.02
N GLU A 206 -10.92 10.15 35.21
CA GLU A 206 -10.58 9.65 36.56
C GLU A 206 -9.75 10.63 37.35
N ASN A 207 -8.86 11.34 36.65
CA ASN A 207 -8.03 12.37 37.26
C ASN A 207 -8.78 13.64 37.62
N VAL A 208 -9.90 13.87 36.95
CA VAL A 208 -10.80 15.00 37.27
C VAL A 208 -11.62 14.61 38.52
N ARG A 209 -12.06 13.34 38.52
CA ARG A 209 -12.87 12.78 39.59
C ARG A 209 -12.15 12.67 40.93
N LYS A 210 -10.81 12.46 40.90
CA LYS A 210 -10.03 12.14 42.12
C LYS A 210 -8.98 13.18 42.59
N LEU A 211 -8.74 14.22 41.76
CA LEU A 211 -7.79 15.29 42.09
C LEU A 211 -8.20 16.04 43.35
N SER A 212 -7.26 16.23 44.27
CA SER A 212 -7.52 16.94 45.56
C SER A 212 -6.90 18.33 45.64
N ARG A 213 -7.31 19.12 46.66
CA ARG A 213 -6.72 20.43 46.96
C ARG A 213 -5.18 20.36 47.10
N ALA A 214 -4.69 19.30 47.76
CA ALA A 214 -3.24 19.05 47.90
C ALA A 214 -2.55 18.91 46.55
N ASP A 215 -3.12 18.03 45.70
CA ASP A 215 -2.65 17.80 44.31
C ASP A 215 -2.52 19.12 43.55
N LEU A 216 -3.54 19.99 43.74
CA LEU A 216 -3.64 21.30 43.10
C LEU A 216 -2.63 22.33 43.66
N THR A 217 -2.51 22.44 45.00
CA THR A 217 -1.56 23.38 45.67
C THR A 217 -0.10 23.06 45.32
N GLU A 218 0.21 21.75 45.28
CA GLU A 218 1.55 21.23 45.01
C GLU A 218 2.09 21.64 43.62
N TYR A 219 1.30 21.38 42.56
CA TYR A 219 1.63 21.82 41.17
C TYR A 219 1.78 23.35 41.11
N LEU A 220 0.80 24.03 41.73
CA LEU A 220 0.77 25.50 41.86
C LEU A 220 2.09 26.06 42.44
N SER A 221 2.53 25.50 43.57
CA SER A 221 3.75 25.96 44.24
C SER A 221 5.04 25.57 43.49
N ARG A 222 5.00 24.44 42.79
CA ARG A 222 6.15 23.93 42.03
C ARG A 222 6.35 24.61 40.69
N HIS A 223 5.28 25.23 40.17
CA HIS A 223 5.30 25.80 38.82
C HIS A 223 5.11 27.31 38.72
N TYR A 224 4.24 27.88 39.56
CA TYR A 224 3.98 29.34 39.54
C TYR A 224 5.10 30.13 40.23
N LYS A 225 6.34 29.80 39.87
CA LYS A 225 7.56 30.41 40.41
C LYS A 225 8.08 31.46 39.42
N ALA A 226 8.50 32.60 39.99
CA ALA A 226 8.88 33.83 39.24
C ALA A 226 9.80 33.73 37.97
N PRO A 227 10.89 32.93 37.98
CA PRO A 227 11.71 32.74 36.75
C PRO A 227 11.02 32.00 35.59
N ARG A 228 9.78 31.57 35.80
CA ARG A 228 8.99 30.90 34.78
C ARG A 228 7.70 31.65 34.47
N MET A 229 7.71 32.94 34.80
CA MET A 229 6.57 33.84 34.60
C MET A 229 7.02 35.12 33.91
N VAL A 230 6.23 35.52 32.91
CA VAL A 230 6.46 36.76 32.16
C VAL A 230 5.24 37.67 32.29
N LEU A 231 5.44 38.86 32.87
CA LEU A 231 4.41 39.88 32.86
C LEU A 231 4.50 40.68 31.55
N ALA A 232 3.51 40.48 30.70
CA ALA A 232 3.44 41.12 29.41
C ALA A 232 2.36 42.17 29.39
N ALA A 233 2.63 43.28 28.68
CA ALA A 233 1.62 44.29 28.40
C ALA A 233 1.78 44.92 27.02
N ALA A 234 0.68 45.45 26.46
CA ALA A 234 0.71 46.17 25.14
C ALA A 234 -0.39 47.21 25.03
N GLY A 235 -0.01 48.41 24.61
CA GLY A 235 -0.93 49.54 24.42
C GLY A 235 -0.39 50.87 24.94
N GLY A 236 -1.32 51.74 25.35
CA GLY A 236 -1.00 53.03 25.96
C GLY A 236 -0.39 52.86 27.33
N LEU A 237 0.87 52.47 27.32
CA LEU A 237 1.60 52.13 28.53
C LEU A 237 2.80 53.04 28.74
N GLU A 238 3.50 52.78 29.84
CA GLU A 238 4.84 53.29 30.09
C GLU A 238 5.57 52.12 30.73
N HIS A 239 6.62 51.62 30.06
CA HIS A 239 7.42 50.51 30.62
C HIS A 239 7.91 50.80 32.05
N ARG A 240 8.22 52.08 32.32
CA ARG A 240 8.56 52.59 33.66
C ARG A 240 7.42 52.25 34.63
N GLN A 241 6.20 52.64 34.26
CA GLN A 241 4.99 52.41 35.09
C GLN A 241 4.66 50.93 35.32
N LEU A 242 4.98 50.08 34.33
CA LEU A 242 4.71 48.66 34.40
C LEU A 242 5.70 47.98 35.34
N LEU A 243 6.99 48.31 35.20
CA LEU A 243 8.04 47.79 36.10
C LEU A 243 7.79 48.17 37.56
N ASP A 244 7.31 49.42 37.76
CA ASP A 244 6.90 49.94 39.06
C ASP A 244 5.82 49.06 39.67
N LEU A 245 4.83 48.70 38.84
CA LEU A 245 3.71 47.86 39.25
C LEU A 245 4.11 46.42 39.50
N ALA A 246 5.03 45.93 38.68
CA ALA A 246 5.59 44.59 38.81
C ALA A 246 6.37 44.41 40.13
N GLN A 247 7.12 45.43 40.53
CA GLN A 247 7.79 45.43 41.84
C GLN A 247 6.77 45.65 42.98
N LYS A 248 5.73 46.45 42.71
CA LYS A 248 4.69 46.74 43.70
C LYS A 248 3.86 45.52 44.11
N HIS A 249 3.59 44.64 43.14
CA HIS A 249 2.61 43.57 43.33
C HIS A 249 3.12 42.13 43.24
N PHE A 250 4.20 41.92 42.48
CA PHE A 250 4.77 40.58 42.27
C PHE A 250 5.91 40.28 43.21
N SER A 251 6.69 41.32 43.54
CA SER A 251 7.70 41.25 44.59
C SER A 251 6.97 40.83 45.86
N GLY A 252 7.35 39.65 46.33
CA GLY A 252 6.61 38.90 47.33
C GLY A 252 6.74 37.43 46.96
N LEU A 253 7.68 37.17 46.06
CA LEU A 253 8.11 35.83 45.67
C LEU A 253 9.64 35.68 45.89
N SER A 254 10.22 36.65 46.63
CA SER A 254 11.64 36.65 46.99
C SER A 254 11.85 35.69 48.20
N GLY A 255 12.44 36.21 49.30
CA GLY A 255 12.72 35.44 50.52
C GLY A 255 13.76 34.34 50.29
N THR A 256 13.27 33.21 49.79
CA THR A 256 14.08 32.09 49.27
C THR A 256 13.29 31.46 48.11
N TYR A 257 14.01 31.02 47.07
CA TYR A 257 13.41 30.31 45.92
C TYR A 257 14.29 29.15 45.39
N ASP A 258 13.61 28.09 44.91
CA ASP A 258 14.23 26.89 44.25
C ASP A 258 15.24 26.03 45.08
N GLU A 259 15.26 26.23 46.41
CA GLU A 259 16.27 25.62 47.30
C GLU A 259 16.21 24.09 47.57
N ASP A 260 15.09 23.44 47.19
CA ASP A 260 14.92 21.99 47.38
C ASP A 260 14.84 21.15 46.08
N ALA A 261 14.08 21.63 45.07
CA ALA A 261 13.91 20.93 43.77
C ALA A 261 13.64 21.89 42.60
N VAL A 262 14.28 21.60 41.45
CA VAL A 262 14.12 22.36 40.17
C VAL A 262 13.72 21.37 39.02
N PRO A 263 12.65 21.68 38.25
CA PRO A 263 12.26 20.83 37.12
C PRO A 263 12.58 21.40 35.70
N THR A 264 13.38 20.66 34.93
CA THR A 264 13.66 20.98 33.50
C THR A 264 13.12 19.85 32.59
N LEU A 265 12.52 20.28 31.47
CA LEU A 265 11.84 19.38 30.53
C LEU A 265 12.72 18.34 29.83
N SER A 266 12.25 17.10 29.86
CA SER A 266 12.89 15.99 29.17
C SER A 266 12.39 15.90 27.74
N PRO A 267 13.26 15.55 26.77
CA PRO A 267 12.82 15.36 25.37
C PRO A 267 11.72 14.28 25.23
N CYS A 268 10.87 14.46 24.22
CA CYS A 268 9.73 13.57 24.00
C CYS A 268 9.84 12.86 22.67
N ARG A 269 9.96 11.53 22.75
CA ARG A 269 10.07 10.65 21.61
C ARG A 269 8.85 10.74 20.69
N PHE A 270 9.11 10.97 19.40
CA PHE A 270 8.09 10.95 18.36
C PHE A 270 8.01 9.56 17.78
N THR A 271 6.78 9.08 17.63
CA THR A 271 6.55 7.77 17.03
C THR A 271 5.69 7.85 15.77
N GLY A 272 6.25 7.36 14.68
CA GLY A 272 5.53 7.21 13.43
C GLY A 272 4.55 6.11 13.67
N SER A 273 3.29 6.49 13.91
CA SER A 273 2.23 5.53 14.24
C SER A 273 0.86 5.98 13.72
N GLN A 274 -0.17 5.15 13.98
CA GLN A 274 -1.54 5.39 13.52
C GLN A 274 -2.55 5.15 14.63
N ILE A 275 -3.51 6.07 14.77
CA ILE A 275 -4.71 5.80 15.55
C ILE A 275 -5.96 5.95 14.73
N CYS A 276 -6.72 4.89 14.60
CA CYS A 276 -7.94 4.86 13.81
C CYS A 276 -9.15 4.59 14.67
N HIS A 277 -9.94 5.63 14.93
CA HIS A 277 -11.23 5.47 15.63
C HIS A 277 -12.36 5.39 14.61
N ARG A 278 -12.78 4.16 14.32
CA ARG A 278 -13.78 3.92 13.31
C ARG A 278 -15.18 4.13 13.87
N GLU A 279 -15.83 5.18 13.39
CA GLU A 279 -17.23 5.47 13.73
C GLU A 279 -18.07 5.79 12.47
N ASP A 280 -18.79 4.78 11.98
CA ASP A 280 -19.66 4.92 10.80
C ASP A 280 -21.02 5.62 11.04
N GLY A 281 -21.15 6.31 12.16
CA GLY A 281 -22.35 7.04 12.51
C GLY A 281 -22.17 8.55 12.54
N LEU A 282 -20.96 8.99 12.25
CA LEU A 282 -20.66 10.41 12.10
C LEU A 282 -20.54 10.70 10.57
N PRO A 283 -21.11 11.82 10.08
CA PRO A 283 -21.27 11.97 8.63
C PRO A 283 -19.99 12.32 7.87
N LEU A 284 -19.00 12.88 8.55
CA LEU A 284 -17.72 13.23 7.89
C LEU A 284 -16.50 12.73 8.65
N ALA A 285 -15.47 12.38 7.89
CA ALA A 285 -14.23 11.84 8.43
C ALA A 285 -13.28 12.95 8.75
N HIS A 286 -12.60 12.81 9.88
CA HIS A 286 -11.51 13.71 10.27
C HIS A 286 -10.21 12.93 10.28
N VAL A 287 -9.22 13.47 9.59
CA VAL A 287 -7.89 12.85 9.47
C VAL A 287 -6.82 13.93 9.70
N ALA A 288 -5.90 13.67 10.64
CA ALA A 288 -4.77 14.55 10.88
C ALA A 288 -3.48 13.76 10.79
N ILE A 289 -2.64 14.16 9.86
CA ILE A 289 -1.40 13.47 9.55
C ILE A 289 -0.17 14.39 9.70
N ALA A 290 0.85 13.93 10.43
CA ALA A 290 2.00 14.77 10.72
C ALA A 290 3.33 14.05 10.87
N VAL A 291 4.40 14.70 10.40
CA VAL A 291 5.79 14.30 10.69
C VAL A 291 6.28 15.08 11.90
N GLU A 292 7.42 14.66 12.44
CA GLU A 292 8.03 15.36 13.56
C GLU A 292 8.65 16.64 13.08
N GLY A 293 8.25 17.73 13.74
CA GLY A 293 8.84 19.04 13.55
C GLY A 293 10.02 19.27 14.49
N PRO A 294 10.77 20.37 14.30
CA PRO A 294 11.99 20.62 15.06
C PRO A 294 11.86 21.29 16.45
N GLY A 295 10.78 22.05 16.69
CA GLY A 295 10.64 22.84 17.91
C GLY A 295 10.82 24.33 17.73
N TRP A 296 10.26 25.09 18.69
CA TRP A 296 10.26 26.58 18.72
C TRP A 296 11.53 27.26 18.19
N ALA A 297 12.68 26.89 18.77
CA ALA A 297 13.95 27.59 18.55
C ALA A 297 14.53 27.56 17.12
N HIS A 298 14.30 26.45 16.41
CA HIS A 298 14.91 26.13 15.13
C HIS A 298 14.69 27.17 14.02
N PRO A 299 15.77 27.71 13.43
CA PRO A 299 15.68 28.66 12.31
C PRO A 299 14.88 28.19 11.10
N ASP A 300 14.81 26.86 10.89
CA ASP A 300 14.09 26.36 9.74
C ASP A 300 12.56 26.15 9.87
N ASN A 301 11.96 26.86 10.84
CA ASN A 301 10.50 26.94 11.02
C ASN A 301 9.90 27.91 10.04
N VAL A 302 10.75 28.85 9.62
CA VAL A 302 10.39 29.88 8.67
C VAL A 302 10.09 29.25 7.31
N ALA A 303 11.02 28.42 6.82
CA ALA A 303 10.93 27.74 5.51
C ALA A 303 9.78 26.75 5.50
N LEU A 304 9.57 26.09 6.64
CA LEU A 304 8.42 25.20 6.85
C LEU A 304 7.11 25.94 6.71
N GLN A 305 7.01 27.09 7.40
CA GLN A 305 5.83 27.96 7.35
C GLN A 305 5.53 28.45 5.92
N VAL A 306 6.60 28.81 5.18
CA VAL A 306 6.50 29.19 3.77
C VAL A 306 5.91 28.04 2.93
N ALA A 307 6.46 26.84 3.08
CA ALA A 307 5.99 25.64 2.39
C ALA A 307 4.52 25.32 2.73
N ASN A 308 4.18 25.53 4.00
CA ASN A 308 2.81 25.40 4.50
C ASN A 308 1.87 26.42 3.88
N ALA A 309 2.37 27.66 3.74
CA ALA A 309 1.61 28.76 3.13
C ALA A 309 1.22 28.44 1.67
N ILE A 310 2.18 27.85 0.93
CA ILE A 310 2.00 27.42 -0.46
C ILE A 310 0.83 26.43 -0.60
N ILE A 311 0.83 25.40 0.26
CA ILE A 311 -0.24 24.41 0.30
C ILE A 311 -1.50 25.06 0.90
N GLY A 312 -1.30 25.86 1.94
CA GLY A 312 -2.37 26.63 2.56
C GLY A 312 -3.46 25.87 3.27
N HIS A 313 -4.68 26.27 2.95
CA HIS A 313 -5.88 25.87 3.65
C HIS A 313 -7.08 26.12 2.75
N TYR A 314 -8.07 25.23 2.81
CA TYR A 314 -9.33 25.37 2.07
C TYR A 314 -10.51 25.01 2.93
N ASP A 315 -11.67 25.56 2.54
CA ASP A 315 -12.93 25.40 3.24
C ASP A 315 -14.03 25.72 2.21
N CYS A 316 -15.07 24.89 2.18
CA CYS A 316 -16.21 25.02 1.24
C CYS A 316 -16.86 26.40 1.04
N THR A 317 -16.57 27.35 1.96
CA THR A 317 -17.12 28.74 1.87
C THR A 317 -16.15 29.72 1.23
N TYR A 318 -15.03 29.21 0.74
CA TYR A 318 -14.08 30.01 -0.01
C TYR A 318 -14.69 30.24 -1.35
N GLY A 319 -14.52 31.47 -1.86
CA GLY A 319 -15.12 31.88 -3.09
C GLY A 319 -14.30 31.56 -4.32
N GLY A 320 -12.99 31.34 -4.10
CA GLY A 320 -12.06 31.14 -5.21
C GLY A 320 -12.30 29.90 -6.07
N GLY A 321 -12.46 28.74 -5.39
CA GLY A 321 -12.63 27.44 -6.03
C GLY A 321 -11.51 27.00 -7.00
N ALA A 322 -11.92 26.74 -8.25
CA ALA A 322 -11.05 26.29 -9.35
C ALA A 322 -9.78 27.12 -9.56
N HIS A 323 -9.87 28.43 -9.33
CA HIS A 323 -8.76 29.32 -9.63
C HIS A 323 -7.73 29.50 -8.53
N LEU A 324 -7.94 28.87 -7.38
CA LEU A 324 -7.00 28.95 -6.26
C LEU A 324 -5.59 28.49 -6.64
N SER A 325 -4.58 29.21 -6.12
CA SER A 325 -3.18 28.93 -6.46
C SER A 325 -2.78 27.55 -6.00
N SER A 326 -2.85 27.30 -4.69
CA SER A 326 -2.52 25.99 -4.12
C SER A 326 -3.19 24.87 -4.93
N PRO A 327 -2.38 24.01 -5.58
CA PRO A 327 -2.91 22.89 -6.37
C PRO A 327 -3.89 21.97 -5.59
N LEU A 328 -3.63 21.77 -4.29
CA LEU A 328 -4.46 20.91 -3.46
C LEU A 328 -5.81 21.56 -3.27
N ALA A 329 -5.81 22.86 -2.99
CA ALA A 329 -7.03 23.64 -2.80
C ALA A 329 -7.89 23.64 -4.06
N SER A 330 -7.27 23.88 -5.22
CA SER A 330 -7.98 23.85 -6.49
C SER A 330 -8.52 22.44 -6.89
N ILE A 331 -7.72 21.39 -6.67
CA ILE A 331 -8.16 20.01 -6.98
C ILE A 331 -9.28 19.57 -5.99
N ALA A 332 -9.15 20.04 -4.73
CA ALA A 332 -10.16 19.86 -3.68
C ALA A 332 -11.47 20.52 -4.03
N ALA A 333 -11.39 21.75 -4.51
CA ALA A 333 -12.56 22.53 -4.87
C ALA A 333 -13.26 21.96 -6.10
N THR A 334 -12.48 21.67 -7.16
CA THR A 334 -13.03 21.18 -8.42
C THR A 334 -13.72 19.89 -8.26
N ASN A 335 -12.99 18.93 -7.67
CA ASN A 335 -13.49 17.60 -7.49
C ASN A 335 -14.29 17.43 -6.19
N LYS A 336 -14.54 18.55 -5.45
CA LYS A 336 -15.24 18.54 -4.11
C LYS A 336 -14.71 17.39 -3.28
N LEU A 337 -13.41 17.39 -3.08
CA LEU A 337 -12.73 16.25 -2.46
C LEU A 337 -12.74 16.26 -0.94
N CYS A 338 -13.48 17.19 -0.37
CA CYS A 338 -13.11 17.75 0.90
C CYS A 338 -14.13 18.80 1.31
N GLN A 339 -14.40 18.89 2.59
CA GLN A 339 -15.16 20.02 3.12
C GLN A 339 -14.23 21.13 3.66
N SER A 340 -13.01 20.74 4.04
CA SER A 340 -12.04 21.64 4.62
C SER A 340 -10.71 20.94 4.88
N PHE A 341 -9.63 21.65 4.62
CA PHE A 341 -8.29 21.23 5.01
C PHE A 341 -7.47 22.46 5.47
N GLN A 342 -6.47 22.20 6.32
CA GLN A 342 -5.59 23.22 6.85
C GLN A 342 -4.23 22.60 7.15
N THR A 343 -3.15 23.31 6.81
CA THR A 343 -1.80 22.88 7.21
C THR A 343 -1.49 23.47 8.59
N PHE A 344 -0.54 22.85 9.29
CA PHE A 344 -0.10 23.32 10.61
C PHE A 344 1.35 23.00 10.84
N ASN A 345 1.99 23.83 11.65
CA ASN A 345 3.32 23.59 12.17
C ASN A 345 3.25 23.84 13.70
N ILE A 346 2.73 22.86 14.43
CA ILE A 346 2.62 22.96 15.88
C ILE A 346 4.01 22.75 16.50
N CYS A 347 4.45 23.75 17.29
CA CYS A 347 5.76 23.77 17.96
C CYS A 347 5.72 23.57 19.47
N TYR A 348 6.57 22.66 19.94
CA TYR A 348 6.88 22.49 21.36
C TYR A 348 8.41 22.59 21.53
N ALA A 349 8.89 22.76 22.74
CA ALA A 349 10.35 22.87 22.96
C ALA A 349 11.07 21.61 22.45
N ASP A 350 11.91 21.82 21.42
CA ASP A 350 12.73 20.77 20.72
C ASP A 350 11.99 19.72 19.88
N THR A 351 10.66 19.89 19.74
CA THR A 351 9.84 18.97 18.94
C THR A 351 8.57 19.66 18.39
N GLY A 352 7.88 18.99 17.47
CA GLY A 352 6.63 19.50 16.97
C GLY A 352 5.84 18.55 16.11
N LEU A 353 4.73 19.05 15.58
CA LEU A 353 3.92 18.33 14.61
C LEU A 353 3.77 19.17 13.35
N LEU A 354 4.24 18.61 12.24
CA LEU A 354 4.19 19.27 10.95
C LEU A 354 3.35 18.44 10.02
N GLY A 355 2.31 19.06 9.47
CA GLY A 355 1.44 18.39 8.53
C GLY A 355 0.09 19.04 8.36
N ALA A 356 -0.85 18.25 7.85
CA ALA A 356 -2.19 18.77 7.55
C ALA A 356 -3.30 17.95 8.22
N HIS A 357 -4.47 18.60 8.38
CA HIS A 357 -5.69 17.95 8.88
C HIS A 357 -6.78 18.30 7.92
N PHE A 358 -7.64 17.33 7.62
CA PHE A 358 -8.80 17.58 6.77
C PHE A 358 -10.07 16.89 7.25
N VAL A 359 -11.19 17.43 6.78
CA VAL A 359 -12.47 16.81 6.95
C VAL A 359 -13.15 16.57 5.62
N CYS A 360 -13.67 15.36 5.42
CA CYS A 360 -14.30 14.97 4.15
C CYS A 360 -15.30 13.79 4.25
N ASP A 361 -16.05 13.58 3.17
CA ASP A 361 -16.99 12.50 2.98
C ASP A 361 -16.20 11.20 3.03
N HIS A 362 -16.87 10.09 3.47
CA HIS A 362 -16.31 8.73 3.46
C HIS A 362 -15.55 8.27 2.21
N MET A 363 -16.06 8.58 1.01
CA MET A 363 -15.45 8.17 -0.24
C MET A 363 -14.28 9.05 -0.75
N SER A 364 -13.86 10.04 0.02
CA SER A 364 -12.84 10.94 -0.49
C SER A 364 -11.54 10.96 0.26
N ILE A 365 -11.37 10.02 1.20
CA ILE A 365 -10.21 10.04 2.10
C ILE A 365 -8.95 9.70 1.36
N ASP A 366 -9.03 8.67 0.53
CA ASP A 366 -7.92 8.20 -0.28
C ASP A 366 -7.34 9.30 -1.18
N ASP A 367 -8.19 9.89 -2.03
CA ASP A 367 -7.82 10.99 -2.91
C ASP A 367 -7.24 12.21 -2.17
N MET A 368 -7.80 12.55 -1.00
CA MET A 368 -7.31 13.66 -0.20
C MET A 368 -5.86 13.43 0.27
N MET A 369 -5.59 12.20 0.75
CA MET A 369 -4.25 11.76 1.13
C MET A 369 -3.25 11.81 -0.05
N PHE A 370 -3.68 11.27 -1.19
CA PHE A 370 -2.85 11.22 -2.38
C PHE A 370 -2.44 12.60 -2.80
N VAL A 371 -3.44 13.48 -2.94
CA VAL A 371 -3.23 14.84 -3.38
C VAL A 371 -2.38 15.64 -2.36
N LEU A 372 -2.55 15.33 -1.07
CA LEU A 372 -1.79 16.02 -0.05
C LEU A 372 -0.30 15.60 -0.08
N GLN A 373 -0.07 14.29 -0.10
CA GLN A 373 1.25 13.72 -0.02
C GLN A 373 2.05 14.02 -1.29
N GLY A 374 1.32 14.11 -2.43
CA GLY A 374 1.87 14.46 -3.72
C GLY A 374 2.40 15.87 -3.75
N GLN A 375 1.71 16.77 -3.03
CA GLN A 375 2.15 18.17 -2.88
C GLN A 375 3.38 18.29 -1.98
N TRP A 376 3.42 17.50 -0.89
CA TRP A 376 4.59 17.46 0.02
C TRP A 376 5.84 17.05 -0.77
N MET A 377 5.66 16.07 -1.67
CA MET A 377 6.72 15.52 -2.49
C MET A 377 7.12 16.43 -3.61
N ARG A 378 6.13 17.08 -4.23
CA ARG A 378 6.37 18.09 -5.24
C ARG A 378 7.25 19.18 -4.64
N LEU A 379 6.92 19.59 -3.41
CA LEU A 379 7.67 20.63 -2.72
C LEU A 379 9.03 20.15 -2.29
N CYS A 380 9.12 18.87 -1.88
CA CYS A 380 10.38 18.23 -1.46
C CYS A 380 11.42 18.16 -2.57
N THR A 381 10.94 17.92 -3.80
CA THR A 381 11.81 17.63 -4.95
C THR A 381 11.88 18.71 -6.03
N SER A 382 10.79 19.46 -6.22
CA SER A 382 10.64 20.36 -7.39
C SER A 382 9.92 21.71 -7.15
N ALA A 383 10.03 22.23 -5.92
CA ALA A 383 9.54 23.56 -5.56
C ALA A 383 10.08 24.62 -6.52
N THR A 384 9.19 25.43 -7.11
CA THR A 384 9.59 26.50 -8.03
C THR A 384 9.56 27.87 -7.39
N GLU A 385 10.34 28.79 -7.96
CA GLU A 385 10.63 30.11 -7.40
C GLU A 385 9.44 31.03 -7.10
N SER A 386 8.47 31.11 -8.01
CA SER A 386 7.32 32.01 -7.84
C SER A 386 6.34 31.58 -6.74
N GLU A 387 5.96 30.30 -6.71
CA GLU A 387 5.11 29.79 -5.61
C GLU A 387 5.75 30.00 -4.22
N VAL A 388 7.09 30.00 -4.16
CA VAL A 388 7.85 30.30 -2.93
C VAL A 388 7.74 31.79 -2.57
N LEU A 389 7.63 32.65 -3.58
CA LEU A 389 7.34 34.06 -3.33
C LEU A 389 5.96 34.22 -2.71
N ARG A 390 4.95 33.53 -3.29
CA ARG A 390 3.59 33.58 -2.78
C ARG A 390 3.51 33.09 -1.33
N GLY A 391 4.21 32.00 -1.04
CA GLY A 391 4.33 31.47 0.30
C GLY A 391 4.91 32.50 1.26
N LYS A 392 6.02 33.15 0.86
CA LYS A 392 6.66 34.20 1.65
C LYS A 392 5.69 35.38 1.84
N ASN A 393 5.04 35.78 0.74
CA ASN A 393 4.04 36.86 0.75
C ASN A 393 2.83 36.61 1.68
N LEU A 394 2.30 35.37 1.65
CA LEU A 394 1.20 34.99 2.52
C LEU A 394 1.64 35.05 3.98
N LEU A 395 2.89 34.69 4.23
CA LEU A 395 3.44 34.68 5.57
C LEU A 395 3.72 36.06 6.14
N ARG A 396 4.26 36.96 5.35
CA ARG A 396 4.43 38.36 5.79
C ARG A 396 3.06 38.97 6.12
N ASN A 397 2.05 38.64 5.30
CA ASN A 397 0.70 39.16 5.47
C ASN A 397 0.01 38.64 6.69
N ALA A 398 0.20 37.32 6.94
CA ALA A 398 -0.29 36.64 8.14
C ALA A 398 0.32 37.20 9.41
N LEU A 399 1.64 37.36 9.41
CA LEU A 399 2.39 37.86 10.56
C LEU A 399 2.00 39.30 10.91
N VAL A 400 1.77 40.13 9.90
CA VAL A 400 1.43 41.52 10.12
C VAL A 400 -0.06 41.70 10.48
N SER A 401 -0.92 40.88 9.87
CA SER A 401 -2.37 40.84 10.20
C SER A 401 -2.64 40.34 11.62
N HIS A 402 -1.86 39.35 12.06
CA HIS A 402 -2.02 38.78 13.41
C HIS A 402 -1.67 39.78 14.48
N LEU A 403 -0.60 40.55 14.25
CA LEU A 403 -0.09 41.48 15.25
C LEU A 403 -0.89 42.83 15.27
N ASP A 404 -2.23 42.71 15.30
CA ASP A 404 -3.14 43.83 15.23
C ASP A 404 -3.96 43.97 16.48
N GLY A 405 -3.60 44.95 17.29
CA GLY A 405 -4.27 45.18 18.55
C GLY A 405 -3.50 44.67 19.74
N THR A 406 -3.90 45.17 20.91
CA THR A 406 -3.22 44.91 22.20
C THR A 406 -3.18 43.43 22.61
N THR A 407 -4.29 42.71 22.40
CA THR A 407 -4.38 41.29 22.76
C THR A 407 -3.39 40.38 22.00
N PRO A 408 -3.40 40.35 20.64
CA PRO A 408 -2.44 39.52 19.91
C PRO A 408 -0.96 39.87 20.18
N VAL A 409 -0.63 41.15 20.32
CA VAL A 409 0.76 41.59 20.57
C VAL A 409 1.21 41.22 21.99
N CYS A 410 0.33 41.40 22.98
CA CYS A 410 0.63 41.06 24.39
C CYS A 410 0.88 39.56 24.51
N GLU A 411 0.10 38.79 23.75
CA GLU A 411 0.25 37.34 23.66
C GLU A 411 1.59 36.98 23.05
N ASP A 412 1.99 37.74 22.02
CA ASP A 412 3.25 37.53 21.33
C ASP A 412 4.46 37.84 22.17
N ILE A 413 4.36 38.87 23.02
CA ILE A 413 5.45 39.20 23.95
C ILE A 413 5.62 38.07 24.99
N GLY A 414 4.50 37.64 25.58
CA GLY A 414 4.51 36.62 26.61
C GLY A 414 5.06 35.29 26.14
N ARG A 415 4.57 34.84 24.98
CA ARG A 415 4.95 33.56 24.41
C ARG A 415 6.39 33.56 23.95
N SER A 416 6.77 34.64 23.25
CA SER A 416 8.12 34.78 22.66
C SER A 416 9.20 34.70 23.68
N LEU A 417 9.02 35.43 24.79
CA LEU A 417 9.95 35.44 25.91
C LEU A 417 10.06 34.05 26.55
N LEU A 418 8.95 33.31 26.57
CA LEU A 418 8.95 31.96 27.13
C LEU A 418 9.57 30.89 26.23
N THR A 419 9.55 31.14 24.91
CA THR A 419 10.10 30.19 23.93
C THR A 419 11.47 30.61 23.37
N TYR A 420 11.55 31.84 22.81
CA TYR A 420 12.76 32.40 22.16
C TYR A 420 13.68 33.18 23.12
N GLY A 421 13.19 33.44 24.34
CA GLY A 421 13.93 34.18 25.36
C GLY A 421 14.02 35.68 25.14
N ARG A 422 13.41 36.15 24.05
CA ARG A 422 13.39 37.55 23.63
C ARG A 422 12.22 37.76 22.69
N ARG A 423 11.91 39.04 22.42
CA ARG A 423 10.99 39.39 21.33
C ARG A 423 11.80 39.51 20.04
N ILE A 424 11.45 38.67 19.07
CA ILE A 424 12.07 38.76 17.75
C ILE A 424 11.32 39.85 17.00
N PRO A 425 12.01 40.96 16.70
CA PRO A 425 11.36 42.10 16.05
C PRO A 425 10.92 41.73 14.65
N LEU A 426 9.92 42.46 14.14
CA LEU A 426 9.35 42.24 12.82
C LEU A 426 10.33 42.30 11.65
N ALA A 427 11.30 43.21 11.71
CA ALA A 427 12.32 43.35 10.65
C ALA A 427 13.18 42.09 10.51
N GLU A 428 13.48 41.44 11.67
CA GLU A 428 14.17 40.13 11.73
C GLU A 428 13.35 39.00 11.10
N TRP A 429 12.03 38.98 11.37
CA TRP A 429 11.13 38.05 10.69
C TRP A 429 11.20 38.26 9.17
N GLU A 430 11.08 39.54 8.73
CA GLU A 430 11.19 39.88 7.31
C GLU A 430 12.52 39.43 6.71
N SER A 431 13.61 39.69 7.46
CA SER A 431 14.95 39.27 7.09
C SER A 431 14.99 37.77 6.85
N ARG A 432 14.55 37.00 7.87
CA ARG A 432 14.49 35.52 7.82
C ARG A 432 13.48 34.95 6.77
N ILE A 433 12.44 35.73 6.43
CA ILE A 433 11.50 35.31 5.41
C ILE A 433 12.12 35.49 4.02
N ALA A 434 12.67 36.69 3.76
CA ALA A 434 13.29 37.06 2.48
C ALA A 434 14.41 36.12 2.04
N GLU A 435 15.09 35.51 3.02
CA GLU A 435 16.19 34.53 2.82
C GLU A 435 15.74 33.21 2.18
N VAL A 436 14.48 32.83 2.39
CA VAL A 436 13.93 31.59 1.83
C VAL A 436 13.74 31.74 0.32
N ASP A 437 14.37 30.84 -0.44
CA ASP A 437 14.11 30.70 -1.86
C ASP A 437 13.66 29.25 -2.14
N ALA A 438 13.43 28.92 -3.42
CA ALA A 438 13.02 27.58 -3.85
C ALA A 438 13.91 26.46 -3.31
N ARG A 439 15.23 26.68 -3.37
CA ARG A 439 16.22 25.71 -2.87
C ARG A 439 16.06 25.46 -1.39
N VAL A 440 15.81 26.53 -0.63
CA VAL A 440 15.62 26.46 0.83
C VAL A 440 14.40 25.58 1.14
N VAL A 441 13.28 25.88 0.47
CA VAL A 441 12.04 25.12 0.64
C VAL A 441 12.28 23.61 0.41
N ARG A 442 12.84 23.26 -0.76
CA ARG A 442 13.05 21.84 -1.10
C ARG A 442 14.08 21.10 -0.26
N GLU A 443 15.10 21.83 0.21
CA GLU A 443 16.11 21.29 1.17
C GLU A 443 15.43 21.01 2.53
N VAL A 444 14.67 22.01 3.02
CA VAL A 444 14.02 21.99 4.33
C VAL A 444 12.82 21.03 4.35
N CYS A 445 12.03 21.02 3.26
CA CYS A 445 10.89 20.10 3.17
C CYS A 445 11.33 18.65 3.13
N SER A 446 12.42 18.39 2.41
CA SER A 446 13.05 17.06 2.35
C SER A 446 13.60 16.60 3.69
N LYS A 447 14.30 17.50 4.39
CA LYS A 447 14.79 17.27 5.76
C LYS A 447 13.68 16.68 6.68
N TYR A 448 12.46 17.25 6.61
CA TYR A 448 11.35 16.89 7.51
C TYR A 448 10.32 15.94 6.97
N PHE A 449 10.06 15.99 5.67
CA PHE A 449 9.00 15.19 5.04
C PHE A 449 9.55 13.97 4.34
N TYR A 450 10.60 14.15 3.52
CA TYR A 450 11.13 13.03 2.71
C TYR A 450 11.56 11.80 3.46
N ASP A 451 10.80 10.71 3.20
CA ASP A 451 11.07 9.35 3.70
C ASP A 451 11.11 9.33 5.21
N GLN A 452 10.08 9.97 5.77
CA GLN A 452 9.89 10.08 7.21
C GLN A 452 8.58 9.43 7.61
N CYS A 453 8.52 8.94 8.84
CA CYS A 453 7.35 8.23 9.29
C CYS A 453 6.31 9.20 9.85
N PRO A 454 5.11 9.27 9.24
CA PRO A 454 4.02 10.11 9.76
C PRO A 454 3.39 9.57 11.03
N ALA A 455 2.88 10.47 11.86
CA ALA A 455 1.91 10.15 12.88
C ALA A 455 0.58 10.43 12.23
N VAL A 456 -0.35 9.47 12.32
CA VAL A 456 -1.64 9.52 11.60
C VAL A 456 -2.77 9.30 12.59
N ALA A 457 -3.75 10.20 12.61
CA ALA A 457 -4.92 10.04 13.47
C ALA A 457 -6.16 10.22 12.65
N GLY A 458 -7.05 9.24 12.73
CA GLY A 458 -8.29 9.22 11.97
C GLY A 458 -9.49 9.00 12.87
N PHE A 459 -10.64 9.53 12.45
CA PHE A 459 -11.88 9.49 13.25
C PHE A 459 -13.12 9.62 12.35
N GLY A 460 -14.12 8.80 12.63
CA GLY A 460 -15.39 8.84 11.92
C GLY A 460 -15.45 7.74 10.87
N PRO A 461 -15.98 8.06 9.68
CA PRO A 461 -16.19 7.05 8.63
C PRO A 461 -14.92 6.80 7.87
N ILE A 462 -14.05 5.98 8.46
CA ILE A 462 -12.66 5.86 7.98
C ILE A 462 -12.23 4.55 7.30
N GLU A 463 -13.21 3.73 6.89
CA GLU A 463 -12.94 2.49 6.12
C GLU A 463 -11.97 2.74 4.93
N GLN A 464 -12.10 3.90 4.31
CA GLN A 464 -11.30 4.20 3.14
C GLN A 464 -9.97 4.90 3.48
N LEU A 465 -9.71 5.10 4.78
CA LEU A 465 -8.46 5.71 5.20
C LEU A 465 -7.35 4.72 4.89
N PRO A 466 -6.35 5.16 4.10
CA PRO A 466 -5.25 4.29 3.66
C PRO A 466 -4.52 3.60 4.82
N ASP A 467 -4.05 2.39 4.54
CA ASP A 467 -3.29 1.58 5.47
C ASP A 467 -1.95 2.32 5.76
N TYR A 468 -1.36 2.11 6.95
CA TYR A 468 -0.16 2.88 7.30
C TYR A 468 0.96 2.72 6.29
N ASN A 469 1.21 1.48 5.85
CA ASN A 469 2.21 1.19 4.83
C ASN A 469 2.05 2.07 3.60
N ARG A 470 0.78 2.24 3.20
CA ARG A 470 0.45 3.00 2.01
C ARG A 470 0.67 4.47 2.21
N ILE A 471 0.25 4.97 3.37
CA ILE A 471 0.53 6.34 3.81
C ILE A 471 2.06 6.60 3.83
N ARG A 472 2.80 5.65 4.41
CA ARG A 472 4.26 5.71 4.54
C ARG A 472 4.96 5.65 3.18
N SER A 473 4.33 4.95 2.22
CA SER A 473 4.83 4.89 0.84
C SER A 473 4.65 6.21 0.09
N GLY A 474 3.60 6.97 0.43
CA GLY A 474 3.40 8.31 -0.07
C GLY A 474 4.41 9.35 0.46
N MET A 475 5.30 8.92 1.37
CA MET A 475 6.35 9.79 1.94
C MET A 475 7.65 9.80 1.11
N PHE A 476 7.61 9.09 -0.03
CA PHE A 476 8.68 9.12 -1.03
C PHE A 476 8.09 8.84 -2.41
N TRP A 477 8.92 9.10 -3.41
CA TRP A 477 8.58 8.87 -4.81
C TRP A 477 9.63 7.97 -5.46
N LEU A 478 9.19 6.93 -6.16
CA LEU A 478 10.09 6.05 -6.93
C LEU A 478 10.79 6.80 -8.10
N ARG A 479 10.15 7.82 -8.67
CA ARG A 479 10.77 8.65 -9.73
C ARG A 479 11.95 9.52 -9.23
N PHE A 480 11.93 9.87 -7.93
CA PHE A 480 13.02 10.63 -7.31
C PHE A 480 13.90 9.75 -6.41
N VAL B 31 8.78 56.92 23.89
CA VAL B 31 8.63 57.49 22.52
C VAL B 31 8.11 56.40 21.53
N PRO B 32 6.82 56.49 21.13
CA PRO B 32 6.35 55.87 19.86
C PRO B 32 6.29 57.00 18.76
N PRO B 33 5.79 56.77 17.52
CA PRO B 33 5.52 57.91 16.62
C PRO B 33 4.31 58.71 17.13
N HIS B 34 4.36 60.04 17.02
CA HIS B 34 3.19 60.89 17.29
C HIS B 34 2.11 60.51 16.24
N PRO B 35 0.93 60.05 16.71
CA PRO B 35 -0.09 59.51 15.78
C PRO B 35 -0.67 60.57 14.84
N GLN B 36 -0.84 60.20 13.56
CA GLN B 36 -1.45 61.11 12.57
C GLN B 36 -2.96 61.30 12.85
N ASP B 37 -3.57 62.23 12.12
CA ASP B 37 -5.01 62.45 12.20
C ASP B 37 -5.68 61.97 10.97
N LEU B 38 -6.93 61.49 11.16
CA LEU B 38 -7.79 61.06 10.08
C LEU B 38 -8.16 62.24 9.18
N GLU B 39 -7.99 62.03 7.87
CA GLU B 39 -8.46 62.98 6.85
C GLU B 39 -9.87 62.58 6.43
N PHE B 40 -10.76 63.58 6.31
CA PHE B 40 -12.15 63.38 5.87
C PHE B 40 -12.54 64.39 4.78
N THR B 41 -13.34 63.91 3.81
CA THR B 41 -13.82 64.72 2.69
C THR B 41 -15.14 64.17 2.17
N ARG B 42 -16.17 65.02 2.12
CA ARG B 42 -17.37 64.76 1.32
C ARG B 42 -17.10 65.44 -0.02
N LEU B 43 -17.16 64.67 -1.11
CA LEU B 43 -17.11 65.28 -2.45
C LEU B 43 -18.50 65.87 -2.78
N PRO B 44 -18.55 66.89 -3.68
CA PRO B 44 -19.85 67.44 -4.11
C PRO B 44 -20.89 66.35 -4.50
N ASN B 45 -20.44 65.28 -5.19
CA ASN B 45 -21.33 64.20 -5.67
C ASN B 45 -21.96 63.28 -4.58
N GLY B 46 -21.53 63.48 -3.33
CA GLY B 46 -22.07 62.80 -2.17
C GLY B 46 -21.16 61.73 -1.60
N LEU B 47 -20.16 61.30 -2.39
CA LEU B 47 -19.18 60.29 -1.97
C LEU B 47 -18.34 60.81 -0.81
N VAL B 48 -17.86 59.90 0.01
CA VAL B 48 -17.08 60.24 1.18
C VAL B 48 -15.77 59.50 1.14
N ILE B 49 -14.71 60.23 1.43
CA ILE B 49 -13.38 59.65 1.55
C ILE B 49 -12.81 59.89 2.97
N ALA B 50 -12.34 58.81 3.60
CA ALA B 50 -11.63 58.94 4.88
C ALA B 50 -10.38 58.07 4.89
N SER B 51 -9.28 58.66 5.30
CA SER B 51 -7.97 57.97 5.35
C SER B 51 -7.25 58.22 6.69
N LEU B 52 -6.35 57.31 7.05
CA LEU B 52 -5.44 57.47 8.19
C LEU B 52 -4.13 56.76 7.89
N GLU B 53 -3.05 57.54 7.81
CA GLU B 53 -1.70 57.02 7.68
C GLU B 53 -1.19 56.63 9.07
N ASN B 54 -1.36 55.33 9.39
CA ASN B 54 -1.05 54.77 10.70
C ASN B 54 0.34 54.14 10.75
N TYR B 55 1.08 54.29 9.63
CA TYR B 55 2.45 53.78 9.45
C TYR B 55 2.61 52.25 9.69
N ALA B 56 1.47 51.55 9.57
CA ALA B 56 1.36 50.10 9.71
C ALA B 56 2.10 49.40 8.57
N PRO B 57 2.65 48.20 8.82
CA PRO B 57 3.31 47.43 7.76
C PRO B 57 2.34 46.94 6.71
N ALA B 58 1.06 46.82 7.06
CA ALA B 58 0.01 46.45 6.11
C ALA B 58 -0.90 47.63 5.79
N SER B 59 -1.85 47.38 4.89
CA SER B 59 -2.78 48.37 4.41
C SER B 59 -4.18 47.76 4.26
N ARG B 60 -5.20 48.58 4.51
CA ARG B 60 -6.58 48.15 4.41
C ARG B 60 -7.41 49.21 3.73
N ILE B 61 -8.13 48.80 2.69
CA ILE B 61 -9.06 49.68 1.99
C ILE B 61 -10.44 49.06 1.99
N GLY B 62 -11.43 49.83 2.41
CA GLY B 62 -12.81 49.43 2.35
C GLY B 62 -13.73 50.38 1.60
N LEU B 63 -14.38 49.87 0.57
CA LEU B 63 -15.49 50.57 -0.06
C LEU B 63 -16.79 50.13 0.59
N PHE B 64 -17.44 51.03 1.30
CA PHE B 64 -18.67 50.76 1.98
C PHE B 64 -19.81 51.29 1.16
N ILE B 65 -20.85 50.47 1.00
CA ILE B 65 -22.01 50.85 0.17
C ILE B 65 -23.30 50.63 0.91
N LYS B 66 -24.18 51.62 0.84
CA LYS B 66 -25.58 51.49 1.26
C LYS B 66 -26.26 50.59 0.23
N ALA B 67 -26.11 49.27 0.42
CA ALA B 67 -26.62 48.28 -0.50
C ALA B 67 -27.01 46.97 0.16
N GLY B 68 -27.08 46.97 1.48
CA GLY B 68 -27.47 45.79 2.24
C GLY B 68 -28.82 45.24 1.86
N SER B 69 -29.21 44.17 2.58
CA SER B 69 -30.40 43.36 2.31
C SER B 69 -31.68 44.15 2.23
N ARG B 70 -31.75 45.25 2.97
CA ARG B 70 -32.95 46.09 3.04
C ARG B 70 -33.43 46.69 1.70
N TYR B 71 -32.50 46.88 0.75
CA TYR B 71 -32.84 47.44 -0.56
C TYR B 71 -33.35 46.39 -1.57
N GLU B 72 -33.45 45.15 -1.12
CA GLU B 72 -34.10 44.11 -1.91
C GLU B 72 -35.59 44.28 -1.82
N ASN B 73 -36.27 43.83 -2.83
CA ASN B 73 -37.70 43.87 -2.82
C ASN B 73 -38.28 42.45 -2.94
N SER B 74 -39.61 42.35 -2.84
CA SER B 74 -40.31 41.06 -2.90
C SER B 74 -40.16 40.30 -4.24
N ASN B 75 -39.55 40.94 -5.25
CA ASN B 75 -39.33 40.35 -6.57
C ASN B 75 -37.90 39.89 -6.81
N ASN B 76 -36.96 40.36 -5.99
CA ASN B 76 -35.54 40.02 -6.16
C ASN B 76 -34.82 39.60 -4.86
N LEU B 77 -35.50 38.89 -3.97
CA LEU B 77 -34.88 38.50 -2.69
C LEU B 77 -33.65 37.64 -2.86
N GLY B 78 -32.65 37.89 -2.04
CA GLY B 78 -31.40 37.15 -2.10
C GLY B 78 -30.40 37.65 -3.14
N THR B 79 -30.75 38.71 -3.87
CA THR B 79 -29.87 39.23 -4.89
C THR B 79 -28.56 39.75 -4.28
N SER B 80 -28.65 40.39 -3.13
CA SER B 80 -27.49 40.93 -2.45
C SER B 80 -26.68 39.85 -1.71
N HIS B 81 -27.26 38.63 -1.61
CA HIS B 81 -26.51 37.50 -1.08
C HIS B 81 -25.62 36.98 -2.19
N LEU B 82 -26.20 36.55 -3.30
CA LEU B 82 -25.39 36.08 -4.45
C LEU B 82 -24.31 37.12 -4.88
N LEU B 83 -24.67 38.40 -4.80
CA LEU B 83 -23.78 39.49 -5.05
C LEU B 83 -22.59 39.46 -4.09
N ARG B 84 -22.86 39.18 -2.83
CA ARG B 84 -21.84 39.12 -1.83
C ARG B 84 -20.93 37.94 -2.16
N LEU B 85 -21.52 36.89 -2.72
CA LEU B 85 -20.83 35.68 -3.09
C LEU B 85 -20.08 35.81 -4.40
N ALA B 86 -20.35 36.89 -5.17
CA ALA B 86 -19.85 37.04 -6.54
C ALA B 86 -18.54 37.82 -6.68
N SER B 87 -17.93 38.19 -5.55
CA SER B 87 -16.81 39.13 -5.56
C SER B 87 -15.56 38.82 -6.39
N SER B 88 -15.36 37.56 -6.75
CA SER B 88 -14.25 37.22 -7.66
C SER B 88 -14.65 36.64 -9.06
N LEU B 89 -15.89 36.88 -9.48
CA LEU B 89 -16.28 36.61 -10.86
C LEU B 89 -15.65 37.66 -11.79
N THR B 90 -15.79 37.45 -13.09
CA THR B 90 -15.03 38.15 -14.08
C THR B 90 -15.42 39.63 -14.23
N THR B 91 -14.40 40.48 -14.27
CA THR B 91 -14.59 41.91 -14.55
C THR B 91 -13.97 42.32 -15.87
N LYS B 92 -14.39 43.48 -16.33
CA LYS B 92 -13.73 44.17 -17.45
C LYS B 92 -12.41 44.66 -16.87
N GLY B 93 -11.33 44.18 -17.39
CA GLY B 93 -10.07 44.61 -16.83
C GLY B 93 -9.39 43.67 -15.90
N ALA B 94 -10.13 42.66 -15.41
CA ALA B 94 -9.55 41.58 -14.63
C ALA B 94 -10.45 40.32 -14.61
N SER B 95 -9.91 39.22 -15.14
CA SER B 95 -10.63 37.93 -15.18
C SER B 95 -10.72 37.34 -13.79
N SER B 96 -11.66 36.41 -13.63
CA SER B 96 -11.84 35.64 -12.43
C SER B 96 -10.52 35.09 -11.91
N PHE B 97 -9.84 34.34 -12.78
CA PHE B 97 -8.55 33.75 -12.50
C PHE B 97 -7.47 34.78 -12.05
N LYS B 98 -7.46 35.97 -12.67
CA LYS B 98 -6.56 37.06 -12.26
C LYS B 98 -6.86 37.59 -10.87
N ILE B 99 -8.13 37.82 -10.56
CA ILE B 99 -8.51 38.35 -9.25
C ILE B 99 -7.97 37.42 -8.15
N THR B 100 -8.20 36.11 -8.35
CA THR B 100 -7.74 35.10 -7.41
C THR B 100 -6.19 35.03 -7.33
N ARG B 101 -5.56 34.65 -8.45
CA ARG B 101 -4.11 34.50 -8.52
C ARG B 101 -3.34 35.80 -8.26
N GLY B 102 -3.93 36.93 -8.66
CA GLY B 102 -3.32 38.22 -8.45
C GLY B 102 -3.24 38.59 -7.01
N ILE B 103 -4.38 38.51 -6.32
CA ILE B 103 -4.45 38.77 -4.87
C ILE B 103 -3.62 37.71 -4.06
N GLU B 104 -3.74 36.44 -4.44
CA GLU B 104 -2.99 35.35 -3.77
C GLU B 104 -1.48 35.48 -3.95
N ALA B 105 -1.04 35.95 -5.13
CA ALA B 105 0.40 36.18 -5.41
C ALA B 105 1.09 37.13 -4.44
N VAL B 106 0.35 38.15 -4.00
CA VAL B 106 0.84 39.15 -3.04
C VAL B 106 0.39 38.87 -1.60
N GLY B 107 -0.45 37.84 -1.44
CA GLY B 107 -0.85 37.34 -0.15
C GLY B 107 -1.86 38.20 0.57
N GLY B 108 -2.60 39.00 -0.20
CA GLY B 108 -3.68 39.81 0.34
C GLY B 108 -5.01 39.11 0.35
N LYS B 109 -6.04 39.83 0.79
CA LYS B 109 -7.41 39.31 0.85
C LYS B 109 -8.39 40.24 0.14
N LEU B 110 -9.53 39.68 -0.27
CA LEU B 110 -10.68 40.42 -0.71
C LEU B 110 -11.85 39.84 0.05
N SER B 111 -12.43 40.65 0.93
CA SER B 111 -13.55 40.24 1.74
C SER B 111 -14.76 41.08 1.45
N VAL B 112 -15.96 40.49 1.60
CA VAL B 112 -17.20 41.23 1.53
C VAL B 112 -18.19 40.98 2.68
N THR B 113 -18.43 42.04 3.46
CA THR B 113 -19.36 41.97 4.54
C THR B 113 -20.64 42.77 4.42
N SER B 114 -21.74 42.02 4.22
CA SER B 114 -23.09 42.57 4.22
C SER B 114 -23.69 42.64 5.63
N THR B 115 -24.52 43.67 5.83
CA THR B 115 -25.42 43.81 6.97
C THR B 115 -26.74 44.23 6.35
N ARG B 116 -27.78 44.41 7.15
CA ARG B 116 -29.09 44.77 6.61
C ARG B 116 -29.09 46.14 5.88
N GLU B 117 -28.07 46.97 6.19
CA GLU B 117 -27.97 48.30 5.61
C GLU B 117 -26.83 48.44 4.63
N ASN B 118 -25.67 47.86 4.94
CA ASN B 118 -24.49 48.03 4.09
C ASN B 118 -23.93 46.77 3.51
N MET B 119 -23.26 46.92 2.36
CA MET B 119 -22.24 45.96 1.86
C MET B 119 -20.93 46.72 1.98
N ALA B 120 -19.86 45.97 2.27
CA ALA B 120 -18.55 46.50 2.53
C ALA B 120 -17.52 45.62 1.87
N TYR B 121 -16.89 46.16 0.85
CA TYR B 121 -15.86 45.44 0.14
C TYR B 121 -14.56 45.86 0.72
N THR B 122 -13.87 44.89 1.35
CA THR B 122 -12.58 45.13 2.00
C THR B 122 -11.42 44.38 1.34
N VAL B 123 -10.27 45.03 1.37
CA VAL B 123 -9.11 44.57 0.65
C VAL B 123 -7.85 44.81 1.54
N GLU B 124 -7.09 43.74 1.75
CA GLU B 124 -5.89 43.81 2.62
C GLU B 124 -4.63 43.40 1.86
N CYS B 125 -3.50 44.00 2.24
CA CYS B 125 -2.19 43.66 1.68
C CYS B 125 -1.09 44.41 2.38
N LEU B 126 0.14 44.06 2.04
CA LEU B 126 1.29 44.83 2.45
C LEU B 126 1.32 46.18 1.73
N ARG B 127 1.83 47.18 2.43
CA ARG B 127 1.95 48.60 1.96
C ARG B 127 2.29 48.77 0.46
N ASP B 128 3.37 48.09 0.02
CA ASP B 128 3.91 48.15 -1.34
C ASP B 128 2.96 47.65 -2.43
N ASP B 129 1.85 47.03 -2.02
CA ASP B 129 0.94 46.34 -2.94
C ASP B 129 -0.48 46.93 -3.03
N VAL B 130 -0.71 48.07 -2.35
CA VAL B 130 -2.00 48.80 -2.39
C VAL B 130 -2.56 49.00 -3.81
N ASP B 131 -1.68 49.27 -4.78
CA ASP B 131 -2.08 49.57 -6.12
C ASP B 131 -2.83 48.43 -6.82
N ILE B 132 -2.25 47.24 -6.85
CA ILE B 132 -2.91 46.12 -7.56
C ILE B 132 -4.28 45.74 -6.94
N LEU B 133 -4.34 45.76 -5.60
CA LEU B 133 -5.57 45.44 -4.87
C LEU B 133 -6.66 46.48 -4.99
N MET B 134 -6.26 47.75 -5.06
CA MET B 134 -7.17 48.85 -5.32
C MET B 134 -7.85 48.65 -6.67
N GLU B 135 -7.04 48.36 -7.69
CA GLU B 135 -7.49 48.15 -9.05
C GLU B 135 -8.49 47.01 -9.08
N PHE B 136 -8.18 45.92 -8.37
CA PHE B 136 -9.06 44.77 -8.29
C PHE B 136 -10.34 45.19 -7.63
N LEU B 137 -10.23 45.95 -6.53
CA LEU B 137 -11.37 46.47 -5.79
C LEU B 137 -12.33 47.19 -6.71
N LEU B 138 -11.76 48.11 -7.51
CA LEU B 138 -12.54 48.96 -8.38
C LEU B 138 -13.27 48.19 -9.46
N ASN B 139 -12.62 47.16 -10.00
CA ASN B 139 -13.19 46.29 -11.00
C ASN B 139 -14.41 45.47 -10.42
N VAL B 140 -14.22 44.82 -9.26
CA VAL B 140 -15.25 44.03 -8.58
C VAL B 140 -16.53 44.83 -8.32
N THR B 141 -16.34 46.10 -7.95
CA THR B 141 -17.39 46.99 -7.47
C THR B 141 -18.00 47.85 -8.56
N THR B 142 -17.21 48.16 -9.59
CA THR B 142 -17.65 49.11 -10.66
C THR B 142 -17.71 48.53 -12.05
N ALA B 143 -16.89 47.52 -12.32
CA ALA B 143 -16.95 46.82 -13.61
C ALA B 143 -17.30 45.30 -13.56
N PRO B 144 -18.22 44.82 -12.68
CA PRO B 144 -18.54 43.39 -12.69
C PRO B 144 -19.36 43.03 -13.93
N GLU B 145 -18.95 41.97 -14.59
CA GLU B 145 -19.58 41.52 -15.80
C GLU B 145 -20.77 40.56 -15.64
N PHE B 146 -20.86 39.91 -14.46
CA PHE B 146 -21.88 38.83 -14.16
C PHE B 146 -22.20 37.93 -15.34
N ARG B 147 -21.24 37.09 -15.74
CA ARG B 147 -21.45 36.20 -16.87
C ARG B 147 -22.45 35.05 -16.57
N ARG B 148 -23.37 34.85 -17.52
CA ARG B 148 -24.42 33.84 -17.47
C ARG B 148 -23.98 32.53 -16.82
N TRP B 149 -22.92 31.93 -17.35
CA TRP B 149 -22.43 30.61 -16.91
C TRP B 149 -21.68 30.64 -15.57
N GLU B 150 -21.00 31.77 -15.30
CA GLU B 150 -20.31 31.99 -14.03
C GLU B 150 -21.32 32.15 -12.88
N VAL B 151 -22.42 32.87 -13.15
CA VAL B 151 -23.51 33.04 -12.19
C VAL B 151 -24.20 31.69 -11.96
N ALA B 152 -24.53 31.01 -13.07
CA ALA B 152 -25.05 29.65 -13.03
C ALA B 152 -24.22 28.73 -12.10
N ALA B 153 -22.89 28.73 -12.29
CA ALA B 153 -21.96 27.88 -11.48
C ALA B 153 -21.87 28.25 -10.02
N LEU B 154 -22.20 29.50 -9.69
CA LEU B 154 -22.09 30.04 -8.32
C LEU B 154 -23.37 29.91 -7.49
N GLN B 155 -24.52 29.78 -8.16
CA GLN B 155 -25.83 29.55 -7.48
C GLN B 155 -25.82 28.54 -6.34
N PRO B 156 -25.20 27.33 -6.51
CA PRO B 156 -25.14 26.37 -5.40
C PRO B 156 -24.40 26.82 -4.17
N GLN B 157 -23.55 27.85 -4.27
CA GLN B 157 -22.85 28.37 -3.10
C GLN B 157 -23.80 29.04 -2.14
N LEU B 158 -24.97 29.43 -2.63
CA LEU B 158 -25.99 30.03 -1.79
C LEU B 158 -26.51 29.03 -0.76
N ARG B 159 -26.71 27.78 -1.19
CA ARG B 159 -27.22 26.70 -0.36
C ARG B 159 -26.17 26.29 0.71
N ILE B 160 -24.89 26.14 0.31
CA ILE B 160 -23.77 25.89 1.27
C ILE B 160 -23.63 27.09 2.27
N ASP B 161 -23.40 28.31 1.72
CA ASP B 161 -23.34 29.57 2.53
C ASP B 161 -24.50 29.70 3.58
N LYS B 162 -25.74 29.53 3.11
CA LYS B 162 -26.88 29.51 4.00
C LYS B 162 -26.78 28.35 5.03
N ALA B 163 -26.47 27.13 4.61
CA ALA B 163 -26.35 25.97 5.53
C ALA B 163 -25.29 26.15 6.62
N VAL B 164 -24.16 26.76 6.27
CA VAL B 164 -23.05 26.99 7.21
C VAL B 164 -23.40 28.07 8.26
N ALA B 165 -24.06 29.15 7.85
CA ALA B 165 -24.58 30.15 8.83
C ALA B 165 -25.70 29.56 9.71
N LEU B 166 -26.74 29.03 9.06
CA LEU B 166 -27.90 28.48 9.77
C LEU B 166 -27.65 27.36 10.78
N GLN B 167 -26.45 26.81 10.82
CA GLN B 167 -26.06 25.94 11.91
C GLN B 167 -25.76 26.63 13.27
N ASN B 168 -25.93 27.93 13.32
CA ASN B 168 -26.04 28.62 14.59
C ASN B 168 -27.52 28.92 14.77
N PRO B 169 -28.14 28.35 15.81
CA PRO B 169 -29.56 28.61 16.07
C PRO B 169 -29.92 30.09 16.10
N GLN B 170 -28.96 30.93 16.48
CA GLN B 170 -29.07 32.38 16.52
C GLN B 170 -29.37 33.04 15.15
N ALA B 171 -28.87 32.46 14.04
CA ALA B 171 -29.08 33.07 12.71
C ALA B 171 -30.51 33.05 12.26
N HIS B 172 -31.18 31.92 12.43
CA HIS B 172 -32.57 31.79 12.05
C HIS B 172 -33.46 32.62 12.97
N VAL B 173 -33.09 32.64 14.28
CA VAL B 173 -33.83 33.44 15.27
C VAL B 173 -33.81 34.92 14.89
N ILE B 174 -32.65 35.43 14.48
CA ILE B 174 -32.54 36.83 14.08
C ILE B 174 -33.11 37.18 12.67
N GLU B 175 -33.03 36.24 11.71
CA GLU B 175 -33.85 36.27 10.47
C GLU B 175 -35.33 36.41 10.83
N ASN B 176 -35.85 35.43 11.57
CA ASN B 176 -37.26 35.40 11.93
C ASN B 176 -37.71 36.62 12.71
N LEU B 177 -36.85 37.05 13.68
CA LEU B 177 -37.10 38.26 14.53
C LEU B 177 -37.34 39.47 13.65
N HIS B 178 -36.56 39.59 12.57
CA HIS B 178 -36.68 40.69 11.67
C HIS B 178 -37.89 40.57 10.76
N ALA B 179 -38.11 39.40 10.16
CA ALA B 179 -39.32 39.12 9.33
C ALA B 179 -40.63 39.44 10.06
N ALA B 180 -40.63 39.25 11.40
CA ALA B 180 -41.80 39.53 12.25
C ALA B 180 -41.89 40.96 12.70
N ALA B 181 -40.73 41.59 13.00
CA ALA B 181 -40.71 42.98 13.44
C ALA B 181 -41.21 43.90 12.37
N TYR B 182 -40.67 43.77 11.18
CA TYR B 182 -40.92 44.72 10.12
C TYR B 182 -41.76 44.16 9.04
N ARG B 183 -42.66 44.96 8.50
CA ARG B 183 -43.44 44.51 7.34
C ARG B 183 -42.75 44.79 6.03
N ASN B 184 -41.49 45.18 6.15
CA ASN B 184 -40.88 45.97 5.18
C ASN B 184 -39.50 45.53 4.69
N ALA B 185 -38.48 46.34 4.97
CA ALA B 185 -37.14 46.31 4.31
C ALA B 185 -36.14 45.60 5.18
N LEU B 186 -36.19 45.90 6.47
CA LEU B 186 -35.39 45.23 7.47
C LEU B 186 -35.96 43.80 7.77
N ALA B 187 -37.15 43.52 7.25
CA ALA B 187 -37.71 42.15 7.29
C ALA B 187 -36.90 41.19 6.45
N ASN B 188 -36.27 41.69 5.39
CA ASN B 188 -35.43 40.88 4.48
C ASN B 188 -34.24 40.29 5.22
N SER B 189 -33.90 39.01 4.93
CA SER B 189 -32.75 38.35 5.57
C SER B 189 -31.50 38.47 4.79
N LEU B 190 -30.35 38.44 5.48
CA LEU B 190 -29.03 38.52 4.80
C LEU B 190 -28.67 37.28 4.03
N TYR B 191 -29.48 36.24 4.21
CA TYR B 191 -29.35 35.04 3.45
C TYR B 191 -30.52 34.92 2.53
N CYS B 192 -30.28 34.27 1.39
CA CYS B 192 -31.22 34.14 0.31
C CYS B 192 -32.30 33.06 0.62
N PRO B 193 -33.61 33.40 0.59
CA PRO B 193 -34.68 32.40 0.70
C PRO B 193 -34.50 31.27 -0.28
N ASP B 194 -34.71 30.02 0.21
CA ASP B 194 -34.57 28.79 -0.57
C ASP B 194 -35.21 28.78 -1.95
N TYR B 195 -36.42 29.31 -2.05
CA TYR B 195 -37.15 29.34 -3.31
C TYR B 195 -36.42 30.17 -4.37
N ARG B 196 -35.49 31.05 -3.93
CA ARG B 196 -34.74 31.90 -4.83
C ARG B 196 -33.43 31.31 -5.35
N ILE B 197 -32.93 30.23 -4.72
CA ILE B 197 -31.64 29.66 -5.08
C ILE B 197 -31.66 29.04 -6.48
N GLY B 198 -30.83 29.62 -7.38
CA GLY B 198 -30.82 29.24 -8.78
C GLY B 198 -31.83 30.03 -9.58
N LYS B 199 -32.50 30.97 -8.91
CA LYS B 199 -33.45 31.86 -9.60
C LYS B 199 -32.99 33.35 -9.77
N VAL B 200 -31.91 33.73 -9.07
CA VAL B 200 -31.34 35.06 -9.20
C VAL B 200 -30.63 35.20 -10.57
N THR B 201 -31.09 36.18 -11.37
CA THR B 201 -30.60 36.31 -12.73
C THR B 201 -29.36 37.22 -12.80
N PRO B 202 -28.46 36.96 -13.77
CA PRO B 202 -27.39 37.91 -14.10
C PRO B 202 -27.90 39.34 -14.23
N VAL B 203 -29.11 39.57 -14.75
CA VAL B 203 -29.67 40.94 -14.89
C VAL B 203 -30.00 41.60 -13.56
N GLU B 204 -30.56 40.81 -12.62
CA GLU B 204 -30.89 41.26 -11.25
C GLU B 204 -29.68 41.89 -10.47
N LEU B 205 -28.48 41.37 -10.75
CA LEU B 205 -27.25 41.81 -10.09
C LEU B 205 -26.69 43.04 -10.74
N HIS B 206 -26.71 43.04 -12.07
CA HIS B 206 -26.42 44.24 -12.85
C HIS B 206 -27.33 45.38 -12.38
N ASP B 207 -28.63 45.05 -12.19
CA ASP B 207 -29.61 46.01 -11.75
C ASP B 207 -29.34 46.52 -10.36
N TYR B 208 -28.92 45.61 -9.47
CA TYR B 208 -28.64 45.91 -8.08
C TYR B 208 -27.45 46.82 -7.95
N VAL B 209 -26.44 46.58 -8.78
CA VAL B 209 -25.22 47.37 -8.76
C VAL B 209 -25.46 48.72 -9.31
N GLN B 210 -26.19 48.81 -10.43
CA GLN B 210 -26.34 50.12 -11.14
C GLN B 210 -27.14 51.09 -10.33
N ASN B 211 -28.08 50.56 -9.54
CA ASN B 211 -28.89 51.41 -8.77
C ASN B 211 -28.61 51.51 -7.27
N HIS B 212 -27.66 50.73 -6.78
CA HIS B 212 -27.16 50.88 -5.40
C HIS B 212 -25.69 51.26 -5.22
N PHE B 213 -24.82 50.85 -6.16
CA PHE B 213 -23.38 51.10 -6.02
C PHE B 213 -23.05 52.45 -6.69
N THR B 214 -23.67 53.52 -6.17
CA THR B 214 -23.54 54.88 -6.70
C THR B 214 -22.89 55.82 -5.72
N SER B 215 -22.28 56.87 -6.24
CA SER B 215 -21.50 57.86 -5.47
C SER B 215 -22.08 58.29 -4.13
N ALA B 216 -23.34 58.73 -4.17
CA ALA B 216 -24.07 59.24 -3.02
C ALA B 216 -24.45 58.17 -1.98
N ARG B 217 -24.29 56.88 -2.35
CA ARG B 217 -24.53 55.73 -1.48
C ARG B 217 -23.22 55.06 -1.09
N MET B 218 -22.10 55.77 -1.20
CA MET B 218 -20.78 55.15 -1.08
C MET B 218 -19.75 55.88 -0.20
N ALA B 219 -18.80 55.10 0.33
CA ALA B 219 -17.69 55.63 1.13
C ALA B 219 -16.44 54.81 0.82
N LEU B 220 -15.31 55.51 0.58
CA LEU B 220 -14.02 54.84 0.27
C LEU B 220 -13.03 55.12 1.41
N ILE B 221 -12.84 54.11 2.25
CA ILE B 221 -12.04 54.27 3.49
C ILE B 221 -10.75 53.57 3.31
N GLY B 222 -9.67 54.25 3.72
CA GLY B 222 -8.31 53.76 3.54
C GLY B 222 -7.43 53.83 4.77
N LEU B 223 -6.83 52.69 5.12
CA LEU B 223 -5.84 52.62 6.18
C LEU B 223 -4.52 52.18 5.64
N GLY B 224 -3.49 52.94 5.97
CA GLY B 224 -2.17 52.73 5.42
C GLY B 224 -2.06 53.22 3.99
N VAL B 225 -2.96 54.15 3.62
CA VAL B 225 -3.00 54.82 2.29
C VAL B 225 -3.00 56.33 2.51
N SER B 226 -2.73 57.11 1.45
CA SER B 226 -2.71 58.59 1.52
C SER B 226 -4.01 59.18 0.99
N HIS B 227 -4.38 60.35 1.53
CA HIS B 227 -5.61 61.03 1.13
C HIS B 227 -5.66 61.44 -0.34
N PRO B 228 -4.57 62.01 -0.90
CA PRO B 228 -4.55 62.33 -2.34
C PRO B 228 -4.85 61.13 -3.23
N VAL B 229 -4.36 59.95 -2.87
CA VAL B 229 -4.50 58.76 -3.69
C VAL B 229 -5.97 58.25 -3.67
N LEU B 230 -6.55 58.19 -2.45
CA LEU B 230 -7.97 57.87 -2.27
C LEU B 230 -8.84 58.88 -3.03
N LYS B 231 -8.59 60.17 -2.80
CA LYS B 231 -9.30 61.27 -3.51
C LYS B 231 -9.17 61.17 -5.03
N GLN B 232 -7.97 60.76 -5.49
CA GLN B 232 -7.70 60.56 -6.91
C GLN B 232 -8.57 59.45 -7.48
N VAL B 233 -8.49 58.23 -6.89
CA VAL B 233 -9.31 57.10 -7.34
C VAL B 233 -10.81 57.33 -7.20
N ALA B 234 -11.19 58.07 -6.16
CA ALA B 234 -12.57 58.50 -5.98
C ALA B 234 -13.04 59.40 -7.15
N GLU B 235 -12.22 60.42 -7.48
CA GLU B 235 -12.46 61.36 -8.58
C GLU B 235 -12.45 60.65 -9.96
N GLN B 236 -11.52 59.70 -10.12
CA GLN B 236 -11.34 58.97 -11.38
C GLN B 236 -12.36 57.82 -11.59
N PHE B 237 -12.51 56.98 -10.59
CA PHE B 237 -13.20 55.71 -10.77
C PHE B 237 -14.56 55.55 -10.11
N LEU B 238 -14.84 56.36 -9.11
CA LEU B 238 -16.07 56.22 -8.33
C LEU B 238 -17.13 57.29 -8.57
N ASN B 239 -16.99 58.07 -9.66
CA ASN B 239 -18.08 58.93 -10.09
C ASN B 239 -19.19 58.26 -10.90
N ILE B 240 -20.01 57.52 -10.16
CA ILE B 240 -21.20 56.81 -10.65
C ILE B 240 -22.40 57.47 -10.00
N ARG B 241 -23.38 57.90 -10.79
CA ARG B 241 -24.70 58.19 -10.25
C ARG B 241 -25.80 58.04 -11.26
N GLY B 242 -26.79 57.17 -10.93
CA GLY B 242 -27.98 56.97 -11.75
C GLY B 242 -28.95 55.92 -11.20
N GLY B 243 -29.10 55.90 -9.85
CA GLY B 243 -29.97 54.93 -9.18
C GLY B 243 -30.94 55.55 -8.17
N LEU B 244 -31.16 54.83 -7.07
CA LEU B 244 -32.05 55.30 -5.99
C LEU B 244 -31.37 56.39 -5.15
N GLY B 245 -32.16 57.12 -4.34
CA GLY B 245 -31.64 58.19 -3.49
C GLY B 245 -31.70 57.92 -2.00
N LEU B 246 -32.92 57.61 -1.52
CA LEU B 246 -33.24 57.41 -0.08
C LEU B 246 -32.49 56.23 0.65
N SER B 247 -31.81 56.61 1.75
CA SER B 247 -31.34 55.68 2.83
C SER B 247 -32.61 55.07 3.57
N GLY B 248 -33.72 55.84 3.49
CA GLY B 248 -35.03 55.43 3.98
C GLY B 248 -36.07 55.21 2.88
N ALA B 249 -35.92 54.12 2.12
CA ALA B 249 -37.07 53.49 1.40
C ALA B 249 -38.16 53.06 2.49
N LYS B 250 -37.71 52.98 3.75
CA LYS B 250 -38.48 53.20 5.02
C LYS B 250 -39.10 52.02 5.74
N ALA B 251 -38.50 51.72 6.89
CA ALA B 251 -38.83 50.59 7.68
C ALA B 251 -40.10 50.82 8.45
N LYS B 252 -41.17 50.19 8.02
CA LYS B 252 -42.43 50.25 8.72
C LYS B 252 -42.47 49.13 9.77
N TYR B 253 -42.17 49.48 11.03
CA TYR B 253 -42.25 48.53 12.16
C TYR B 253 -43.69 48.07 12.43
N HIS B 254 -43.85 46.78 12.62
CA HIS B 254 -45.17 46.19 12.70
C HIS B 254 -45.36 45.29 13.96
N GLY B 255 -44.55 44.25 14.10
CA GLY B 255 -44.63 43.41 15.29
C GLY B 255 -45.29 42.06 15.03
N GLY B 256 -45.32 41.24 16.06
CA GLY B 256 -45.83 39.88 15.93
C GLY B 256 -44.69 38.93 16.17
N GLU B 257 -44.94 37.63 15.98
CA GLU B 257 -43.98 36.62 16.37
C GLU B 257 -43.84 35.49 15.36
N ILE B 258 -42.66 34.83 15.32
CA ILE B 258 -42.50 33.61 14.50
C ILE B 258 -41.95 32.48 15.31
N ARG B 259 -42.56 31.32 15.13
CA ARG B 259 -42.32 30.18 15.97
C ARG B 259 -41.92 29.00 15.13
N GLU B 260 -40.80 28.39 15.49
CA GLU B 260 -40.22 27.32 14.75
C GLU B 260 -39.97 26.10 15.66
N GLN B 261 -40.89 25.12 15.60
CA GLN B 261 -40.72 23.81 16.28
C GLN B 261 -39.52 23.08 15.65
N ASN B 262 -38.66 22.52 16.52
CA ASN B 262 -37.31 22.12 16.15
C ASN B 262 -36.87 20.78 16.65
N GLY B 263 -37.38 20.35 17.80
CA GLY B 263 -36.78 19.23 18.51
C GLY B 263 -35.55 19.75 19.28
N ASP B 264 -34.45 20.09 18.52
CA ASP B 264 -33.24 20.89 18.97
C ASP B 264 -32.97 20.99 20.48
N SER B 265 -31.76 20.57 20.91
CA SER B 265 -31.42 20.38 22.36
C SER B 265 -32.08 21.37 23.39
N LEU B 266 -31.89 22.67 23.15
CA LEU B 266 -32.39 23.72 24.05
C LEU B 266 -33.07 24.83 23.22
N VAL B 267 -33.87 25.69 23.90
CA VAL B 267 -34.72 26.72 23.25
C VAL B 267 -34.07 28.12 23.07
N HIS B 268 -34.18 28.65 21.87
CA HIS B 268 -33.72 30.00 21.59
C HIS B 268 -34.88 30.94 21.44
N ALA B 269 -34.90 32.03 22.21
CA ALA B 269 -35.97 33.03 22.12
C ALA B 269 -35.44 34.47 22.21
N ALA B 270 -35.87 35.32 21.27
CA ALA B 270 -35.58 36.78 21.34
C ALA B 270 -36.87 37.57 21.45
N LEU B 271 -36.91 38.44 22.48
CA LEU B 271 -38.06 39.35 22.73
C LEU B 271 -37.59 40.74 22.54
N VAL B 272 -38.35 41.52 21.79
CA VAL B 272 -37.88 42.81 21.28
C VAL B 272 -39.03 43.84 21.05
N ALA B 273 -38.76 45.11 21.30
CA ALA B 273 -39.67 46.23 20.88
C ALA B 273 -38.86 47.22 20.03
N GLU B 274 -39.56 48.04 19.24
CA GLU B 274 -38.96 49.15 18.53
C GLU B 274 -38.35 50.12 19.52
N SER B 275 -37.13 50.57 19.20
CA SER B 275 -36.36 51.49 20.03
C SER B 275 -36.02 52.79 19.27
N ALA B 276 -34.74 52.93 18.87
CA ALA B 276 -34.20 54.19 18.36
C ALA B 276 -33.21 54.02 17.23
N ALA B 277 -33.35 54.92 16.25
CA ALA B 277 -32.50 54.97 15.07
C ALA B 277 -31.09 55.36 15.47
N ILE B 278 -30.12 54.66 14.91
CA ILE B 278 -28.68 54.91 15.13
C ILE B 278 -28.31 56.44 14.92
N GLY B 279 -27.50 56.99 15.82
CA GLY B 279 -27.12 58.40 15.69
C GLY B 279 -27.87 59.34 16.63
N SER B 280 -29.18 59.13 16.76
CA SER B 280 -30.03 59.87 17.74
C SER B 280 -29.53 59.72 19.20
N ALA B 281 -29.90 60.68 20.06
CA ALA B 281 -29.56 60.63 21.47
C ALA B 281 -30.19 59.38 22.15
N GLU B 282 -31.45 59.08 21.81
CA GLU B 282 -32.18 57.91 22.36
C GLU B 282 -31.41 56.59 22.29
N ALA B 283 -30.77 56.33 21.14
CA ALA B 283 -29.99 55.09 20.91
C ALA B 283 -28.88 54.87 21.94
N ASN B 284 -28.15 55.95 22.25
CA ASN B 284 -27.16 55.92 23.33
C ASN B 284 -27.76 55.49 24.71
N ALA B 285 -29.01 55.89 25.01
CA ALA B 285 -29.70 55.43 26.23
C ALA B 285 -29.94 53.90 26.16
N PHE B 286 -30.36 53.44 24.98
CA PHE B 286 -30.55 52.02 24.73
C PHE B 286 -29.28 51.19 24.85
N SER B 287 -28.16 51.79 24.44
CA SER B 287 -26.88 51.13 24.47
C SER B 287 -26.38 50.99 25.90
N VAL B 288 -26.79 51.94 26.77
CA VAL B 288 -26.44 51.93 28.18
C VAL B 288 -27.35 50.94 28.90
N LEU B 289 -28.64 50.98 28.58
CA LEU B 289 -29.60 49.99 29.07
C LEU B 289 -29.10 48.57 28.86
N GLN B 290 -28.51 48.33 27.68
CA GLN B 290 -27.98 47.03 27.30
C GLN B 290 -26.85 46.57 28.23
N HIS B 291 -26.07 47.51 28.72
CA HIS B 291 -25.02 47.18 29.65
C HIS B 291 -25.43 47.16 31.13
N VAL B 292 -26.57 47.78 31.43
CA VAL B 292 -27.15 47.71 32.76
C VAL B 292 -27.69 46.27 32.96
N LEU B 293 -28.28 45.73 31.90
CA LEU B 293 -28.92 44.45 31.95
C LEU B 293 -27.96 43.33 31.65
N GLY B 294 -27.17 43.46 30.59
CA GLY B 294 -26.12 42.50 30.33
C GLY B 294 -25.98 42.07 28.89
N ALA B 295 -24.81 42.37 28.34
CA ALA B 295 -24.37 41.81 27.08
C ALA B 295 -23.64 40.49 27.39
N GLY B 296 -22.69 40.13 26.52
CA GLY B 296 -21.81 38.99 26.72
C GLY B 296 -21.00 39.06 28.02
N PRO B 297 -20.28 37.96 28.35
CA PRO B 297 -19.54 37.89 29.62
C PRO B 297 -18.25 38.72 29.55
N HIS B 298 -17.58 38.90 30.68
CA HIS B 298 -16.33 39.63 30.70
C HIS B 298 -15.21 38.74 31.20
N VAL B 299 -15.57 37.78 32.07
CA VAL B 299 -14.63 36.87 32.71
C VAL B 299 -14.88 35.45 32.19
N LYS B 300 -13.80 34.74 31.83
CA LYS B 300 -13.92 33.37 31.32
C LYS B 300 -14.47 32.46 32.38
N ARG B 301 -15.72 32.03 32.17
CA ARG B 301 -16.47 31.15 33.10
C ARG B 301 -16.76 31.90 34.40
N GLY B 302 -17.81 32.71 34.37
CA GLY B 302 -18.20 33.49 35.52
C GLY B 302 -19.70 33.59 35.71
N SER B 303 -20.09 33.89 36.95
CA SER B 303 -21.51 34.03 37.31
C SER B 303 -22.13 35.35 36.75
N ASN B 304 -21.29 36.17 36.12
CA ASN B 304 -21.67 37.44 35.48
C ASN B 304 -22.39 38.36 36.49
N ALA B 305 -21.72 38.57 37.63
CA ALA B 305 -22.23 39.29 38.82
C ALA B 305 -22.89 40.64 38.57
N THR B 306 -22.30 41.46 37.69
CA THR B 306 -22.87 42.77 37.36
C THR B 306 -24.04 42.66 36.37
N SER B 307 -24.20 41.50 35.71
CA SER B 307 -25.30 41.32 34.73
C SER B 307 -26.62 41.11 35.41
N SER B 308 -27.41 42.18 35.45
CA SER B 308 -28.68 42.19 36.18
C SER B 308 -29.74 41.25 35.60
N LEU B 309 -29.66 40.96 34.29
CA LEU B 309 -30.56 40.00 33.67
C LEU B 309 -30.22 38.59 34.10
N TYR B 310 -28.91 38.28 34.09
CA TYR B 310 -28.40 36.97 34.45
C TYR B 310 -28.72 36.62 35.90
N GLN B 311 -28.43 37.56 36.81
CA GLN B 311 -28.76 37.40 38.23
C GLN B 311 -30.25 37.19 38.50
N ALA B 312 -31.10 37.83 37.68
CA ALA B 312 -32.55 37.77 37.85
C ALA B 312 -33.18 36.43 37.50
N VAL B 313 -32.71 35.84 36.41
CA VAL B 313 -33.15 34.52 35.96
C VAL B 313 -32.59 33.44 36.91
N ALA B 314 -31.27 33.53 37.19
CA ALA B 314 -30.55 32.63 38.09
C ALA B 314 -31.24 32.38 39.46
N LYS B 315 -31.91 33.43 39.98
CA LYS B 315 -32.65 33.43 41.24
C LYS B 315 -33.63 32.26 41.35
N GLY B 316 -34.34 31.97 40.26
CA GLY B 316 -35.32 30.87 40.24
C GLY B 316 -35.18 29.88 39.10
N VAL B 317 -34.02 29.87 38.42
CA VAL B 317 -33.70 28.85 37.43
C VAL B 317 -32.33 28.23 37.73
N HIS B 318 -32.35 26.94 38.07
CA HIS B 318 -31.20 26.19 38.62
C HIS B 318 -30.75 25.07 37.67
N GLN B 319 -30.55 25.45 36.40
CA GLN B 319 -30.15 24.57 35.28
C GLN B 319 -29.37 25.41 34.22
N PRO B 320 -28.74 24.76 33.20
CA PRO B 320 -28.09 25.51 32.10
C PRO B 320 -29.00 26.51 31.42
N PHE B 321 -28.58 27.78 31.39
CA PHE B 321 -29.24 28.86 30.60
C PHE B 321 -28.28 30.02 30.21
N ASP B 322 -28.73 30.79 29.22
CA ASP B 322 -28.13 32.06 28.92
C ASP B 322 -29.18 33.14 28.64
N VAL B 323 -28.78 34.38 28.94
CA VAL B 323 -29.60 35.56 28.69
C VAL B 323 -28.73 36.77 28.43
N SER B 324 -29.03 37.47 27.34
CA SER B 324 -28.43 38.76 27.11
C SER B 324 -29.39 39.76 26.54
N ALA B 325 -29.14 41.02 26.86
CA ALA B 325 -29.78 42.15 26.20
C ALA B 325 -29.36 42.18 24.73
N PHE B 326 -30.33 42.38 23.86
CA PHE B 326 -30.11 42.45 22.42
C PHE B 326 -30.41 43.86 21.96
N ASN B 327 -29.50 44.41 21.16
CA ASN B 327 -29.58 45.80 20.75
C ASN B 327 -29.17 45.97 19.33
N ALA B 328 -30.13 46.28 18.49
CA ALA B 328 -29.89 46.44 17.06
C ALA B 328 -30.27 47.84 16.60
N SER B 329 -29.32 48.54 16.03
CA SER B 329 -29.58 49.89 15.58
C SER B 329 -29.35 50.15 14.11
N TYR B 330 -30.36 50.76 13.52
CA TYR B 330 -30.46 50.93 12.10
C TYR B 330 -30.66 52.41 11.74
N SER B 331 -30.73 52.67 10.44
CA SER B 331 -30.81 54.04 9.92
C SER B 331 -32.06 54.76 10.31
N ASP B 332 -33.17 54.03 10.46
CA ASP B 332 -34.51 54.63 10.68
C ASP B 332 -35.41 53.86 11.67
N SER B 333 -34.86 52.83 12.31
CA SER B 333 -35.54 52.05 13.33
C SER B 333 -34.51 51.38 14.21
N GLY B 334 -34.97 50.61 15.19
CA GLY B 334 -34.08 49.88 16.07
C GLY B 334 -34.85 48.83 16.78
N LEU B 335 -34.17 47.78 17.22
CA LEU B 335 -34.81 46.78 18.08
C LEU B 335 -33.98 46.53 19.28
N PHE B 336 -34.59 46.77 20.45
CA PHE B 336 -34.02 46.44 21.75
C PHE B 336 -34.89 45.39 22.49
N GLY B 337 -34.21 44.54 23.25
CA GLY B 337 -34.82 43.59 24.14
C GLY B 337 -33.80 42.66 24.71
N PHE B 338 -34.18 41.40 24.80
CA PHE B 338 -33.28 40.38 25.28
C PHE B 338 -33.39 39.08 24.47
N TYR B 339 -32.34 38.28 24.58
CA TYR B 339 -32.20 36.99 23.95
C TYR B 339 -31.92 35.93 25.03
N THR B 340 -32.57 34.76 24.90
CA THR B 340 -32.48 33.70 25.90
C THR B 340 -32.18 32.34 25.27
N ILE B 341 -31.29 31.60 25.91
CA ILE B 341 -31.04 30.19 25.60
C ILE B 341 -31.39 29.40 26.86
N SER B 342 -32.29 28.43 26.74
CA SER B 342 -32.70 27.61 27.91
C SER B 342 -33.24 26.26 27.52
N GLN B 343 -33.31 25.35 28.50
CA GLN B 343 -33.98 24.06 28.32
C GLN B 343 -35.44 24.28 27.93
N ALA B 344 -35.96 23.40 27.08
CA ALA B 344 -37.35 23.41 26.62
C ALA B 344 -38.40 23.79 27.68
N ALA B 345 -38.34 23.12 28.84
CA ALA B 345 -39.31 23.26 29.94
C ALA B 345 -39.14 24.56 30.77
N SER B 346 -37.92 25.10 30.83
CA SER B 346 -37.57 26.33 31.57
C SER B 346 -37.79 27.61 30.72
N ALA B 347 -38.06 27.44 29.42
CA ALA B 347 -38.14 28.58 28.47
C ALA B 347 -38.98 29.75 28.97
N GLY B 348 -40.25 29.46 29.28
CA GLY B 348 -41.19 30.43 29.81
C GLY B 348 -40.82 31.08 31.13
N ASP B 349 -40.08 30.36 31.97
CA ASP B 349 -39.63 30.90 33.26
C ASP B 349 -38.49 31.84 33.02
N VAL B 350 -37.54 31.39 32.21
CA VAL B 350 -36.40 32.23 31.81
C VAL B 350 -36.85 33.54 31.12
N ILE B 351 -37.84 33.46 30.23
CA ILE B 351 -38.36 34.65 29.53
C ILE B 351 -39.05 35.57 30.50
N LYS B 352 -40.00 35.03 31.27
CA LYS B 352 -40.77 35.85 32.23
C LYS B 352 -39.90 36.55 33.28
N ALA B 353 -38.84 35.87 33.72
CA ALA B 353 -37.90 36.42 34.71
C ALA B 353 -37.11 37.58 34.12
N ALA B 354 -36.62 37.39 32.88
CA ALA B 354 -35.87 38.40 32.13
C ALA B 354 -36.74 39.62 31.87
N TYR B 355 -37.94 39.38 31.36
CA TYR B 355 -38.92 40.42 31.11
C TYR B 355 -39.25 41.26 32.35
N ASN B 356 -39.53 40.60 33.50
CA ASN B 356 -39.82 41.31 34.76
C ASN B 356 -38.65 42.13 35.27
N GLN B 357 -37.43 41.67 35.01
CA GLN B 357 -36.21 42.38 35.37
C GLN B 357 -36.13 43.72 34.62
N VAL B 358 -36.52 43.71 33.35
CA VAL B 358 -36.58 44.95 32.57
C VAL B 358 -37.63 45.85 33.20
N LYS B 359 -38.77 45.24 33.61
CA LYS B 359 -39.93 45.96 34.16
C LYS B 359 -39.55 46.77 35.37
N THR B 360 -38.66 46.22 36.22
CA THR B 360 -38.23 46.88 37.47
C THR B 360 -37.39 48.14 37.23
N ILE B 361 -36.64 48.14 36.12
CA ILE B 361 -35.86 49.29 35.68
C ILE B 361 -36.80 50.36 35.11
N ALA B 362 -37.89 49.95 34.46
CA ALA B 362 -38.91 50.88 33.97
C ALA B 362 -39.71 51.50 35.13
N GLN B 363 -39.86 50.72 36.20
CA GLN B 363 -40.58 51.13 37.41
C GLN B 363 -39.77 52.12 38.29
N GLY B 364 -38.46 52.24 37.99
CA GLY B 364 -37.58 53.20 38.64
C GLY B 364 -36.38 52.65 39.41
N ASN B 365 -36.30 51.32 39.50
CA ASN B 365 -35.30 50.62 40.36
C ASN B 365 -33.90 50.44 39.76
N LEU B 366 -33.15 51.54 39.77
CA LEU B 366 -31.86 51.63 39.11
C LEU B 366 -31.02 52.66 39.85
N SER B 367 -29.89 52.21 40.40
CA SER B 367 -28.98 53.07 41.17
C SER B 367 -28.06 53.85 40.25
N ASN B 368 -27.47 54.93 40.77
CA ASN B 368 -26.45 55.66 40.02
C ASN B 368 -25.19 54.83 39.63
N PRO B 369 -24.56 54.07 40.59
CA PRO B 369 -23.42 53.20 40.24
C PRO B 369 -23.74 52.10 39.25
N ASP B 370 -24.99 51.65 39.20
CA ASP B 370 -25.46 50.66 38.21
C ASP B 370 -25.24 51.17 36.81
N VAL B 371 -25.69 52.41 36.54
CA VAL B 371 -25.50 53.10 35.25
C VAL B 371 -24.01 53.43 35.01
N GLN B 372 -23.32 53.91 36.06
CA GLN B 372 -21.89 54.21 35.99
C GLN B 372 -21.05 53.04 35.48
N ALA B 373 -21.38 51.83 35.94
CA ALA B 373 -20.72 50.59 35.52
C ALA B 373 -21.05 50.27 34.07
N ALA B 374 -22.31 50.48 33.68
CA ALA B 374 -22.78 50.23 32.32
C ALA B 374 -22.08 51.19 31.32
N LYS B 375 -21.92 52.45 31.75
CA LYS B 375 -21.16 53.46 31.03
C LYS B 375 -19.75 52.96 30.79
N ASN B 376 -19.09 52.52 31.87
CA ASN B 376 -17.71 52.04 31.79
C ASN B 376 -17.59 50.79 30.93
N LYS B 377 -18.58 49.89 31.03
CA LYS B 377 -18.61 48.68 30.22
C LYS B 377 -18.74 49.02 28.72
N LEU B 378 -19.64 49.96 28.41
CA LEU B 378 -19.84 50.45 27.04
C LEU B 378 -18.64 51.21 26.47
N LYS B 379 -18.15 52.19 27.23
CA LYS B 379 -17.04 53.04 26.82
C LYS B 379 -15.81 52.18 26.50
N ALA B 380 -15.44 51.29 27.45
CA ALA B 380 -14.27 50.43 27.29
C ALA B 380 -14.45 49.53 26.08
N GLY B 381 -15.64 48.95 25.96
CA GLY B 381 -15.99 48.04 24.89
C GLY B 381 -15.89 48.68 23.52
N TYR B 382 -16.38 49.92 23.41
CA TYR B 382 -16.29 50.67 22.17
C TYR B 382 -14.85 50.87 21.76
N LEU B 383 -14.03 51.30 22.72
CA LEU B 383 -12.66 51.61 22.46
C LEU B 383 -11.91 50.38 21.99
N MET B 384 -12.18 49.25 22.65
CA MET B 384 -11.58 47.98 22.29
C MET B 384 -12.02 47.53 20.89
N SER B 385 -13.26 47.90 20.53
CA SER B 385 -13.89 47.57 19.26
C SER B 385 -13.19 48.18 18.06
N VAL B 386 -12.51 49.30 18.27
CA VAL B 386 -11.77 49.99 17.21
C VAL B 386 -10.24 49.89 17.31
N GLU B 387 -9.71 49.14 18.29
CA GLU B 387 -8.24 49.10 18.51
C GLU B 387 -7.38 48.43 17.44
N SER B 388 -7.99 47.51 16.70
CA SER B 388 -7.35 46.87 15.55
C SER B 388 -7.77 47.62 14.31
N SER B 389 -7.02 47.42 13.23
CA SER B 389 -7.35 48.08 11.96
C SER B 389 -8.63 47.54 11.25
N GLU B 390 -9.02 46.32 11.56
CA GLU B 390 -10.22 45.72 10.96
C GLU B 390 -11.48 46.37 11.53
N GLY B 391 -11.48 46.56 12.84
CA GLY B 391 -12.60 47.12 13.57
C GLY B 391 -12.64 48.62 13.42
N PHE B 392 -11.46 49.23 13.29
CA PHE B 392 -11.36 50.64 13.04
C PHE B 392 -11.98 51.00 11.69
N LEU B 393 -11.51 50.36 10.62
CA LEU B 393 -11.98 50.62 9.25
C LEU B 393 -13.49 50.45 9.07
N ASP B 394 -14.05 49.44 9.78
CA ASP B 394 -15.47 49.11 9.72
C ASP B 394 -16.31 50.21 10.38
N GLU B 395 -15.76 50.81 11.44
CA GLU B 395 -16.43 51.83 12.22
C GLU B 395 -16.44 53.15 11.45
N VAL B 396 -15.27 53.51 10.90
CA VAL B 396 -15.11 54.70 10.05
C VAL B 396 -15.99 54.57 8.81
N GLY B 397 -16.11 53.35 8.29
CA GLY B 397 -16.98 53.05 7.18
C GLY B 397 -18.45 53.24 7.51
N SER B 398 -18.91 52.59 8.59
CA SER B 398 -20.33 52.67 8.98
C SER B 398 -20.72 54.10 9.43
N GLN B 399 -19.74 54.81 10.04
CA GLN B 399 -19.92 56.23 10.42
C GLN B 399 -20.08 57.09 9.17
N ALA B 400 -19.27 56.83 8.15
CA ALA B 400 -19.35 57.58 6.91
C ALA B 400 -20.72 57.44 6.22
N LEU B 401 -21.34 56.25 6.32
CA LEU B 401 -22.63 56.01 5.65
C LEU B 401 -23.83 56.48 6.44
N ALA B 402 -23.84 56.19 7.73
CA ALA B 402 -24.95 56.52 8.60
C ALA B 402 -25.02 57.99 8.90
N ALA B 403 -23.84 58.62 9.04
CA ALA B 403 -23.73 60.01 9.48
C ALA B 403 -23.18 60.99 8.45
N GLY B 404 -22.28 60.52 7.59
CA GLY B 404 -21.53 61.40 6.69
C GLY B 404 -20.45 62.15 7.43
N SER B 405 -20.06 61.60 8.59
CA SER B 405 -19.09 62.23 9.49
C SER B 405 -18.15 61.19 10.07
N TYR B 406 -16.98 61.65 10.55
CA TYR B 406 -16.18 60.87 11.50
C TYR B 406 -16.24 61.52 12.85
N THR B 407 -16.72 60.76 13.83
CA THR B 407 -16.88 61.22 15.18
C THR B 407 -15.77 60.53 16.02
N PRO B 408 -14.75 61.28 16.50
CA PRO B 408 -13.63 60.65 17.26
C PRO B 408 -14.09 59.94 18.57
N PRO B 409 -13.33 58.93 19.10
CA PRO B 409 -13.70 58.25 20.36
C PRO B 409 -13.95 59.21 21.54
N SER B 410 -13.14 60.27 21.59
CA SER B 410 -13.19 61.29 22.62
C SER B 410 -14.58 61.90 22.83
N THR B 411 -15.32 62.04 21.72
CA THR B 411 -16.66 62.63 21.76
C THR B 411 -17.77 61.61 21.80
N VAL B 412 -17.46 60.39 21.35
CA VAL B 412 -18.37 59.24 21.50
C VAL B 412 -18.51 58.97 23.00
N LEU B 413 -17.38 58.98 23.72
CA LEU B 413 -17.36 58.86 25.20
C LEU B 413 -18.10 60.01 25.90
N GLN B 414 -17.99 61.22 25.33
CA GLN B 414 -18.76 62.38 25.79
C GLN B 414 -20.28 62.21 25.57
N GLN B 415 -20.65 61.61 24.41
CA GLN B 415 -22.05 61.26 24.05
C GLN B 415 -22.65 60.35 25.12
N ILE B 416 -21.91 59.28 25.43
CA ILE B 416 -22.27 58.25 26.38
C ILE B 416 -22.48 58.84 27.77
N ASP B 417 -21.58 59.75 28.15
CA ASP B 417 -21.61 60.41 29.45
C ASP B 417 -22.84 61.26 29.66
N ALA B 418 -23.37 61.80 28.56
CA ALA B 418 -24.53 62.71 28.60
C ALA B 418 -25.83 61.97 28.86
N VAL B 419 -25.80 60.67 28.63
CA VAL B 419 -26.94 59.82 29.01
C VAL B 419 -27.10 59.84 30.56
N ALA B 420 -28.25 60.35 31.00
CA ALA B 420 -28.62 60.32 32.40
C ALA B 420 -29.41 59.05 32.74
N ASP B 421 -29.38 58.72 34.03
CA ASP B 421 -30.16 57.66 34.63
C ASP B 421 -31.63 57.70 34.19
N ALA B 422 -32.22 58.90 34.13
CA ALA B 422 -33.60 59.07 33.71
C ALA B 422 -33.89 58.68 32.26
N ASP B 423 -32.87 58.76 31.38
CA ASP B 423 -32.99 58.35 29.96
C ASP B 423 -33.03 56.82 29.85
N VAL B 424 -32.14 56.15 30.61
CA VAL B 424 -32.02 54.68 30.66
C VAL B 424 -33.33 54.10 31.18
N ILE B 425 -33.91 54.77 32.19
CA ILE B 425 -35.23 54.43 32.69
C ILE B 425 -36.28 54.58 31.58
N ASN B 426 -36.21 55.71 30.84
CA ASN B 426 -37.12 55.99 29.74
C ASN B 426 -37.02 55.01 28.56
N ALA B 427 -35.82 54.44 28.38
CA ALA B 427 -35.58 53.42 27.36
C ALA B 427 -36.29 52.10 27.76
N ALA B 428 -36.17 51.73 29.03
CA ALA B 428 -36.83 50.57 29.57
C ALA B 428 -38.36 50.71 29.54
N LYS B 429 -38.83 51.94 29.75
CA LYS B 429 -40.26 52.28 29.75
C LYS B 429 -40.84 52.11 28.34
N LYS B 430 -40.04 52.47 27.33
CA LYS B 430 -40.43 52.34 25.92
C LYS B 430 -40.52 50.87 25.50
N PHE B 431 -39.63 50.03 26.03
CA PHE B 431 -39.63 48.64 25.63
C PHE B 431 -40.84 47.90 26.23
N VAL B 432 -41.08 48.14 27.53
CA VAL B 432 -42.13 47.48 28.26
C VAL B 432 -43.51 47.75 27.66
N SER B 433 -43.74 49.02 27.34
CA SER B 433 -45.04 49.49 26.89
C SER B 433 -45.24 49.42 25.36
N GLY B 434 -44.23 48.96 24.61
CA GLY B 434 -44.25 48.96 23.15
C GLY B 434 -44.59 47.63 22.53
N ARG B 435 -45.28 47.69 21.37
CA ARG B 435 -45.75 46.49 20.69
C ARG B 435 -44.58 45.60 20.34
N LYS B 436 -44.55 44.45 20.98
CA LYS B 436 -43.45 43.50 20.92
C LYS B 436 -43.24 42.81 19.57
N SER B 437 -42.06 42.21 19.44
CA SER B 437 -41.73 41.29 18.39
C SER B 437 -40.93 40.16 19.00
N MET B 438 -41.26 38.94 18.56
CA MET B 438 -40.65 37.74 19.09
C MET B 438 -40.40 36.67 18.05
N ALA B 439 -39.16 36.17 18.05
CA ALA B 439 -38.82 34.92 17.39
C ALA B 439 -38.28 33.91 18.44
N ALA B 440 -38.54 32.62 18.17
CA ALA B 440 -38.14 31.48 19.04
C ALA B 440 -38.10 30.12 18.27
N SER B 441 -37.16 29.25 18.65
CA SER B 441 -36.98 27.93 18.02
C SER B 441 -36.46 26.87 18.98
N GLY B 442 -37.11 25.69 18.92
CA GLY B 442 -36.78 24.54 19.71
C GLY B 442 -38.07 23.77 19.94
N ASN B 443 -38.12 23.05 21.06
CA ASN B 443 -39.36 22.55 21.54
C ASN B 443 -40.11 23.67 22.22
N LEU B 444 -41.12 24.19 21.52
CA LEU B 444 -41.83 25.36 21.98
C LEU B 444 -42.98 25.11 22.97
N GLY B 445 -43.18 23.83 23.35
CA GLY B 445 -44.18 23.39 24.31
C GLY B 445 -44.40 24.26 25.53
N HIS B 446 -43.33 24.71 26.16
CA HIS B 446 -43.46 25.60 27.34
C HIS B 446 -42.92 27.03 27.13
N THR B 447 -43.00 27.50 25.89
CA THR B 447 -42.55 28.84 25.51
C THR B 447 -43.77 29.75 25.32
N PRO B 448 -43.84 30.88 26.04
CA PRO B 448 -45.00 31.80 25.97
C PRO B 448 -45.19 32.50 24.58
N PHE B 449 -46.12 33.49 24.46
CA PHE B 449 -46.67 33.93 23.15
C PHE B 449 -46.86 35.46 22.94
N ILE B 450 -46.13 36.27 23.68
CA ILE B 450 -46.37 37.75 23.76
C ILE B 450 -47.64 37.92 24.54
N ASP B 451 -48.78 37.59 23.93
CA ASP B 451 -50.08 37.34 24.62
C ASP B 451 -49.96 37.09 26.12
N GLU B 452 -49.10 36.13 26.46
CA GLU B 452 -48.95 35.61 27.79
C GLU B 452 -47.67 36.13 28.52
N LEU B 453 -47.22 37.35 28.24
CA LEU B 453 -45.98 37.84 28.84
C LEU B 453 -46.07 38.85 29.99
N THR C 2 -7.47 13.69 -10.57
CA THR C 2 -7.00 13.27 -9.21
C THR C 2 -5.90 12.20 -9.31
N ASN C 3 -6.29 10.91 -9.21
CA ASN C 3 -5.37 9.75 -9.22
C ASN C 3 -5.37 8.95 -10.53
N ILE C 4 -4.24 9.03 -11.24
CA ILE C 4 -4.00 8.37 -12.54
C ILE C 4 -4.19 6.83 -12.46
N ARG C 5 -3.70 6.24 -11.36
CA ARG C 5 -3.78 4.79 -11.07
C ARG C 5 -5.24 4.26 -10.89
N LYS C 6 -6.19 5.17 -10.62
CA LYS C 6 -7.61 4.83 -10.36
C LYS C 6 -8.57 4.99 -11.58
N SER C 7 -8.31 6.02 -12.44
CA SER C 7 -9.27 6.43 -13.48
C SER C 7 -8.94 6.09 -14.97
N HIS C 8 -7.71 5.62 -15.24
CA HIS C 8 -7.27 5.21 -16.60
C HIS C 8 -7.87 3.82 -16.98
N PRO C 9 -8.61 3.75 -18.11
CA PRO C 9 -9.32 2.53 -18.55
C PRO C 9 -8.50 1.23 -18.79
N LEU C 10 -7.24 1.21 -18.31
CA LEU C 10 -6.39 0.02 -18.32
C LEU C 10 -5.76 -0.18 -16.93
N MET C 11 -5.24 0.92 -16.35
CA MET C 11 -4.62 0.92 -15.02
C MET C 11 -5.65 0.71 -13.92
N LYS C 12 -6.86 1.28 -14.12
CA LYS C 12 -8.06 1.09 -13.27
C LYS C 12 -8.39 -0.40 -13.08
N ILE C 13 -8.43 -1.14 -14.19
CA ILE C 13 -8.75 -2.58 -14.18
C ILE C 13 -7.69 -3.41 -13.41
N VAL C 14 -6.42 -3.02 -13.55
CA VAL C 14 -5.26 -3.62 -12.83
C VAL C 14 -5.31 -3.29 -11.31
N ASN C 15 -5.58 -2.02 -10.99
CA ASN C 15 -5.72 -1.47 -9.63
C ASN C 15 -6.75 -2.20 -8.78
N ASN C 16 -7.88 -2.51 -9.40
CA ASN C 16 -9.02 -3.13 -8.75
C ASN C 16 -8.91 -4.66 -8.63
N ALA C 17 -7.86 -5.23 -9.24
CA ALA C 17 -7.59 -6.67 -9.21
C ALA C 17 -6.31 -7.04 -8.42
N PHE C 18 -5.25 -6.24 -8.57
CA PHE C 18 -3.91 -6.54 -7.99
C PHE C 18 -3.33 -5.53 -6.94
N ILE C 19 -3.98 -4.36 -6.76
CA ILE C 19 -3.44 -3.28 -5.88
C ILE C 19 -4.36 -2.85 -4.70
N ASP C 20 -5.49 -2.23 -5.02
CA ASP C 20 -6.41 -1.68 -4.02
C ASP C 20 -7.48 -2.66 -3.57
N LEU C 21 -7.47 -3.85 -4.14
CA LEU C 21 -8.42 -4.93 -3.83
C LEU C 21 -8.56 -5.15 -2.31
N PRO C 22 -9.79 -5.01 -1.78
CA PRO C 22 -10.06 -5.34 -0.37
C PRO C 22 -9.99 -6.86 -0.14
N ALA C 23 -8.93 -7.27 0.55
CA ALA C 23 -8.65 -8.68 0.85
C ALA C 23 -8.76 -8.94 2.38
N PRO C 24 -9.12 -10.19 2.80
CA PRO C 24 -9.20 -10.50 4.22
C PRO C 24 -7.84 -10.45 4.89
N SER C 25 -7.82 -9.99 6.12
CA SER C 25 -6.60 -9.83 6.89
C SER C 25 -5.95 -11.15 7.31
N ASN C 26 -6.74 -12.25 7.26
CA ASN C 26 -6.36 -13.52 7.91
C ASN C 26 -6.20 -14.73 6.99
N ILE C 27 -6.09 -14.51 5.68
CA ILE C 27 -5.94 -15.63 4.77
C ILE C 27 -4.61 -16.32 4.89
N SER C 28 -4.72 -17.65 5.06
CA SER C 28 -3.61 -18.57 5.23
C SER C 28 -2.65 -18.63 4.03
N SER C 29 -1.49 -19.25 4.27
CA SER C 29 -0.61 -19.74 3.20
C SER C 29 -1.34 -20.67 2.21
N TRP C 30 -2.49 -21.20 2.63
CA TRP C 30 -3.37 -21.99 1.75
C TRP C 30 -4.03 -21.18 0.65
N TRP C 31 -4.08 -19.85 0.80
CA TRP C 31 -4.59 -18.95 -0.23
C TRP C 31 -3.53 -18.57 -1.29
N ASN C 32 -2.30 -19.02 -1.09
CA ASN C 32 -1.21 -18.68 -2.00
C ASN C 32 -1.24 -19.44 -3.32
N PHE C 33 -1.90 -20.60 -3.33
CA PHE C 33 -1.91 -21.50 -4.48
C PHE C 33 -2.61 -20.97 -5.71
N GLY C 34 -3.54 -20.03 -5.53
CA GLY C 34 -4.21 -19.37 -6.61
C GLY C 34 -3.28 -18.59 -7.51
N SER C 35 -2.40 -17.79 -6.89
CA SER C 35 -1.37 -17.02 -7.60
C SER C 35 -0.30 -17.97 -8.14
N LEU C 36 0.11 -18.92 -7.28
CA LEU C 36 1.07 -19.97 -7.64
C LEU C 36 0.64 -20.83 -8.84
N LEU C 37 -0.67 -21.00 -9.00
CA LEU C 37 -1.21 -21.62 -10.21
C LEU C 37 -0.94 -20.72 -11.42
N GLY C 38 -1.23 -19.41 -11.29
CA GLY C 38 -0.98 -18.41 -12.32
C GLY C 38 0.47 -18.34 -12.75
N ILE C 39 1.38 -18.36 -11.75
CA ILE C 39 2.83 -18.50 -12.00
C ILE C 39 3.11 -19.80 -12.78
N CYS C 40 2.52 -20.92 -12.32
CA CYS C 40 2.72 -22.24 -12.97
C CYS C 40 2.25 -22.21 -14.40
N LEU C 41 1.11 -21.56 -14.65
CA LEU C 41 0.55 -21.51 -15.98
C LEU C 41 1.43 -20.73 -16.93
N ILE C 42 1.91 -19.57 -16.48
CA ILE C 42 2.83 -18.74 -17.26
C ILE C 42 4.20 -19.44 -17.50
N LEU C 43 4.71 -20.12 -16.46
CA LEU C 43 5.97 -20.86 -16.52
C LEU C 43 5.93 -21.95 -17.57
N GLN C 44 4.80 -22.66 -17.63
CA GLN C 44 4.54 -23.68 -18.65
C GLN C 44 4.46 -23.10 -20.05
N ILE C 45 3.98 -21.86 -20.17
CA ILE C 45 3.88 -21.20 -21.47
C ILE C 45 5.27 -20.83 -22.01
N LEU C 46 6.10 -20.22 -21.15
CA LEU C 46 7.45 -19.77 -21.55
C LEU C 46 8.46 -20.91 -21.80
N THR C 47 8.36 -21.99 -21.02
CA THR C 47 9.15 -23.20 -21.29
C THR C 47 8.55 -23.96 -22.50
N GLY C 48 7.22 -24.15 -22.48
CA GLY C 48 6.47 -24.69 -23.63
C GLY C 48 6.79 -24.11 -25.00
N LEU C 49 6.79 -22.77 -25.12
CA LEU C 49 7.11 -22.10 -26.41
C LEU C 49 8.55 -22.32 -26.88
N PHE C 50 9.50 -22.09 -25.97
CA PHE C 50 10.91 -22.31 -26.22
C PHE C 50 11.23 -23.80 -26.51
N LEU C 51 10.36 -24.69 -26.05
CA LEU C 51 10.40 -26.08 -26.45
C LEU C 51 9.78 -26.31 -27.82
N ALA C 52 8.66 -25.62 -28.09
CA ALA C 52 7.92 -25.74 -29.38
C ALA C 52 8.72 -25.22 -30.57
N MET C 53 9.74 -24.40 -30.27
CA MET C 53 10.63 -23.81 -31.28
C MET C 53 11.57 -24.84 -31.94
N HIS C 54 11.94 -25.87 -31.17
CA HIS C 54 12.91 -26.90 -31.62
C HIS C 54 12.30 -28.29 -31.78
N TYR C 55 11.02 -28.44 -31.44
CA TYR C 55 10.35 -29.74 -31.43
C TYR C 55 9.57 -29.99 -32.72
N THR C 56 9.63 -31.24 -33.19
CA THR C 56 8.89 -31.69 -34.36
C THR C 56 7.75 -32.60 -33.99
N SER C 57 6.72 -32.58 -34.82
CA SER C 57 5.45 -33.24 -34.56
C SER C 57 5.25 -34.66 -35.18
N ASP C 58 6.18 -35.10 -36.04
CA ASP C 58 6.07 -36.40 -36.77
C ASP C 58 6.76 -37.53 -36.02
N THR C 59 6.17 -38.73 -36.18
CA THR C 59 6.69 -40.01 -35.66
C THR C 59 8.20 -40.21 -35.89
N THR C 60 8.65 -39.91 -37.12
CA THR C 60 10.06 -40.03 -37.58
C THR C 60 11.09 -39.21 -36.79
N THR C 61 10.64 -38.10 -36.20
CA THR C 61 11.54 -37.09 -35.62
C THR C 61 11.11 -36.58 -34.23
N ALA C 62 9.90 -36.94 -33.81
CA ALA C 62 9.35 -36.59 -32.51
C ALA C 62 10.32 -36.89 -31.35
N PHE C 63 10.69 -38.17 -31.20
CA PHE C 63 11.62 -38.60 -30.14
C PHE C 63 13.00 -37.96 -30.22
N SER C 64 13.51 -37.83 -31.46
CA SER C 64 14.85 -37.32 -31.72
C SER C 64 15.00 -35.82 -31.45
N SER C 65 13.98 -35.03 -31.82
CA SER C 65 13.95 -33.58 -31.58
C SER C 65 13.98 -33.24 -30.09
N VAL C 66 13.24 -34.03 -29.30
CA VAL C 66 13.25 -33.97 -27.82
C VAL C 66 14.69 -34.17 -27.26
N THR C 67 15.40 -35.18 -27.80
CA THR C 67 16.80 -35.48 -27.45
C THR C 67 17.72 -34.33 -27.91
N HIS C 68 17.53 -33.92 -29.16
CA HIS C 68 18.21 -32.79 -29.77
C HIS C 68 18.17 -31.54 -28.86
N ILE C 69 16.99 -31.26 -28.28
CA ILE C 69 16.79 -30.17 -27.32
C ILE C 69 17.73 -30.33 -26.11
N CYS C 70 17.66 -31.50 -25.46
CA CYS C 70 18.41 -31.77 -24.24
C CYS C 70 19.91 -31.75 -24.47
N ARG C 71 20.36 -32.44 -25.54
CA ARG C 71 21.77 -32.63 -25.84
C ARG C 71 22.43 -31.44 -26.54
N ASP C 72 21.85 -31.03 -27.67
CA ASP C 72 22.46 -30.00 -28.56
C ASP C 72 22.09 -28.53 -28.28
N VAL C 73 20.81 -28.27 -27.97
CA VAL C 73 20.27 -26.89 -27.78
C VAL C 73 20.76 -26.31 -26.46
N ASN C 74 21.38 -25.12 -26.52
CA ASN C 74 22.01 -24.45 -25.35
C ASN C 74 21.03 -24.20 -24.27
N TYR C 75 21.30 -24.84 -23.12
CA TYR C 75 20.44 -24.80 -21.94
C TYR C 75 19.02 -25.38 -22.20
N GLY C 76 18.90 -26.17 -23.28
CA GLY C 76 17.66 -26.82 -23.68
C GLY C 76 17.20 -27.86 -22.66
N TRP C 77 18.17 -28.54 -22.04
CA TRP C 77 17.91 -29.52 -20.98
C TRP C 77 17.16 -28.95 -19.78
N ILE C 78 17.49 -27.71 -19.38
CA ILE C 78 16.76 -27.03 -18.27
C ILE C 78 15.35 -26.71 -18.66
N ILE C 79 15.18 -26.14 -19.86
CA ILE C 79 13.85 -25.77 -20.40
C ILE C 79 12.94 -27.00 -20.46
N ARG C 80 13.50 -28.10 -20.99
CA ARG C 80 12.83 -29.39 -21.06
C ARG C 80 12.34 -29.93 -19.69
N TYR C 81 13.22 -29.90 -18.68
CA TYR C 81 12.90 -30.40 -17.32
C TYR C 81 12.06 -29.44 -16.48
N MET C 82 12.26 -28.13 -16.73
CA MET C 82 11.40 -27.08 -16.17
C MET C 82 9.96 -27.31 -16.56
N HIS C 83 9.76 -27.63 -17.84
CA HIS C 83 8.45 -27.97 -18.36
C HIS C 83 7.86 -29.23 -17.67
N ALA C 84 8.56 -30.37 -17.82
CA ALA C 84 8.18 -31.67 -17.25
C ALA C 84 7.87 -31.62 -15.75
N ASN C 85 8.71 -30.93 -14.99
CA ASN C 85 8.48 -30.80 -13.55
C ASN C 85 7.46 -29.77 -13.14
N GLY C 86 7.40 -28.68 -13.93
CA GLY C 86 6.39 -27.64 -13.76
C GLY C 86 5.00 -28.19 -13.96
N ALA C 87 4.87 -29.15 -14.91
CA ALA C 87 3.61 -29.85 -15.19
C ALA C 87 3.01 -30.46 -13.93
N SER C 88 3.84 -31.19 -13.17
CA SER C 88 3.38 -31.81 -11.93
C SER C 88 3.35 -30.84 -10.74
N MET C 89 4.27 -29.86 -10.72
CA MET C 89 4.22 -28.73 -9.77
C MET C 89 2.87 -28.00 -9.88
N PHE C 90 2.41 -27.83 -11.14
CA PHE C 90 1.08 -27.31 -11.48
C PHE C 90 0.00 -28.20 -10.88
N PHE C 91 0.23 -29.51 -10.87
CA PHE C 91 -0.71 -30.43 -10.23
C PHE C 91 -0.75 -30.41 -8.72
N ILE C 92 0.41 -30.25 -8.05
CA ILE C 92 0.42 -30.13 -6.56
C ILE C 92 -0.35 -28.89 -6.09
N CYS C 93 -0.22 -27.80 -6.87
CA CYS C 93 -0.92 -26.55 -6.58
C CYS C 93 -2.40 -26.69 -6.82
N LEU C 94 -2.78 -27.36 -7.92
CA LEU C 94 -4.19 -27.70 -8.20
C LEU C 94 -4.81 -28.48 -7.06
N TYR C 95 -4.05 -29.44 -6.53
CA TYR C 95 -4.55 -30.31 -5.44
C TYR C 95 -4.66 -29.62 -4.12
N MET C 96 -3.65 -28.82 -3.77
CA MET C 96 -3.71 -27.93 -2.59
C MET C 96 -4.95 -26.98 -2.64
N HIS C 97 -5.13 -26.34 -3.83
CA HIS C 97 -6.15 -25.35 -4.12
C HIS C 97 -7.57 -25.92 -4.06
N VAL C 98 -7.81 -27.08 -4.70
CA VAL C 98 -9.12 -27.75 -4.59
C VAL C 98 -9.37 -28.19 -3.11
N GLY C 99 -8.35 -28.76 -2.46
CA GLY C 99 -8.44 -29.23 -1.08
C GLY C 99 -8.85 -28.15 -0.12
N ARG C 100 -8.19 -26.99 -0.26
CA ARG C 100 -8.46 -25.80 0.52
C ARG C 100 -9.93 -25.35 0.33
N GLY C 101 -10.41 -25.43 -0.92
CA GLY C 101 -11.77 -25.08 -1.27
C GLY C 101 -12.78 -25.91 -0.53
N LEU C 102 -12.50 -27.21 -0.39
CA LEU C 102 -13.35 -28.15 0.37
C LEU C 102 -13.32 -27.86 1.85
N TYR C 103 -12.11 -27.74 2.40
CA TYR C 103 -11.92 -27.54 3.80
C TYR C 103 -12.59 -26.29 4.29
N TYR C 104 -12.42 -25.20 3.54
CA TYR C 104 -12.81 -23.92 4.00
C TYR C 104 -14.17 -23.44 3.51
N GLY C 105 -14.88 -24.30 2.79
CA GLY C 105 -16.20 -23.98 2.28
C GLY C 105 -16.21 -22.94 1.17
N SER C 106 -15.06 -22.71 0.52
CA SER C 106 -14.93 -21.74 -0.56
C SER C 106 -15.87 -22.00 -1.71
N TYR C 107 -16.14 -23.28 -1.96
CA TYR C 107 -17.05 -23.78 -3.02
C TYR C 107 -18.42 -23.15 -3.09
N THR C 108 -18.86 -22.52 -2.00
CA THR C 108 -20.18 -21.86 -1.93
C THR C 108 -20.33 -20.73 -2.96
N PHE C 109 -19.19 -20.18 -3.41
CA PHE C 109 -19.10 -19.30 -4.58
C PHE C 109 -19.32 -20.20 -5.80
N LEU C 110 -20.56 -20.35 -6.22
CA LEU C 110 -20.95 -21.36 -7.23
C LEU C 110 -20.24 -21.26 -8.58
N GLU C 111 -20.35 -20.07 -9.20
CA GLU C 111 -19.82 -19.81 -10.56
C GLU C 111 -18.31 -19.95 -10.57
N THR C 112 -17.63 -19.26 -9.62
CA THR C 112 -16.16 -19.30 -9.51
C THR C 112 -15.62 -20.66 -9.23
N TRP C 113 -16.38 -21.48 -8.49
CA TRP C 113 -15.99 -22.88 -8.19
C TRP C 113 -16.19 -23.80 -9.40
N ASN C 114 -17.39 -23.76 -10.04
CA ASN C 114 -17.63 -24.57 -11.25
C ASN C 114 -16.68 -24.26 -12.40
N ILE C 115 -16.27 -22.98 -12.52
CA ILE C 115 -15.24 -22.60 -13.51
C ILE C 115 -13.90 -23.29 -13.18
N GLY C 116 -13.57 -23.34 -11.89
CA GLY C 116 -12.38 -24.05 -11.38
C GLY C 116 -12.35 -25.53 -11.69
N VAL C 117 -13.53 -26.17 -11.70
CA VAL C 117 -13.66 -27.61 -12.06
C VAL C 117 -13.32 -27.76 -13.55
N ILE C 118 -13.89 -26.86 -14.36
CA ILE C 118 -13.61 -26.83 -15.77
C ILE C 118 -12.11 -26.52 -16.04
N LEU C 119 -11.50 -25.68 -15.18
CA LEU C 119 -10.06 -25.43 -15.22
C LEU C 119 -9.25 -26.70 -14.96
N LEU C 120 -9.66 -27.46 -13.95
CA LEU C 120 -9.05 -28.73 -13.64
C LEU C 120 -9.09 -29.74 -14.79
N LEU C 121 -10.30 -30.04 -15.28
CA LEU C 121 -10.49 -30.93 -16.45
C LEU C 121 -9.61 -30.51 -17.64
N THR C 122 -9.58 -29.20 -17.91
CA THR C 122 -8.78 -28.63 -18.99
C THR C 122 -7.26 -28.75 -18.79
N VAL C 123 -6.79 -28.53 -17.56
CA VAL C 123 -5.35 -28.66 -17.27
C VAL C 123 -4.96 -30.11 -17.32
N MET C 124 -5.89 -30.99 -16.95
CA MET C 124 -5.61 -32.42 -17.02
C MET C 124 -5.70 -33.01 -18.42
N ALA C 125 -6.72 -32.56 -19.17
CA ALA C 125 -6.78 -32.80 -20.64
C ALA C 125 -5.53 -32.30 -21.36
N THR C 126 -4.96 -31.19 -20.87
CA THR C 126 -3.69 -30.65 -21.41
C THR C 126 -2.52 -31.58 -21.18
N ALA C 127 -2.27 -31.95 -19.91
CA ALA C 127 -1.11 -32.75 -19.50
C ALA C 127 -1.13 -34.17 -20.09
N PHE C 128 -2.34 -34.75 -20.20
CA PHE C 128 -2.54 -36.06 -20.84
C PHE C 128 -2.13 -36.01 -22.32
N MET C 129 -2.52 -34.95 -23.05
CA MET C 129 -2.07 -34.68 -24.43
C MET C 129 -0.56 -34.35 -24.47
N GLY C 130 -0.05 -33.79 -23.36
CA GLY C 130 1.33 -33.33 -23.24
C GLY C 130 2.35 -34.44 -23.26
N TYR C 131 2.20 -35.39 -22.33
CA TYR C 131 3.08 -36.55 -22.16
C TYR C 131 3.23 -37.47 -23.38
N VAL C 132 2.25 -37.44 -24.30
CA VAL C 132 2.25 -38.21 -25.55
C VAL C 132 3.29 -37.69 -26.54
N LEU C 133 3.55 -36.38 -26.49
CA LEU C 133 4.42 -35.70 -27.47
C LEU C 133 5.88 -36.22 -27.65
N PRO C 134 6.61 -36.54 -26.54
CA PRO C 134 7.95 -37.19 -26.66
C PRO C 134 7.98 -38.48 -27.50
N TRP C 135 6.83 -39.17 -27.62
CA TRP C 135 6.66 -40.46 -28.31
C TRP C 135 7.52 -41.59 -27.75
N GLY C 136 7.63 -41.62 -26.42
CA GLY C 136 8.22 -42.74 -25.70
C GLY C 136 7.25 -43.91 -25.57
N GLN C 137 7.70 -44.99 -24.94
CA GLN C 137 6.87 -46.16 -24.74
C GLN C 137 5.63 -45.81 -23.89
N MET C 138 5.85 -45.05 -22.82
CA MET C 138 4.77 -44.63 -21.92
C MET C 138 3.85 -43.61 -22.54
N SER C 139 4.41 -42.79 -23.42
CA SER C 139 3.67 -41.83 -24.22
C SER C 139 2.61 -42.54 -25.04
N PHE C 140 3.04 -43.56 -25.77
CA PHE C 140 2.17 -44.32 -26.66
C PHE C 140 1.15 -45.16 -25.93
N TRP C 141 1.62 -46.03 -25.03
CA TRP C 141 0.77 -47.01 -24.36
C TRP C 141 -0.18 -46.41 -23.31
N GLY C 142 0.27 -45.32 -22.69
CA GLY C 142 -0.58 -44.49 -21.84
C GLY C 142 -1.68 -43.83 -22.65
N ALA C 143 -1.30 -43.29 -23.83
CA ALA C 143 -2.26 -42.74 -24.81
C ALA C 143 -3.25 -43.80 -25.29
N THR C 144 -2.74 -45.02 -25.51
CA THR C 144 -3.54 -46.17 -25.98
C THR C 144 -4.54 -46.64 -24.93
N VAL C 145 -4.08 -46.74 -23.69
CA VAL C 145 -4.89 -47.24 -22.59
C VAL C 145 -6.10 -46.33 -22.28
N ILE C 146 -5.86 -45.02 -22.34
CA ILE C 146 -6.87 -44.01 -22.01
C ILE C 146 -7.92 -43.82 -23.10
N THR C 147 -7.46 -43.67 -24.35
CA THR C 147 -8.34 -43.50 -25.52
C THR C 147 -9.30 -44.68 -25.74
N ASN C 148 -8.75 -45.90 -25.61
CA ASN C 148 -9.53 -47.14 -25.78
C ASN C 148 -10.76 -47.26 -24.87
N LEU C 149 -10.74 -46.55 -23.73
CA LEU C 149 -11.86 -46.46 -22.80
C LEU C 149 -13.13 -45.88 -23.45
N LEU C 150 -12.93 -44.90 -24.35
CA LEU C 150 -14.03 -44.26 -25.07
C LEU C 150 -14.84 -45.19 -26.04
N SER C 151 -14.32 -46.39 -26.30
CA SER C 151 -15.03 -47.44 -27.08
C SER C 151 -16.30 -47.97 -26.38
N ALA C 152 -16.41 -47.69 -25.07
CA ALA C 152 -17.49 -48.19 -24.21
C ALA C 152 -18.82 -47.42 -24.28
N ILE C 153 -18.79 -46.16 -24.74
CA ILE C 153 -19.99 -45.30 -24.81
C ILE C 153 -21.07 -45.88 -25.77
N PRO C 154 -22.16 -46.43 -25.18
CA PRO C 154 -23.14 -47.30 -25.87
C PRO C 154 -23.16 -47.36 -27.44
N TYR C 155 -24.11 -46.67 -28.08
CA TYR C 155 -24.30 -46.71 -29.53
C TYR C 155 -23.17 -45.97 -30.31
N ILE C 156 -22.65 -44.89 -29.68
CA ILE C 156 -21.68 -43.93 -30.27
C ILE C 156 -20.19 -44.40 -30.18
N GLY C 157 -19.97 -45.52 -29.47
CA GLY C 157 -18.65 -46.09 -29.11
C GLY C 157 -17.43 -45.94 -29.99
N THR C 158 -17.34 -46.80 -31.02
CA THR C 158 -16.14 -46.90 -31.91
C THR C 158 -15.86 -45.67 -32.78
N ASN C 159 -16.92 -45.10 -33.39
CA ASN C 159 -16.81 -43.89 -34.23
C ASN C 159 -16.12 -42.70 -33.56
N LEU C 160 -16.30 -42.59 -32.22
CA LEU C 160 -15.72 -41.52 -31.41
C LEU C 160 -14.20 -41.70 -31.25
N VAL C 161 -13.79 -42.92 -30.89
CA VAL C 161 -12.38 -43.24 -30.61
C VAL C 161 -11.54 -43.14 -31.86
N GLU C 162 -12.10 -43.61 -32.97
CA GLU C 162 -11.47 -43.54 -34.27
C GLU C 162 -11.32 -42.08 -34.76
N TRP C 163 -12.30 -41.24 -34.40
CA TRP C 163 -12.33 -39.80 -34.75
C TRP C 163 -11.22 -39.02 -34.01
N ILE C 164 -11.03 -39.36 -32.74
CA ILE C 164 -9.95 -38.79 -31.92
C ILE C 164 -8.58 -39.39 -32.33
N TRP C 165 -8.60 -40.61 -32.89
CA TRP C 165 -7.40 -41.32 -33.32
C TRP C 165 -6.83 -40.84 -34.65
N GLY C 166 -7.72 -40.51 -35.60
CA GLY C 166 -7.35 -40.22 -36.98
C GLY C 166 -7.00 -41.50 -37.72
N GLY C 167 -7.64 -42.61 -37.30
CA GLY C 167 -7.34 -43.96 -37.77
C GLY C 167 -7.86 -45.07 -36.83
N PHE C 168 -7.17 -46.22 -36.84
CA PHE C 168 -7.59 -47.42 -36.07
C PHE C 168 -6.69 -47.73 -34.83
N SER C 169 -5.66 -46.89 -34.64
CA SER C 169 -4.74 -46.94 -33.47
C SER C 169 -4.21 -45.52 -33.16
N VAL C 170 -3.43 -45.41 -32.08
CA VAL C 170 -2.72 -44.16 -31.72
C VAL C 170 -1.53 -44.03 -32.69
N ASP C 171 -1.77 -43.38 -33.83
CA ASP C 171 -0.85 -43.38 -34.96
C ASP C 171 -0.04 -42.09 -35.19
N LYS C 172 0.29 -41.85 -36.46
CA LYS C 172 1.02 -40.69 -36.95
C LYS C 172 0.19 -39.43 -36.75
N ALA C 173 -1.08 -39.52 -37.18
CA ALA C 173 -2.05 -38.44 -37.13
C ALA C 173 -2.22 -37.89 -35.71
N THR C 174 -2.39 -38.82 -34.77
CA THR C 174 -2.60 -38.56 -33.34
C THR C 174 -1.51 -37.73 -32.65
N LEU C 175 -0.24 -37.94 -32.98
CA LEU C 175 0.87 -37.20 -32.35
C LEU C 175 0.76 -35.71 -32.61
N THR C 176 0.71 -35.39 -33.91
CA THR C 176 0.68 -34.04 -34.43
C THR C 176 -0.60 -33.31 -34.02
N ARG C 177 -1.71 -34.05 -34.07
CA ARG C 177 -3.02 -33.58 -33.66
C ARG C 177 -3.01 -33.22 -32.17
N PHE C 178 -2.47 -34.12 -31.34
CA PHE C 178 -2.29 -33.87 -29.90
C PHE C 178 -1.40 -32.65 -29.59
N PHE C 179 -0.40 -32.40 -30.45
CA PHE C 179 0.49 -31.23 -30.34
C PHE C 179 -0.25 -29.93 -30.51
N ALA C 180 -1.11 -29.87 -31.55
CA ALA C 180 -1.92 -28.69 -31.85
C ALA C 180 -2.83 -28.35 -30.68
N PHE C 181 -3.50 -29.39 -30.13
CA PHE C 181 -4.40 -29.23 -28.99
C PHE C 181 -3.69 -28.84 -27.70
N HIS C 182 -2.45 -29.32 -27.55
CA HIS C 182 -1.61 -29.03 -26.39
C HIS C 182 -0.99 -27.64 -26.47
N PHE C 183 -0.98 -27.05 -27.67
CA PHE C 183 -0.49 -25.68 -27.86
C PHE C 183 -1.58 -24.69 -27.48
N ILE C 184 -2.78 -24.92 -28.04
CA ILE C 184 -3.95 -24.05 -27.81
C ILE C 184 -4.54 -24.10 -26.38
N LEU C 185 -4.68 -25.30 -25.80
CA LEU C 185 -5.38 -25.44 -24.52
C LEU C 185 -4.90 -24.57 -23.31
N PRO C 186 -3.58 -24.37 -23.12
CA PRO C 186 -3.09 -23.45 -22.09
C PRO C 186 -3.53 -21.99 -22.28
N PHE C 187 -3.78 -21.56 -23.51
CA PHE C 187 -4.36 -20.24 -23.77
C PHE C 187 -5.83 -20.16 -23.40
N ILE C 188 -6.61 -21.18 -23.80
CA ILE C 188 -8.03 -21.28 -23.35
C ILE C 188 -8.07 -21.34 -21.81
N ILE C 189 -7.21 -22.19 -21.20
CA ILE C 189 -7.00 -22.21 -19.73
C ILE C 189 -6.88 -20.80 -19.16
N MET C 190 -5.98 -19.97 -19.76
CA MET C 190 -5.75 -18.59 -19.28
C MET C 190 -6.97 -17.71 -19.38
N ALA C 191 -7.68 -17.79 -20.51
CA ALA C 191 -8.94 -17.09 -20.67
C ALA C 191 -10.00 -17.51 -19.62
N ILE C 192 -10.18 -18.81 -19.42
CA ILE C 192 -11.09 -19.35 -18.38
C ILE C 192 -10.63 -18.96 -16.92
N ALA C 193 -9.32 -18.91 -16.72
CA ALA C 193 -8.72 -18.42 -15.47
C ALA C 193 -8.97 -16.93 -15.20
N MET C 194 -9.06 -16.11 -16.24
CA MET C 194 -9.44 -14.70 -15.97
C MET C 194 -10.94 -14.47 -15.59
N VAL C 195 -11.83 -15.34 -16.08
CA VAL C 195 -13.27 -15.31 -15.75
C VAL C 195 -13.42 -15.82 -14.32
N HIS C 196 -12.63 -16.88 -14.01
CA HIS C 196 -12.47 -17.41 -12.67
C HIS C 196 -12.18 -16.27 -11.68
N LEU C 197 -11.19 -15.42 -12.02
CA LEU C 197 -10.85 -14.23 -11.24
C LEU C 197 -11.93 -13.12 -11.28
N LEU C 198 -12.74 -13.08 -12.34
CA LEU C 198 -13.82 -12.08 -12.44
C LEU C 198 -14.90 -12.42 -11.44
N PHE C 199 -15.52 -13.61 -11.60
CA PHE C 199 -16.51 -14.15 -10.65
C PHE C 199 -16.03 -14.05 -9.18
N LEU C 200 -14.75 -14.38 -8.91
CA LEU C 200 -14.17 -14.25 -7.56
C LEU C 200 -14.22 -12.85 -6.99
N HIS C 201 -13.74 -11.87 -7.76
CA HIS C 201 -13.67 -10.47 -7.29
C HIS C 201 -15.03 -9.83 -6.99
N GLU C 202 -16.08 -10.44 -7.57
CA GLU C 202 -17.49 -10.10 -7.28
C GLU C 202 -17.91 -10.31 -5.79
N THR C 203 -17.17 -11.17 -5.07
CA THR C 203 -17.38 -11.38 -3.62
C THR C 203 -16.14 -11.06 -2.77
N GLY C 204 -14.96 -11.14 -3.38
CA GLY C 204 -13.71 -11.13 -2.65
C GLY C 204 -13.44 -12.55 -2.16
N SER C 205 -12.27 -12.71 -1.53
CA SER C 205 -11.85 -14.02 -1.04
C SER C 205 -12.69 -14.47 0.18
N ASN C 206 -12.76 -15.79 0.38
CA ASN C 206 -13.18 -16.41 1.65
C ASN C 206 -11.95 -16.33 2.57
N ASN C 207 -12.12 -16.69 3.85
CA ASN C 207 -11.01 -16.76 4.83
C ASN C 207 -11.08 -18.06 5.68
N PRO C 208 -10.01 -18.43 6.45
CA PRO C 208 -10.03 -19.63 7.31
C PRO C 208 -11.25 -19.83 8.23
N THR C 209 -11.90 -18.75 8.66
CA THR C 209 -13.00 -18.85 9.62
C THR C 209 -14.36 -19.16 8.96
N GLY C 210 -14.51 -18.73 7.72
CA GLY C 210 -15.78 -18.85 7.01
C GLY C 210 -16.81 -17.78 7.37
N ILE C 211 -16.47 -16.93 8.33
CA ILE C 211 -17.26 -15.72 8.65
C ILE C 211 -16.80 -14.64 7.70
N SER C 212 -17.70 -13.70 7.37
CA SER C 212 -17.36 -12.62 6.44
C SER C 212 -16.33 -11.65 7.05
N SER C 213 -15.41 -11.20 6.20
CA SER C 213 -14.27 -10.39 6.61
C SER C 213 -14.38 -8.92 6.25
N ASP C 214 -15.61 -8.49 5.88
CA ASP C 214 -15.89 -7.09 5.49
C ASP C 214 -15.54 -6.07 6.57
N VAL C 215 -15.46 -6.57 7.81
CA VAL C 215 -15.20 -5.77 8.99
C VAL C 215 -13.70 -5.62 9.27
N ASP C 216 -12.88 -6.36 8.51
CA ASP C 216 -11.41 -6.35 8.66
C ASP C 216 -10.66 -6.65 7.35
N LYS C 217 -10.94 -5.82 6.33
CA LYS C 217 -10.30 -5.96 5.02
C LYS C 217 -9.03 -5.13 4.97
N ILE C 218 -7.98 -5.71 4.38
CA ILE C 218 -6.70 -4.99 4.10
C ILE C 218 -6.37 -4.99 2.58
N PRO C 219 -5.61 -3.99 2.09
CA PRO C 219 -5.37 -3.87 0.63
C PRO C 219 -4.36 -4.89 0.08
N PHE C 220 -4.74 -5.54 -1.02
CA PHE C 220 -3.92 -6.61 -1.63
C PHE C 220 -2.42 -6.24 -1.78
N HIS C 221 -2.12 -4.95 -1.94
CA HIS C 221 -0.76 -4.42 -1.91
C HIS C 221 -0.65 -3.52 -0.63
N PRO C 222 0.44 -3.62 0.16
CA PRO C 222 1.61 -4.50 -0.11
C PRO C 222 1.52 -5.93 0.47
N TYR C 223 0.53 -6.17 1.34
CA TYR C 223 0.44 -7.41 2.15
C TYR C 223 0.43 -8.72 1.39
N TYR C 224 -0.44 -8.81 0.38
CA TYR C 224 -0.48 -10.00 -0.46
C TYR C 224 0.41 -9.98 -1.70
N THR C 225 0.92 -8.80 -2.07
CA THR C 225 1.98 -8.70 -3.09
C THR C 225 3.21 -9.40 -2.55
N ILE C 226 3.61 -9.04 -1.33
CA ILE C 226 4.79 -9.59 -0.67
C ILE C 226 4.64 -11.04 -0.17
N LYS C 227 3.43 -11.40 0.28
CA LYS C 227 3.12 -12.79 0.65
C LYS C 227 3.14 -13.71 -0.57
N ASP C 228 2.72 -13.19 -1.73
CA ASP C 228 2.77 -13.97 -2.98
C ASP C 228 4.20 -14.02 -3.57
N ILE C 229 4.98 -12.94 -3.34
CA ILE C 229 6.39 -12.88 -3.74
C ILE C 229 7.20 -13.93 -3.00
N LEU C 230 7.01 -14.01 -1.67
CA LEU C 230 7.67 -15.04 -0.82
C LEU C 230 7.26 -16.46 -1.21
N GLY C 231 5.95 -16.65 -1.44
CA GLY C 231 5.35 -17.92 -1.84
C GLY C 231 5.86 -18.43 -3.16
N ALA C 232 6.09 -17.53 -4.11
CA ALA C 232 6.64 -17.88 -5.43
C ALA C 232 8.09 -18.33 -5.36
N LEU C 233 8.84 -17.76 -4.41
CA LEU C 233 10.23 -18.12 -4.16
C LEU C 233 10.32 -19.57 -3.69
N LEU C 234 9.37 -19.98 -2.84
CA LEU C 234 9.24 -21.37 -2.40
C LEU C 234 8.88 -22.33 -3.52
N LEU C 235 8.01 -21.88 -4.45
CA LEU C 235 7.63 -22.67 -5.64
C LEU C 235 8.81 -22.93 -6.53
N ILE C 236 9.62 -21.89 -6.77
CA ILE C 236 10.83 -22.02 -7.57
C ILE C 236 11.82 -22.98 -6.88
N LEU C 237 11.95 -22.88 -5.54
CA LEU C 237 12.75 -23.85 -4.75
C LEU C 237 12.29 -25.31 -4.97
N ALA C 238 10.99 -25.56 -4.77
CA ALA C 238 10.40 -26.90 -4.97
C ALA C 238 10.45 -27.38 -6.44
N LEU C 239 10.26 -26.47 -7.39
CA LEU C 239 10.38 -26.81 -8.82
C LEU C 239 11.85 -27.01 -9.25
N MET C 240 12.76 -26.19 -8.71
CA MET C 240 14.19 -26.25 -9.10
C MET C 240 15.04 -27.30 -8.41
N LEU C 241 14.70 -27.67 -7.17
CA LEU C 241 15.29 -28.84 -6.52
C LEU C 241 14.93 -30.11 -7.30
N LEU C 242 13.69 -30.14 -7.78
CA LEU C 242 13.16 -31.22 -8.62
C LEU C 242 13.78 -31.28 -10.01
N VAL C 243 14.33 -30.15 -10.49
CA VAL C 243 14.90 -30.03 -11.86
C VAL C 243 16.42 -30.20 -11.88
N LEU C 244 17.09 -29.60 -10.89
CA LEU C 244 18.56 -29.60 -10.83
C LEU C 244 19.18 -30.74 -9.98
N PHE C 245 18.33 -31.53 -9.35
CA PHE C 245 18.79 -32.67 -8.56
C PHE C 245 18.12 -33.97 -8.90
N ALA C 246 16.82 -33.94 -9.15
CA ALA C 246 16.08 -35.17 -9.45
C ALA C 246 15.07 -35.02 -10.62
N PRO C 247 15.57 -34.77 -11.84
CA PRO C 247 14.71 -34.46 -13.00
C PRO C 247 13.79 -35.60 -13.49
N ASP C 248 14.05 -36.82 -13.04
CA ASP C 248 13.27 -38.00 -13.45
C ASP C 248 12.64 -38.77 -12.29
N LEU C 249 12.74 -38.21 -11.08
CA LEU C 249 12.20 -38.85 -9.85
C LEU C 249 10.71 -39.20 -10.02
N LEU C 250 9.98 -38.26 -10.61
CA LEU C 250 8.54 -38.38 -10.89
C LEU C 250 8.29 -39.02 -12.24
N GLY C 251 9.38 -39.22 -13.01
CA GLY C 251 9.32 -39.71 -14.37
C GLY C 251 9.47 -41.20 -14.51
N ASP C 252 8.76 -41.75 -15.48
CA ASP C 252 8.82 -43.17 -15.80
C ASP C 252 9.93 -43.48 -16.85
N PRO C 253 10.86 -44.42 -16.51
CA PRO C 253 11.97 -44.81 -17.41
C PRO C 253 11.59 -45.33 -18.80
N ASP C 254 10.40 -45.93 -18.95
CA ASP C 254 9.91 -46.44 -20.25
C ASP C 254 9.82 -45.39 -21.35
N ASN C 255 9.51 -44.15 -20.95
CA ASN C 255 9.45 -43.02 -21.87
C ASN C 255 10.78 -42.59 -22.48
N TYR C 256 11.87 -43.24 -22.05
CA TYR C 256 13.22 -43.04 -22.59
C TYR C 256 13.60 -44.04 -23.70
N THR C 257 12.64 -44.86 -24.11
CA THR C 257 12.77 -45.73 -25.29
C THR C 257 11.64 -45.39 -26.27
N PRO C 258 11.98 -45.15 -27.56
CA PRO C 258 10.96 -44.82 -28.60
C PRO C 258 9.81 -45.81 -28.67
N ALA C 259 8.65 -45.29 -29.02
CA ALA C 259 7.39 -46.05 -29.08
C ALA C 259 7.44 -47.27 -29.99
N ASN C 260 6.94 -48.39 -29.46
CA ASN C 260 6.78 -49.62 -30.22
C ASN C 260 5.31 -50.11 -30.11
N PRO C 261 4.52 -49.99 -31.21
CA PRO C 261 3.08 -50.32 -31.21
C PRO C 261 2.76 -51.82 -31.06
N LEU C 262 3.80 -52.65 -31.06
CA LEU C 262 3.68 -54.11 -30.93
C LEU C 262 4.05 -54.54 -29.51
N ASN C 263 5.31 -54.26 -29.12
CA ASN C 263 5.83 -54.56 -27.78
C ASN C 263 5.22 -53.61 -26.72
N THR C 264 4.32 -54.17 -25.91
CA THR C 264 3.63 -53.45 -24.82
C THR C 264 4.33 -53.71 -23.46
N PRO C 265 4.65 -52.64 -22.70
CA PRO C 265 5.44 -52.74 -21.44
C PRO C 265 4.71 -53.51 -20.31
N PRO C 266 5.43 -54.00 -19.28
CA PRO C 266 4.77 -54.75 -18.17
C PRO C 266 3.86 -53.89 -17.27
N HIS C 267 4.37 -52.76 -16.78
CA HIS C 267 3.58 -51.78 -16.01
C HIS C 267 3.13 -50.63 -16.93
N ILE C 268 1.89 -50.17 -16.74
CA ILE C 268 1.36 -49.00 -17.47
C ILE C 268 1.18 -47.88 -16.41
N LYS C 269 2.27 -47.16 -16.15
CA LYS C 269 2.30 -46.19 -15.04
C LYS C 269 2.07 -44.71 -15.46
N PRO C 270 0.88 -44.15 -15.11
CA PRO C 270 0.65 -42.71 -15.22
C PRO C 270 1.66 -41.89 -14.43
N GLU C 271 1.79 -40.61 -14.80
CA GLU C 271 2.45 -39.63 -13.96
C GLU C 271 1.58 -39.49 -12.69
N TRP C 272 2.25 -39.31 -11.53
CA TRP C 272 1.57 -39.33 -10.21
C TRP C 272 0.18 -38.68 -10.10
N TYR C 273 -0.01 -37.59 -10.83
CA TYR C 273 -1.25 -36.80 -10.79
C TYR C 273 -2.48 -37.45 -11.43
N PHE C 274 -2.28 -38.58 -12.08
CA PHE C 274 -3.38 -39.36 -12.64
C PHE C 274 -3.64 -40.72 -11.89
N LEU C 275 -2.76 -41.04 -10.93
CA LEU C 275 -2.75 -42.33 -10.23
C LEU C 275 -4.00 -42.65 -9.41
N PHE C 276 -4.47 -41.67 -8.64
CA PHE C 276 -5.72 -41.81 -7.88
C PHE C 276 -6.95 -42.11 -8.81
N ALA C 277 -6.99 -41.42 -9.96
CA ALA C 277 -8.07 -41.52 -10.97
C ALA C 277 -7.99 -42.81 -11.76
N TYR C 278 -6.74 -43.22 -12.08
CA TYR C 278 -6.42 -44.50 -12.72
C TYR C 278 -6.91 -45.66 -11.84
N ALA C 279 -6.61 -45.56 -10.53
CA ALA C 279 -7.07 -46.53 -9.54
C ALA C 279 -8.58 -46.67 -9.53
N ILE C 280 -9.30 -45.55 -9.37
CA ILE C 280 -10.78 -45.54 -9.38
C ILE C 280 -11.34 -46.25 -10.64
N LEU C 281 -10.74 -45.97 -11.80
CA LEU C 281 -11.11 -46.55 -13.09
C LEU C 281 -10.86 -48.08 -13.21
N ARG C 282 -9.66 -48.52 -12.81
CA ARG C 282 -9.23 -49.92 -12.92
C ARG C 282 -9.96 -50.88 -11.94
N SER C 283 -10.47 -50.30 -10.85
CA SER C 283 -11.14 -51.02 -9.78
C SER C 283 -12.45 -51.66 -10.20
N ILE C 284 -13.21 -50.92 -11.02
CA ILE C 284 -14.50 -51.39 -11.54
C ILE C 284 -14.25 -52.26 -12.79
N PRO C 285 -14.80 -53.50 -12.82
CA PRO C 285 -14.55 -54.44 -13.93
C PRO C 285 -15.16 -54.02 -15.25
N ASN C 286 -16.43 -53.55 -15.24
CA ASN C 286 -17.16 -53.14 -16.44
C ASN C 286 -16.48 -52.01 -17.22
N LYS C 287 -16.60 -52.08 -18.55
CA LYS C 287 -16.05 -51.10 -19.48
C LYS C 287 -16.73 -49.70 -19.36
N LEU C 288 -18.07 -49.68 -19.51
CA LEU C 288 -18.91 -48.46 -19.46
C LEU C 288 -18.80 -47.81 -18.11
N GLY C 289 -18.88 -48.65 -17.08
CA GLY C 289 -18.84 -48.24 -15.68
C GLY C 289 -17.51 -47.69 -15.26
N GLY C 290 -16.43 -48.25 -15.81
CA GLY C 290 -15.08 -47.78 -15.55
C GLY C 290 -14.88 -46.31 -15.90
N VAL C 291 -15.23 -45.97 -17.14
CA VAL C 291 -15.13 -44.61 -17.67
C VAL C 291 -16.06 -43.66 -16.95
N LEU C 292 -17.29 -44.12 -16.68
CA LEU C 292 -18.28 -43.31 -15.98
C LEU C 292 -17.89 -43.04 -14.53
N ALA C 293 -17.10 -43.95 -13.93
CA ALA C 293 -16.54 -43.73 -12.59
C ALA C 293 -15.36 -42.78 -12.60
N LEU C 294 -14.52 -42.86 -13.66
CA LEU C 294 -13.40 -41.92 -13.85
C LEU C 294 -13.93 -40.49 -14.04
N ALA C 295 -14.92 -40.36 -14.94
CA ALA C 295 -15.63 -39.12 -15.17
C ALA C 295 -16.21 -38.60 -13.85
N PHE C 296 -16.94 -39.48 -13.13
CA PHE C 296 -17.59 -39.12 -11.84
C PHE C 296 -16.56 -38.70 -10.79
N SER C 297 -15.36 -39.27 -10.86
CA SER C 297 -14.28 -39.01 -9.87
C SER C 297 -13.88 -37.54 -9.76
N ILE C 298 -14.03 -36.81 -10.88
CA ILE C 298 -13.72 -35.39 -10.94
C ILE C 298 -14.99 -34.53 -10.95
N LEU C 299 -16.00 -34.88 -11.78
CA LEU C 299 -17.29 -34.14 -11.84
C LEU C 299 -18.07 -34.12 -10.52
N ILE C 300 -17.65 -34.97 -9.58
CA ILE C 300 -18.18 -34.99 -8.23
C ILE C 300 -18.05 -33.63 -7.51
N LEU C 301 -16.96 -32.89 -7.79
CA LEU C 301 -16.72 -31.58 -7.18
C LEU C 301 -17.81 -30.57 -7.49
N ALA C 302 -18.48 -30.77 -8.64
CA ALA C 302 -19.65 -29.98 -9.01
C ALA C 302 -20.89 -30.31 -8.14
N LEU C 303 -20.88 -31.45 -7.44
CA LEU C 303 -21.95 -31.79 -6.51
C LEU C 303 -21.74 -31.26 -5.08
N ILE C 304 -20.48 -31.12 -4.65
CA ILE C 304 -20.14 -30.72 -3.26
C ILE C 304 -20.98 -29.53 -2.67
N PRO C 305 -21.11 -28.39 -3.37
CA PRO C 305 -22.02 -27.32 -2.97
C PRO C 305 -23.47 -27.77 -2.72
N LEU C 306 -24.05 -28.63 -3.59
CA LEU C 306 -25.43 -29.12 -3.39
C LEU C 306 -25.53 -29.98 -2.14
N LEU C 307 -24.37 -30.44 -1.68
CA LEU C 307 -24.22 -31.31 -0.52
C LEU C 307 -23.51 -30.59 0.65
N HIS C 308 -23.64 -29.27 0.71
CA HIS C 308 -23.30 -28.54 1.92
C HIS C 308 -24.52 -28.60 2.83
N THR C 309 -24.30 -29.16 4.03
CA THR C 309 -25.37 -29.41 5.00
C THR C 309 -25.20 -28.57 6.29
N SER C 310 -23.96 -28.15 6.53
CA SER C 310 -23.55 -27.43 7.72
C SER C 310 -24.03 -25.98 7.76
N LYS C 311 -24.38 -25.53 8.97
CA LYS C 311 -24.77 -24.15 9.23
C LYS C 311 -23.56 -23.22 9.20
N GLN C 312 -22.40 -23.75 9.59
CA GLN C 312 -21.13 -23.04 9.41
C GLN C 312 -20.58 -23.26 8.00
N ARG C 313 -19.72 -22.32 7.55
CA ARG C 313 -19.12 -22.39 6.21
C ARG C 313 -17.88 -23.28 6.19
N SER C 314 -16.98 -23.06 7.14
CA SER C 314 -15.66 -23.67 7.16
C SER C 314 -15.59 -24.92 8.04
N MET C 315 -14.57 -25.74 7.81
CA MET C 315 -14.30 -26.87 8.69
C MET C 315 -13.50 -26.49 9.96
N MET C 316 -13.00 -25.23 9.99
CA MET C 316 -12.21 -24.67 11.10
C MET C 316 -12.75 -24.92 12.52
N PHE C 317 -14.08 -24.81 12.67
CA PHE C 317 -14.80 -25.10 13.94
C PHE C 317 -15.62 -26.40 13.88
N ARG C 318 -15.32 -27.26 12.91
CA ARG C 318 -16.07 -28.50 12.70
C ARG C 318 -15.17 -29.79 12.88
N PRO C 319 -14.97 -30.25 14.12
CA PRO C 319 -14.10 -31.43 14.40
C PRO C 319 -14.47 -32.74 13.65
N LEU C 320 -15.73 -33.21 13.67
CA LEU C 320 -16.10 -34.43 12.94
C LEU C 320 -15.80 -34.31 11.46
N SER C 321 -16.08 -33.15 10.89
CA SER C 321 -15.83 -32.87 9.45
C SER C 321 -14.34 -32.83 9.09
N GLN C 322 -13.54 -32.31 10.01
CA GLN C 322 -12.08 -32.36 9.90
C GLN C 322 -11.55 -33.80 9.75
N CYS C 323 -12.07 -34.73 10.56
CA CYS C 323 -11.65 -36.14 10.54
C CYS C 323 -12.06 -36.80 9.25
N LEU C 324 -13.30 -36.55 8.84
CA LEU C 324 -13.81 -36.99 7.55
C LEU C 324 -13.08 -36.41 6.34
N PHE C 325 -12.54 -35.20 6.47
CA PHE C 325 -11.71 -34.55 5.41
C PHE C 325 -10.37 -35.26 5.22
N TRP C 326 -9.69 -35.52 6.35
CA TRP C 326 -8.37 -36.10 6.31
C TRP C 326 -8.41 -37.56 5.95
N ALA C 327 -9.54 -38.20 6.28
CA ALA C 327 -9.92 -39.51 5.76
C ALA C 327 -9.95 -39.48 4.22
N LEU C 328 -10.51 -38.39 3.64
CA LEU C 328 -10.55 -38.18 2.18
C LEU C 328 -9.15 -37.98 1.59
N VAL C 329 -8.32 -37.19 2.27
CA VAL C 329 -6.92 -36.99 1.84
C VAL C 329 -6.11 -38.28 1.91
N ALA C 330 -6.12 -38.95 3.08
CA ALA C 330 -5.44 -40.26 3.28
C ALA C 330 -5.95 -41.33 2.35
N ASP C 331 -7.28 -41.34 2.11
CA ASP C 331 -7.89 -42.23 1.11
C ASP C 331 -7.41 -41.92 -0.31
N LEU C 332 -7.28 -40.63 -0.63
CA LEU C 332 -6.72 -40.23 -1.93
C LEU C 332 -5.24 -40.59 -2.05
N LEU C 333 -4.54 -40.61 -0.89
CA LEU C 333 -3.15 -41.03 -0.85
C LEU C 333 -3.04 -42.52 -1.14
N THR C 334 -4.07 -43.27 -0.69
CA THR C 334 -4.22 -44.73 -0.95
C THR C 334 -4.44 -45.00 -2.46
N LEU C 335 -5.46 -44.35 -3.03
CA LEU C 335 -5.77 -44.44 -4.47
C LEU C 335 -4.53 -44.16 -5.36
N THR C 336 -3.72 -43.18 -4.93
CA THR C 336 -2.46 -42.81 -5.58
C THR C 336 -1.49 -43.99 -5.62
N TRP C 337 -1.03 -44.42 -4.44
CA TRP C 337 -0.12 -45.55 -4.28
C TRP C 337 -0.58 -46.81 -5.05
N ILE C 338 -1.88 -47.16 -4.91
CA ILE C 338 -2.52 -48.32 -5.61
C ILE C 338 -2.52 -48.18 -7.15
N GLY C 339 -2.78 -46.95 -7.64
CA GLY C 339 -2.73 -46.63 -9.07
C GLY C 339 -1.39 -46.96 -9.71
N GLY C 340 -0.31 -46.68 -8.95
CA GLY C 340 1.05 -47.07 -9.31
C GLY C 340 1.45 -48.54 -8.97
N GLN C 341 0.43 -49.40 -8.79
CA GLN C 341 0.62 -50.85 -8.53
C GLN C 341 -0.21 -51.74 -9.50
N PRO C 342 0.28 -52.97 -9.80
CA PRO C 342 -0.45 -53.90 -10.68
C PRO C 342 -1.74 -54.42 -10.03
N VAL C 343 -2.64 -54.97 -10.86
CA VAL C 343 -3.97 -55.44 -10.41
C VAL C 343 -4.00 -56.88 -9.77
N GLU C 344 -2.94 -57.20 -9.01
CA GLU C 344 -2.81 -58.46 -8.27
C GLU C 344 -3.47 -58.42 -6.86
N HIS C 345 -3.45 -59.57 -6.15
CA HIS C 345 -4.24 -59.84 -4.92
C HIS C 345 -4.54 -58.76 -3.81
N PRO C 346 -3.53 -58.22 -3.07
CA PRO C 346 -3.85 -57.22 -2.00
C PRO C 346 -4.41 -55.89 -2.60
N TYR C 347 -4.09 -55.69 -3.87
CA TYR C 347 -4.32 -54.44 -4.52
C TYR C 347 -5.69 -54.28 -5.19
N ILE C 348 -6.24 -55.39 -5.72
CA ILE C 348 -7.64 -55.41 -6.24
C ILE C 348 -8.62 -54.98 -5.16
N THR C 349 -8.55 -55.67 -4.01
CA THR C 349 -9.48 -55.50 -2.89
C THR C 349 -9.44 -54.12 -2.29
N ILE C 350 -8.27 -53.70 -1.79
CA ILE C 350 -8.18 -52.40 -1.10
C ILE C 350 -8.37 -51.22 -2.04
N GLY C 351 -7.99 -51.42 -3.31
CA GLY C 351 -8.18 -50.44 -4.38
C GLY C 351 -9.65 -50.22 -4.71
N GLN C 352 -10.41 -51.33 -4.79
CA GLN C 352 -11.87 -51.30 -4.95
C GLN C 352 -12.54 -50.67 -3.73
N LEU C 353 -11.98 -50.95 -2.55
CA LEU C 353 -12.52 -50.52 -1.26
C LEU C 353 -12.41 -49.04 -1.08
N ALA C 354 -11.20 -48.52 -1.35
CA ALA C 354 -10.91 -47.08 -1.33
C ALA C 354 -11.82 -46.29 -2.30
N SER C 355 -12.08 -46.89 -3.50
CA SER C 355 -12.99 -46.32 -4.53
C SER C 355 -14.40 -46.04 -3.99
N VAL C 356 -15.03 -47.09 -3.44
CA VAL C 356 -16.30 -46.98 -2.67
C VAL C 356 -16.21 -45.88 -1.58
N LEU C 357 -15.09 -45.84 -0.83
CA LEU C 357 -14.88 -44.84 0.25
C LEU C 357 -14.82 -43.39 -0.25
N TYR C 358 -14.11 -43.15 -1.36
CA TYR C 358 -14.07 -41.82 -1.98
C TYR C 358 -15.49 -41.28 -2.17
N PHE C 359 -16.33 -42.11 -2.82
CA PHE C 359 -17.72 -41.77 -3.11
C PHE C 359 -18.64 -41.74 -1.91
N LEU C 360 -18.54 -42.74 -1.02
CA LEU C 360 -19.35 -42.77 0.22
C LEU C 360 -18.99 -41.63 1.18
N LEU C 361 -17.73 -41.22 1.16
CA LEU C 361 -17.25 -40.13 1.99
C LEU C 361 -17.82 -38.76 1.55
N ILE C 362 -17.72 -38.45 0.24
CA ILE C 362 -18.25 -37.21 -0.34
C ILE C 362 -19.79 -37.25 -0.47
N LEU C 363 -20.33 -38.36 -0.99
CA LEU C 363 -21.75 -38.43 -1.32
C LEU C 363 -22.69 -38.67 -0.13
N VAL C 364 -22.14 -39.17 0.98
CA VAL C 364 -22.96 -39.62 2.13
C VAL C 364 -22.37 -39.20 3.46
N LEU C 365 -21.09 -39.50 3.69
CA LEU C 365 -20.47 -39.41 5.02
C LEU C 365 -20.27 -38.00 5.54
N MET C 366 -19.63 -37.14 4.72
CA MET C 366 -19.41 -35.74 5.08
C MET C 366 -20.72 -34.90 5.15
N PRO C 367 -21.70 -35.12 4.23
CA PRO C 367 -23.05 -34.57 4.40
C PRO C 367 -23.82 -34.99 5.66
N THR C 368 -23.49 -36.15 6.23
CA THR C 368 -24.10 -36.60 7.47
C THR C 368 -23.42 -35.93 8.67
N ALA C 369 -22.06 -35.87 8.64
CA ALA C 369 -21.27 -35.23 9.70
C ALA C 369 -21.74 -33.81 9.98
N GLY C 370 -22.02 -33.08 8.89
CA GLY C 370 -22.53 -31.71 8.96
C GLY C 370 -23.90 -31.60 9.62
N THR C 371 -24.83 -32.52 9.31
CA THR C 371 -26.14 -32.60 9.97
C THR C 371 -26.01 -32.87 11.49
N ILE C 372 -25.16 -33.85 11.85
CA ILE C 372 -24.88 -34.16 13.27
C ILE C 372 -24.22 -32.95 13.97
N GLU C 373 -23.23 -32.34 13.31
CA GLU C 373 -22.48 -31.21 13.87
C GLU C 373 -23.40 -30.02 14.14
N ASN C 374 -24.39 -29.83 13.26
CA ASN C 374 -25.44 -28.82 13.43
C ASN C 374 -26.28 -29.12 14.67
N LYS C 375 -26.59 -30.41 14.87
CA LYS C 375 -27.50 -30.84 15.91
C LYS C 375 -26.87 -30.70 17.29
N LEU C 376 -25.55 -30.95 17.35
CA LEU C 376 -24.76 -30.84 18.59
C LEU C 376 -24.63 -29.38 19.08
N LEU C 377 -24.62 -28.42 18.13
CA LEU C 377 -24.70 -26.99 18.46
C LEU C 377 -26.14 -26.44 18.70
N LYS C 378 -27.13 -27.36 18.65
CA LYS C 378 -28.59 -27.09 18.77
C LYS C 378 -29.08 -26.09 17.73
N TRP C 379 -28.52 -26.22 16.52
CA TRP C 379 -28.80 -25.30 15.43
C TRP C 379 -29.95 -25.73 14.57
N SER D 1 9.24 -68.24 -14.99
CA SER D 1 9.32 -67.37 -13.80
C SER D 1 9.03 -65.89 -14.12
N ASP D 2 8.54 -65.16 -13.12
CA ASP D 2 8.24 -63.72 -13.21
C ASP D 2 8.82 -62.90 -12.03
N LEU D 3 8.91 -63.55 -10.85
CA LEU D 3 9.43 -62.96 -9.58
C LEU D 3 10.85 -62.41 -9.71
N GLU D 4 11.09 -61.23 -9.12
CA GLU D 4 12.28 -60.41 -9.41
C GLU D 4 13.33 -60.31 -8.28
N LEU D 5 14.48 -59.71 -8.63
CA LEU D 5 15.53 -59.27 -7.68
C LEU D 5 16.04 -57.91 -8.17
N HIS D 6 16.25 -56.99 -7.21
CA HIS D 6 16.67 -55.61 -7.51
C HIS D 6 18.18 -55.36 -7.27
N PRO D 7 18.79 -54.43 -8.05
CA PRO D 7 20.18 -53.96 -7.80
C PRO D 7 20.38 -53.37 -6.37
N PRO D 8 21.59 -53.49 -5.79
CA PRO D 8 21.88 -52.89 -4.48
C PRO D 8 21.97 -51.34 -4.57
N SER D 9 23.16 -50.75 -4.41
CA SER D 9 23.41 -49.30 -4.51
C SER D 9 24.90 -49.05 -4.42
N TYR D 10 25.60 -49.31 -5.53
CA TYR D 10 27.07 -49.16 -5.58
C TYR D 10 27.41 -47.65 -5.47
N PRO D 11 28.35 -47.27 -4.59
CA PRO D 11 28.58 -45.86 -4.26
C PRO D 11 29.44 -45.08 -5.29
N TRP D 12 28.82 -44.80 -6.46
CA TRP D 12 29.47 -44.12 -7.59
C TRP D 12 30.01 -42.75 -7.20
N SER D 13 31.03 -42.27 -7.94
CA SER D 13 31.64 -40.97 -7.66
C SER D 13 30.77 -39.74 -8.08
N HIS D 14 29.56 -40.02 -8.58
CA HIS D 14 28.62 -38.99 -9.10
C HIS D 14 27.17 -39.09 -8.56
N ARG D 15 26.81 -40.26 -8.00
CA ARG D 15 25.50 -40.47 -7.37
C ARG D 15 25.44 -39.95 -5.92
N GLY D 16 26.55 -39.33 -5.47
CA GLY D 16 26.57 -38.50 -4.27
C GLY D 16 25.61 -37.33 -4.46
N LEU D 17 25.06 -36.82 -3.36
CA LEU D 17 23.92 -35.85 -3.37
C LEU D 17 24.13 -34.44 -4.07
N LEU D 18 25.30 -34.28 -4.72
CA LEU D 18 25.79 -32.99 -5.26
C LEU D 18 27.08 -33.15 -6.13
N SER D 19 27.60 -34.38 -6.25
CA SER D 19 28.94 -34.64 -6.87
C SER D 19 28.95 -34.95 -8.38
N SER D 20 29.98 -34.44 -9.08
CA SER D 20 30.13 -34.58 -10.55
C SER D 20 30.65 -35.95 -10.98
N LEU D 21 30.64 -36.19 -12.30
CA LEU D 21 31.18 -37.42 -12.89
C LEU D 21 32.71 -37.46 -12.80
N ASP D 22 33.25 -38.69 -12.68
CA ASP D 22 34.68 -38.96 -12.71
C ASP D 22 35.10 -38.94 -14.20
N HIS D 23 35.76 -37.85 -14.61
CA HIS D 23 36.14 -37.59 -16.00
C HIS D 23 37.20 -38.52 -16.58
N THR D 24 38.04 -39.06 -15.70
CA THR D 24 39.04 -40.05 -16.05
C THR D 24 38.38 -41.38 -16.42
N SER D 25 37.23 -41.67 -15.80
CA SER D 25 36.54 -42.94 -16.00
C SER D 25 35.42 -42.92 -17.07
N ILE D 26 34.98 -41.71 -17.45
CA ILE D 26 34.11 -41.52 -18.65
C ILE D 26 34.93 -41.91 -19.87
N ARG D 27 36.21 -41.51 -19.86
CA ARG D 27 37.21 -41.84 -20.88
C ARG D 27 37.35 -43.34 -21.08
N ARG D 28 37.66 -44.05 -19.98
CA ARG D 28 37.90 -45.52 -19.98
C ARG D 28 36.68 -46.27 -20.50
N GLY D 29 35.50 -45.82 -20.07
CA GLY D 29 34.21 -46.39 -20.45
C GLY D 29 33.82 -46.24 -21.91
N PHE D 30 34.33 -45.18 -22.58
CA PHE D 30 34.13 -44.97 -24.03
C PHE D 30 34.75 -46.13 -24.82
N GLN D 31 35.98 -46.52 -24.42
CA GLN D 31 36.70 -47.65 -25.01
C GLN D 31 35.92 -48.96 -24.83
N VAL D 32 35.31 -49.13 -23.64
CA VAL D 32 34.47 -50.31 -23.30
C VAL D 32 33.19 -50.39 -24.18
N TYR D 33 32.85 -49.26 -24.81
CA TYR D 33 31.85 -49.25 -25.86
C TYR D 33 32.51 -49.43 -27.27
N LYS D 34 33.68 -48.80 -27.44
CA LYS D 34 34.38 -48.66 -28.75
C LYS D 34 34.77 -49.96 -29.53
N GLN D 35 35.36 -50.96 -28.81
CA GLN D 35 35.75 -52.22 -29.49
C GLN D 35 35.05 -53.46 -28.90
N VAL D 36 34.06 -53.23 -27.99
CA VAL D 36 33.27 -54.33 -27.32
C VAL D 36 31.77 -54.23 -27.60
N CYS D 37 31.11 -53.19 -27.13
CA CYS D 37 29.69 -53.08 -27.40
C CYS D 37 29.38 -52.30 -28.68
N SER D 38 30.35 -51.89 -29.48
CA SER D 38 30.01 -51.21 -30.75
C SER D 38 29.51 -52.24 -31.78
N SER D 39 29.73 -53.56 -31.59
CA SER D 39 29.41 -54.55 -32.65
C SER D 39 28.00 -55.14 -32.62
N CYS D 40 27.23 -54.81 -31.60
CA CYS D 40 25.80 -55.19 -31.55
C CYS D 40 24.98 -54.07 -30.95
N HIS D 41 25.57 -52.93 -30.64
CA HIS D 41 24.81 -51.95 -29.86
C HIS D 41 24.90 -50.54 -30.44
N SER D 42 23.74 -50.01 -30.86
CA SER D 42 23.64 -48.64 -31.40
C SER D 42 23.75 -47.57 -30.30
N MET D 43 24.31 -46.42 -30.68
CA MET D 43 24.41 -45.25 -29.78
C MET D 43 24.09 -43.97 -30.56
N ASP D 44 23.00 -44.06 -31.36
CA ASP D 44 22.56 -43.04 -32.33
C ASP D 44 22.57 -41.57 -31.89
N TYR D 45 22.46 -41.29 -30.59
CA TYR D 45 22.38 -39.92 -30.07
C TYR D 45 23.68 -39.28 -29.54
N VAL D 46 24.78 -40.03 -29.61
CA VAL D 46 26.10 -39.51 -29.21
C VAL D 46 27.03 -39.40 -30.42
N ALA D 47 27.49 -38.18 -30.68
CA ALA D 47 28.43 -37.88 -31.75
C ALA D 47 29.86 -37.72 -31.18
N TYR D 48 30.86 -37.64 -32.06
CA TYR D 48 32.28 -37.54 -31.67
C TYR D 48 32.66 -36.21 -31.02
N ARG D 49 32.04 -35.12 -31.51
CA ARG D 49 32.20 -33.75 -30.96
C ARG D 49 31.82 -33.62 -29.48
N HIS D 50 30.88 -34.48 -29.03
CA HIS D 50 30.41 -34.52 -27.63
C HIS D 50 31.52 -34.91 -26.65
N LEU D 51 32.45 -35.75 -27.12
CA LEU D 51 33.60 -36.24 -26.32
C LEU D 51 34.62 -35.15 -25.99
N VAL D 52 34.65 -34.09 -26.83
CA VAL D 52 35.56 -32.94 -26.67
C VAL D 52 35.24 -32.17 -25.37
N GLY D 53 36.29 -31.77 -24.65
CA GLY D 53 36.15 -31.01 -23.42
C GLY D 53 35.71 -31.84 -22.23
N VAL D 54 35.10 -33.00 -22.50
CA VAL D 54 34.63 -33.92 -21.46
C VAL D 54 35.79 -34.87 -21.05
N CYS D 55 36.15 -35.78 -21.97
CA CYS D 55 37.20 -36.80 -21.71
C CYS D 55 38.48 -36.57 -22.54
N TYR D 56 38.30 -36.37 -23.84
CA TYR D 56 39.40 -36.18 -24.82
C TYR D 56 39.57 -34.69 -25.18
N THR D 57 40.68 -34.34 -25.84
CA THR D 57 40.84 -32.97 -26.41
C THR D 57 40.32 -32.93 -27.84
N GLU D 58 40.47 -31.76 -28.50
CA GLU D 58 40.04 -31.56 -29.88
C GLU D 58 40.71 -32.52 -30.88
N ASP D 59 42.02 -32.72 -30.72
CA ASP D 59 42.81 -33.59 -31.59
C ASP D 59 42.43 -35.06 -31.40
N GLU D 60 42.49 -35.53 -30.13
CA GLU D 60 42.19 -36.91 -29.73
C GLU D 60 40.84 -37.42 -30.26
N ALA D 61 39.83 -36.54 -30.20
CA ALA D 61 38.46 -36.84 -30.66
C ALA D 61 38.38 -37.00 -32.17
N LYS D 62 39.05 -36.10 -32.91
CA LYS D 62 39.17 -36.19 -34.37
C LYS D 62 39.91 -37.48 -34.76
N ALA D 63 40.97 -37.80 -34.00
CA ALA D 63 41.80 -39.00 -34.19
C ALA D 63 41.00 -40.31 -34.02
N LEU D 64 40.07 -40.30 -33.06
CA LEU D 64 39.17 -41.44 -32.81
C LEU D 64 38.06 -41.53 -33.83
N ALA D 65 37.64 -40.37 -34.35
CA ALA D 65 36.60 -40.28 -35.37
C ALA D 65 37.08 -40.88 -36.71
N GLU D 66 38.30 -40.50 -37.13
CA GLU D 66 38.94 -40.95 -38.39
C GLU D 66 39.15 -42.49 -38.50
N GLU D 67 39.03 -43.19 -37.36
CA GLU D 67 39.25 -44.63 -37.24
C GLU D 67 38.25 -45.55 -37.97
N VAL D 68 37.14 -45.00 -38.49
CA VAL D 68 36.14 -45.81 -39.22
C VAL D 68 35.50 -45.15 -40.47
N GLU D 69 34.96 -46.01 -41.35
CA GLU D 69 34.28 -45.61 -42.60
C GLU D 69 32.85 -45.14 -42.34
N VAL D 70 32.56 -43.92 -42.81
CA VAL D 70 31.22 -43.34 -42.73
C VAL D 70 30.68 -43.14 -44.15
N GLN D 71 29.45 -43.59 -44.38
CA GLN D 71 28.75 -43.38 -45.65
C GLN D 71 28.35 -41.91 -45.79
N ASP D 72 29.09 -41.19 -46.64
CA ASP D 72 28.83 -39.79 -46.90
C ASP D 72 27.83 -39.56 -48.02
N GLY D 73 27.13 -38.40 -47.95
CA GLY D 73 26.10 -37.97 -48.90
C GLY D 73 26.50 -38.06 -50.37
N PRO D 74 25.51 -38.22 -51.29
CA PRO D 74 25.78 -38.50 -52.72
C PRO D 74 26.72 -37.49 -53.42
N ASN D 75 27.68 -38.01 -54.22
CA ASN D 75 28.60 -37.17 -55.00
C ASN D 75 27.93 -36.53 -56.23
N GLU D 76 28.73 -36.06 -57.18
CA GLU D 76 28.23 -35.49 -58.44
C GLU D 76 27.75 -36.61 -59.40
N ASP D 77 28.43 -37.76 -59.35
CA ASP D 77 28.11 -38.95 -60.17
C ASP D 77 26.72 -39.56 -59.86
N GLY D 78 26.32 -39.47 -58.58
CA GLY D 78 25.01 -39.91 -58.11
C GLY D 78 24.98 -41.12 -57.19
N GLU D 79 26.16 -41.59 -56.77
CA GLU D 79 26.31 -42.75 -55.88
C GLU D 79 26.93 -42.32 -54.56
N MET D 80 26.54 -43.00 -53.47
CA MET D 80 27.09 -42.72 -52.13
C MET D 80 28.49 -43.33 -51.97
N PHE D 81 29.46 -42.48 -51.63
CA PHE D 81 30.86 -42.90 -51.36
C PHE D 81 31.11 -43.08 -49.85
N MET D 82 32.33 -43.53 -49.51
CA MET D 82 32.70 -43.75 -48.10
C MET D 82 33.93 -42.92 -47.71
N ARG D 83 33.80 -42.15 -46.63
CA ARG D 83 34.86 -41.23 -46.16
C ARG D 83 35.31 -41.49 -44.69
N PRO D 84 36.56 -41.07 -44.33
CA PRO D 84 37.03 -41.14 -42.93
C PRO D 84 36.16 -40.30 -41.98
N GLY D 85 36.13 -40.66 -40.70
CA GLY D 85 35.27 -40.01 -39.71
C GLY D 85 35.67 -38.58 -39.32
N LYS D 86 34.69 -37.67 -39.40
CA LYS D 86 34.84 -36.29 -38.95
C LYS D 86 34.25 -36.15 -37.53
N LEU D 87 34.49 -34.98 -36.90
CA LEU D 87 34.01 -34.67 -35.53
C LEU D 87 32.48 -34.66 -35.40
N SER D 88 31.79 -34.24 -36.47
CA SER D 88 30.32 -34.09 -36.49
C SER D 88 29.55 -35.38 -36.85
N ASP D 89 30.26 -36.50 -36.93
CA ASP D 89 29.66 -37.79 -37.25
C ASP D 89 29.05 -38.48 -36.04
N TYR D 90 27.93 -39.18 -36.28
CA TYR D 90 27.22 -40.00 -35.28
C TYR D 90 28.01 -41.31 -35.01
N PHE D 91 27.72 -41.98 -33.87
CA PHE D 91 28.36 -43.27 -33.55
C PHE D 91 27.80 -44.40 -34.44
N PRO D 92 28.71 -45.25 -34.99
CA PRO D 92 28.39 -46.20 -36.08
C PRO D 92 27.21 -47.14 -35.83
N LYS D 93 26.29 -47.18 -36.79
CA LYS D 93 25.15 -48.09 -36.78
C LYS D 93 25.62 -49.53 -37.22
N PRO D 94 25.59 -50.51 -36.29
CA PRO D 94 26.01 -51.89 -36.59
C PRO D 94 25.04 -52.62 -37.53
N TYR D 95 23.74 -52.38 -37.34
CA TYR D 95 22.68 -52.98 -38.16
C TYR D 95 21.91 -51.89 -38.93
N PRO D 96 21.63 -52.13 -40.24
CA PRO D 96 20.88 -51.17 -41.08
C PRO D 96 19.44 -50.94 -40.59
N ASN D 97 18.81 -52.01 -40.07
CA ASN D 97 17.47 -51.98 -39.46
C ASN D 97 17.37 -53.01 -38.30
N PRO D 98 16.69 -52.65 -37.19
CA PRO D 98 16.48 -53.58 -36.04
C PRO D 98 15.96 -55.02 -36.35
N GLU D 99 15.54 -55.27 -37.59
CA GLU D 99 15.16 -56.61 -38.06
C GLU D 99 16.40 -57.48 -38.36
N ALA D 100 17.50 -56.81 -38.76
CA ALA D 100 18.81 -57.46 -38.96
C ALA D 100 19.48 -57.82 -37.64
N ALA D 101 19.14 -57.05 -36.59
CA ALA D 101 19.58 -57.35 -35.22
C ALA D 101 19.02 -58.70 -34.73
N ARG D 102 17.78 -58.98 -35.16
CA ARG D 102 17.07 -60.22 -34.84
C ARG D 102 17.75 -61.47 -35.45
N ALA D 103 18.00 -61.45 -36.76
CA ALA D 103 18.55 -62.60 -37.50
C ALA D 103 20.05 -62.87 -37.28
N ALA D 104 20.81 -61.81 -36.97
CA ALA D 104 22.27 -61.87 -36.84
C ALA D 104 22.81 -61.66 -35.40
N ASN D 105 21.93 -61.79 -34.40
CA ASN D 105 22.32 -61.74 -32.99
C ASN D 105 21.49 -62.67 -32.09
N ASN D 106 21.43 -63.95 -32.52
CA ASN D 106 20.84 -65.07 -31.76
C ASN D 106 19.35 -64.89 -31.35
N GLY D 107 18.51 -64.62 -32.36
CA GLY D 107 17.06 -64.46 -32.17
C GLY D 107 16.61 -63.12 -31.59
N ALA D 108 17.27 -62.68 -30.50
CA ALA D 108 16.89 -61.48 -29.72
C ALA D 108 17.37 -60.12 -30.31
N LEU D 109 16.68 -59.03 -29.92
CA LEU D 109 17.01 -57.66 -30.37
C LEU D 109 17.73 -56.79 -29.28
N PRO D 110 19.02 -56.49 -29.50
CA PRO D 110 19.78 -55.62 -28.57
C PRO D 110 19.31 -54.15 -28.64
N PRO D 111 19.03 -53.52 -27.48
CA PRO D 111 18.50 -52.14 -27.45
C PRO D 111 19.58 -51.06 -27.66
N ASP D 112 19.12 -49.84 -28.00
CA ASP D 112 20.00 -48.67 -28.17
C ASP D 112 20.67 -48.29 -26.84
N LEU D 113 21.98 -48.03 -26.88
CA LEU D 113 22.78 -47.82 -25.66
C LEU D 113 22.93 -46.41 -25.10
N SER D 114 22.66 -45.41 -25.93
CA SER D 114 22.44 -44.04 -25.43
C SER D 114 21.11 -44.06 -24.67
N TYR D 115 21.06 -43.38 -23.53
CA TYR D 115 19.87 -43.37 -22.63
C TYR D 115 19.58 -44.76 -22.00
N ILE D 116 20.63 -45.56 -21.73
CA ILE D 116 20.40 -46.84 -21.08
C ILE D 116 20.32 -46.83 -19.53
N VAL D 117 21.13 -45.96 -18.90
CA VAL D 117 21.08 -45.76 -17.42
C VAL D 117 19.83 -44.95 -16.93
N ARG D 118 18.93 -44.66 -17.86
CA ARG D 118 17.74 -43.86 -17.56
C ARG D 118 16.43 -44.54 -18.01
N ALA D 119 16.57 -45.62 -18.80
CA ALA D 119 15.44 -46.42 -19.31
C ALA D 119 15.24 -47.78 -18.57
N ARG D 120 16.13 -48.08 -17.63
CA ARG D 120 15.97 -49.27 -16.78
C ARG D 120 15.95 -48.85 -15.33
N HIS D 121 14.91 -49.32 -14.62
CA HIS D 121 14.70 -49.05 -13.19
C HIS D 121 15.91 -49.42 -12.32
N GLY D 122 16.41 -48.44 -11.57
CA GLY D 122 17.61 -48.59 -10.77
C GLY D 122 18.84 -47.98 -11.43
N GLY D 123 18.73 -47.74 -12.75
CA GLY D 123 19.74 -47.03 -13.52
C GLY D 123 21.02 -47.78 -13.78
N GLU D 124 22.13 -47.12 -13.42
CA GLU D 124 23.50 -47.64 -13.64
C GLU D 124 23.81 -48.79 -12.71
N ASP D 125 23.27 -48.71 -11.48
CA ASP D 125 23.39 -49.81 -10.51
C ASP D 125 22.87 -51.12 -11.11
N TYR D 126 21.77 -51.04 -11.87
CA TYR D 126 21.16 -52.18 -12.57
C TYR D 126 22.07 -52.74 -13.67
N VAL D 127 22.61 -51.85 -14.50
CA VAL D 127 23.53 -52.24 -15.59
C VAL D 127 24.82 -52.83 -15.02
N PHE D 128 25.36 -52.20 -13.97
CA PHE D 128 26.51 -52.75 -13.23
C PHE D 128 26.20 -54.11 -12.61
N SER D 129 24.99 -54.24 -12.04
CA SER D 129 24.54 -55.51 -11.47
C SER D 129 24.30 -56.61 -12.51
N LEU D 130 23.79 -56.22 -13.70
CA LEU D 130 23.61 -57.16 -14.81
C LEU D 130 24.95 -57.57 -15.42
N LEU D 131 25.85 -56.58 -15.63
CA LEU D 131 27.19 -56.83 -16.16
C LEU D 131 28.09 -57.66 -15.22
N THR D 132 28.18 -57.23 -13.95
CA THR D 132 29.08 -57.86 -12.97
C THR D 132 28.52 -59.14 -12.29
N GLY D 133 27.20 -59.20 -12.11
CA GLY D 133 26.55 -60.28 -11.37
C GLY D 133 26.15 -61.50 -12.20
N TYR D 134 27.05 -61.92 -13.11
CA TYR D 134 26.82 -63.10 -13.94
C TYR D 134 27.09 -64.40 -13.20
N CYS D 135 26.14 -65.35 -13.36
CA CYS D 135 26.21 -66.63 -12.67
C CYS D 135 25.56 -67.79 -13.47
N GLU D 136 25.79 -69.03 -12.98
CA GLU D 136 25.35 -70.30 -13.60
C GLU D 136 23.86 -70.62 -13.23
N PRO D 137 23.10 -71.27 -14.16
CA PRO D 137 21.65 -71.53 -13.97
C PRO D 137 21.29 -72.34 -12.68
N PRO D 138 20.11 -72.11 -12.08
CA PRO D 138 19.73 -72.84 -10.86
C PRO D 138 19.10 -74.20 -11.19
N THR D 139 18.91 -75.00 -10.15
CA THR D 139 18.30 -76.32 -10.26
C THR D 139 16.79 -76.20 -10.55
N GLY D 140 16.30 -77.10 -11.39
CA GLY D 140 14.90 -77.18 -11.77
C GLY D 140 14.58 -76.51 -13.09
N VAL D 141 15.28 -75.41 -13.38
CA VAL D 141 15.07 -74.62 -14.58
C VAL D 141 16.25 -74.78 -15.55
N SER D 142 15.92 -75.14 -16.78
CA SER D 142 16.90 -75.30 -17.86
C SER D 142 16.83 -74.11 -18.84
N LEU D 143 17.95 -73.39 -18.95
CA LEU D 143 18.12 -72.29 -19.92
C LEU D 143 18.13 -72.87 -21.35
N ARG D 144 17.23 -72.38 -22.20
CA ARG D 144 17.22 -72.79 -23.62
C ARG D 144 18.46 -72.17 -24.27
N GLU D 145 19.33 -73.03 -24.83
CA GLU D 145 20.71 -72.64 -25.23
C GLU D 145 20.94 -71.52 -26.29
N GLY D 146 19.84 -70.98 -26.82
CA GLY D 146 19.85 -69.75 -27.62
C GLY D 146 19.63 -68.49 -26.76
N LEU D 147 19.57 -68.71 -25.44
CA LEU D 147 19.43 -67.66 -24.41
C LEU D 147 20.37 -68.00 -23.23
N TYR D 148 20.94 -66.96 -22.61
CA TYR D 148 21.88 -67.13 -21.49
C TYR D 148 21.15 -67.06 -20.13
N PHE D 149 21.89 -66.75 -19.05
CA PHE D 149 21.33 -66.62 -17.69
C PHE D 149 21.91 -65.45 -16.88
N ASN D 150 21.01 -64.59 -16.40
CA ASN D 150 21.35 -63.52 -15.44
C ASN D 150 20.24 -63.29 -14.38
N PRO D 151 20.62 -63.28 -13.07
CA PRO D 151 19.66 -63.02 -11.97
C PRO D 151 19.05 -61.61 -12.01
N TYR D 152 19.81 -60.62 -12.47
CA TYR D 152 19.33 -59.25 -12.55
C TYR D 152 18.38 -58.97 -13.71
N PHE D 153 18.43 -59.80 -14.75
CA PHE D 153 17.48 -59.75 -15.87
C PHE D 153 16.08 -60.11 -15.36
N PRO D 154 15.06 -59.31 -15.75
CA PRO D 154 13.67 -59.50 -15.29
C PRO D 154 13.13 -60.94 -15.45
N GLY D 155 13.35 -61.54 -16.63
CA GLY D 155 12.87 -62.89 -16.93
C GLY D 155 13.84 -63.99 -16.56
N GLN D 156 14.91 -63.61 -15.83
CA GLN D 156 16.03 -64.49 -15.40
C GLN D 156 16.91 -65.08 -16.52
N ALA D 157 16.33 -65.32 -17.70
CA ALA D 157 17.03 -65.89 -18.86
C ALA D 157 17.22 -64.84 -20.00
N ILE D 158 17.14 -65.30 -21.26
CA ILE D 158 17.06 -64.45 -22.48
C ILE D 158 18.33 -63.70 -22.97
N GLY D 159 18.65 -63.96 -24.25
CA GLY D 159 19.48 -63.09 -25.10
C GLY D 159 20.99 -62.94 -24.97
N MET D 160 21.39 -61.84 -24.34
CA MET D 160 22.79 -61.36 -24.28
C MET D 160 23.81 -62.37 -23.77
N ALA D 161 24.88 -62.51 -24.56
CA ALA D 161 26.12 -63.19 -24.16
C ALA D 161 27.09 -62.11 -23.57
N PRO D 162 27.77 -62.40 -22.43
CA PRO D 162 28.51 -61.38 -21.67
C PRO D 162 30.02 -61.18 -22.01
N PRO D 163 30.41 -60.05 -22.65
CA PRO D 163 31.83 -59.73 -22.81
C PRO D 163 32.30 -58.67 -21.80
N ILE D 164 32.32 -59.10 -20.54
CA ILE D 164 32.77 -58.31 -19.40
C ILE D 164 33.94 -59.01 -18.67
N TYR D 165 34.36 -60.16 -19.22
CA TYR D 165 35.52 -60.94 -18.74
C TYR D 165 36.80 -60.11 -18.67
N ASN D 166 37.68 -60.47 -17.72
CA ASN D 166 38.96 -59.77 -17.47
C ASN D 166 39.74 -59.45 -18.75
N GLU D 167 39.97 -58.14 -18.95
CA GLU D 167 40.79 -57.59 -20.06
C GLU D 167 40.28 -57.86 -21.48
N VAL D 168 39.41 -56.99 -21.96
CA VAL D 168 39.00 -56.98 -23.38
C VAL D 168 39.74 -55.82 -24.10
N LEU D 169 40.51 -55.06 -23.30
CA LEU D 169 41.47 -54.03 -23.74
C LEU D 169 42.40 -53.66 -22.55
N GLU D 170 43.54 -53.05 -22.88
CA GLU D 170 44.42 -52.42 -21.89
C GLU D 170 44.09 -50.91 -21.88
N PHE D 171 43.82 -50.37 -20.68
CA PHE D 171 43.43 -48.97 -20.53
C PHE D 171 44.59 -48.02 -20.75
N ASP D 172 44.37 -47.11 -21.71
CA ASP D 172 45.33 -46.09 -22.18
C ASP D 172 46.41 -45.59 -21.21
N ASP D 173 45.99 -45.14 -20.02
CA ASP D 173 46.93 -44.54 -19.04
C ASP D 173 46.94 -45.31 -17.72
N GLY D 174 47.93 -46.20 -17.61
CA GLY D 174 48.23 -47.01 -16.43
C GLY D 174 47.06 -47.42 -15.53
N THR D 175 46.26 -48.40 -16.01
CA THR D 175 45.09 -48.91 -15.25
C THR D 175 44.84 -50.42 -15.46
N PRO D 176 44.68 -51.19 -14.36
CA PRO D 176 44.41 -52.64 -14.44
C PRO D 176 42.99 -52.90 -14.93
N ALA D 177 42.87 -53.64 -16.04
CA ALA D 177 41.61 -53.87 -16.74
C ALA D 177 40.82 -55.09 -16.20
N THR D 178 40.49 -55.04 -14.91
CA THR D 178 39.77 -56.12 -14.22
C THR D 178 38.23 -56.17 -14.54
N MET D 179 37.53 -57.15 -13.96
CA MET D 179 36.07 -57.32 -14.15
C MET D 179 35.25 -56.16 -13.56
N SER D 180 35.53 -55.81 -12.30
CA SER D 180 34.83 -54.74 -11.59
C SER D 180 35.20 -53.35 -12.12
N GLN D 181 36.43 -53.21 -12.65
CA GLN D 181 36.87 -51.97 -13.32
C GLN D 181 36.20 -51.80 -14.68
N VAL D 182 36.30 -52.83 -15.54
CA VAL D 182 35.69 -52.82 -16.89
C VAL D 182 34.14 -52.69 -16.92
N ALA D 183 33.48 -53.08 -15.82
CA ALA D 183 32.03 -52.90 -15.66
C ALA D 183 31.69 -51.49 -15.14
N LYS D 184 32.53 -50.97 -14.22
CA LYS D 184 32.33 -49.63 -13.62
C LYS D 184 32.42 -48.51 -14.64
N ASP D 185 33.46 -48.55 -15.47
CA ASP D 185 33.75 -47.49 -16.43
C ASP D 185 32.68 -47.27 -17.48
N VAL D 186 32.15 -48.38 -18.07
CA VAL D 186 31.02 -48.30 -19.04
C VAL D 186 29.84 -47.59 -18.44
N CYS D 187 29.50 -47.97 -17.20
CA CYS D 187 28.40 -47.35 -16.46
C CYS D 187 28.66 -45.86 -16.21
N THR D 188 29.90 -45.52 -15.80
CA THR D 188 30.32 -44.12 -15.59
C THR D 188 30.43 -43.32 -16.90
N PHE D 189 30.42 -44.03 -18.03
CA PHE D 189 30.36 -43.42 -19.35
C PHE D 189 28.90 -43.31 -19.80
N LEU D 190 28.12 -44.37 -19.55
CA LEU D 190 26.71 -44.43 -19.98
C LEU D 190 25.80 -43.47 -19.20
N ARG D 191 26.25 -43.05 -18.00
CA ARG D 191 25.61 -41.98 -17.24
C ARG D 191 25.72 -40.67 -18.01
N TRP D 192 26.94 -40.40 -18.48
CA TRP D 192 27.24 -39.25 -19.29
C TRP D 192 26.56 -39.33 -20.66
N ALA D 193 26.48 -40.53 -21.24
CA ALA D 193 25.81 -40.76 -22.53
C ALA D 193 24.30 -41.03 -22.37
N ALA D 194 23.74 -40.54 -21.24
CA ALA D 194 22.29 -40.49 -21.00
C ALA D 194 21.91 -39.08 -20.49
N GLU D 195 22.74 -38.55 -19.59
CA GLU D 195 22.56 -37.23 -19.00
C GLU D 195 23.94 -36.49 -19.01
N PRO D 196 24.32 -35.89 -20.17
CA PRO D 196 25.59 -35.11 -20.29
C PRO D 196 25.66 -33.90 -19.36
N GLU D 197 24.50 -33.25 -19.19
CA GLU D 197 24.35 -32.01 -18.42
C GLU D 197 24.59 -32.18 -16.93
N HIS D 198 24.58 -33.45 -16.48
CA HIS D 198 24.88 -33.91 -15.09
C HIS D 198 25.66 -32.92 -14.21
N ASP D 199 26.87 -32.56 -14.66
CA ASP D 199 27.78 -31.68 -13.93
C ASP D 199 27.24 -30.29 -13.80
N HIS D 200 26.75 -29.75 -14.94
CA HIS D 200 26.19 -28.40 -15.00
C HIS D 200 24.98 -28.22 -14.07
N ARG D 201 24.01 -29.16 -14.14
CA ARG D 201 22.82 -29.08 -13.27
C ARG D 201 23.16 -29.02 -11.80
N LYS D 202 24.08 -29.92 -11.39
CA LYS D 202 24.62 -30.00 -10.03
C LYS D 202 25.41 -28.72 -9.63
N ARG D 203 26.15 -28.14 -10.61
CA ARG D 203 26.85 -26.86 -10.43
C ARG D 203 25.84 -25.74 -10.22
N MET D 204 24.78 -25.76 -11.04
CA MET D 204 23.69 -24.77 -10.98
C MET D 204 22.87 -24.95 -9.72
N GLY D 205 22.66 -26.21 -9.33
CA GLY D 205 21.90 -26.60 -8.15
C GLY D 205 22.51 -26.10 -6.86
N LEU D 206 23.85 -26.09 -6.81
CA LEU D 206 24.60 -25.53 -5.69
C LEU D 206 24.38 -24.02 -5.63
N LYS D 207 24.50 -23.36 -6.79
CA LYS D 207 24.26 -21.92 -6.91
C LYS D 207 22.82 -21.55 -6.49
N MET D 208 21.85 -22.36 -6.94
CA MET D 208 20.43 -22.26 -6.54
C MET D 208 20.25 -22.35 -5.03
N LEU D 209 20.82 -23.41 -4.41
CA LEU D 209 20.81 -23.58 -2.95
C LEU D 209 21.47 -22.42 -2.20
N LEU D 210 22.64 -21.96 -2.67
CA LEU D 210 23.32 -20.79 -2.07
C LEU D 210 22.51 -19.48 -2.26
N MET D 211 21.85 -19.36 -3.41
CA MET D 211 21.01 -18.20 -3.72
C MET D 211 19.80 -18.16 -2.85
N MET D 212 19.11 -19.30 -2.75
CA MET D 212 17.91 -19.45 -1.90
C MET D 212 18.21 -19.25 -0.43
N GLY D 213 19.37 -19.75 0.01
CA GLY D 213 19.86 -19.57 1.37
C GLY D 213 20.09 -18.11 1.74
N LEU D 214 20.47 -17.30 0.74
CA LEU D 214 20.55 -15.86 0.90
C LEU D 214 19.18 -15.21 0.74
N LEU D 215 18.44 -15.61 -0.30
CA LEU D 215 17.14 -14.98 -0.68
C LEU D 215 15.94 -15.27 0.23
N LEU D 216 15.72 -16.55 0.57
CA LEU D 216 14.59 -16.95 1.41
C LEU D 216 14.48 -16.21 2.78
N PRO D 217 15.58 -16.08 3.58
CA PRO D 217 15.49 -15.29 4.83
C PRO D 217 15.24 -13.79 4.55
N LEU D 218 15.80 -13.28 3.44
CA LEU D 218 15.70 -11.85 3.08
C LEU D 218 14.31 -11.39 2.61
N VAL D 219 13.65 -12.22 1.80
CA VAL D 219 12.26 -11.97 1.36
C VAL D 219 11.29 -12.10 2.57
N TYR D 220 11.51 -13.12 3.41
CA TYR D 220 10.79 -13.32 4.68
C TYR D 220 10.89 -12.09 5.57
N ALA D 221 12.11 -11.55 5.69
CA ALA D 221 12.36 -10.30 6.42
C ALA D 221 11.60 -9.11 5.82
N MET D 222 11.54 -9.04 4.47
CA MET D 222 10.78 -8.00 3.73
C MET D 222 9.28 -8.11 4.02
N LYS D 223 8.76 -9.35 3.96
CA LYS D 223 7.37 -9.68 4.30
C LYS D 223 7.06 -9.29 5.76
N ARG D 224 7.86 -9.79 6.70
CA ARG D 224 7.58 -9.54 8.12
C ARG D 224 7.46 -8.04 8.48
N HIS D 225 8.44 -7.24 8.05
CA HIS D 225 8.46 -5.79 8.30
C HIS D 225 7.19 -5.08 7.72
N LYS D 226 6.82 -5.43 6.48
CA LYS D 226 5.57 -4.97 5.87
C LYS D 226 4.34 -5.43 6.66
N TRP D 227 4.34 -6.71 7.06
CA TRP D 227 3.22 -7.28 7.82
C TRP D 227 3.16 -6.88 9.29
N SER D 228 4.27 -6.31 9.81
CA SER D 228 4.41 -5.95 11.23
C SER D 228 3.40 -4.92 11.72
N VAL D 229 3.02 -4.00 10.82
CA VAL D 229 1.97 -2.97 11.06
C VAL D 229 0.66 -3.64 11.47
N LEU D 230 0.35 -4.77 10.81
CA LEU D 230 -0.77 -5.63 11.21
C LEU D 230 -0.46 -6.60 12.38
N LYS D 231 0.76 -7.11 12.46
CA LYS D 231 1.08 -8.13 13.48
C LYS D 231 1.22 -7.62 14.91
N SER D 232 1.25 -6.30 15.08
CA SER D 232 1.38 -5.65 16.41
C SER D 232 0.21 -4.72 16.70
N ARG D 233 -0.72 -4.63 15.74
CA ARG D 233 -1.89 -3.79 15.88
C ARG D 233 -2.70 -4.15 17.10
N LYS D 234 -3.11 -3.13 17.83
CA LYS D 234 -3.95 -3.32 18.99
C LYS D 234 -5.36 -2.79 18.70
N LEU D 235 -6.36 -3.61 19.02
CA LEU D 235 -7.76 -3.19 18.95
C LEU D 235 -8.27 -2.82 20.34
N ALA D 236 -9.21 -1.88 20.36
CA ALA D 236 -10.01 -1.57 21.54
C ALA D 236 -11.41 -1.20 21.08
N TYR D 237 -12.41 -1.76 21.75
CA TYR D 237 -13.82 -1.47 21.51
C TYR D 237 -14.34 -0.50 22.56
N ARG D 238 -14.78 0.64 22.12
CA ARG D 238 -15.35 1.59 23.05
C ARG D 238 -16.80 1.97 22.73
N PRO D 239 -17.78 1.07 23.00
CA PRO D 239 -19.20 1.35 22.72
C PRO D 239 -19.73 2.50 23.60
N PRO D 240 -20.75 3.24 23.17
CA PRO D 240 -21.23 4.39 23.94
C PRO D 240 -22.12 4.00 25.14
N LYS D 241 -22.26 4.96 26.07
CA LYS D 241 -23.24 4.93 27.18
C LYS D 241 -23.14 3.74 28.15
N SER E 1 -13.99 12.17 27.93
CA SER E 1 -14.11 10.68 27.88
C SER E 1 -13.18 10.11 26.82
N HIS E 2 -13.08 10.80 25.68
CA HIS E 2 -12.08 10.46 24.64
C HIS E 2 -10.64 10.73 25.14
N THR E 3 -10.54 11.53 26.20
CA THR E 3 -9.30 11.86 26.89
C THR E 3 -8.71 10.70 27.74
N ASP E 4 -9.47 9.62 27.92
CA ASP E 4 -8.97 8.39 28.57
C ASP E 4 -8.11 7.50 27.62
N ILE E 5 -8.34 7.65 26.31
CA ILE E 5 -7.67 6.86 25.26
C ILE E 5 -6.16 7.16 25.20
N LYS E 6 -5.41 6.31 25.91
CA LYS E 6 -3.96 6.24 25.77
C LYS E 6 -3.67 5.09 24.80
N VAL E 7 -2.58 5.23 24.04
CA VAL E 7 -2.12 4.20 23.10
C VAL E 7 -1.46 3.08 23.93
N PRO E 8 -1.86 1.82 23.71
CA PRO E 8 -1.27 0.66 24.42
C PRO E 8 0.26 0.62 24.33
N ASP E 9 0.92 0.12 25.39
CA ASP E 9 2.38 0.09 25.46
C ASP E 9 2.98 -0.88 24.42
N PHE E 10 3.96 -0.36 23.67
CA PHE E 10 4.54 -1.04 22.49
C PHE E 10 5.95 -1.56 22.71
N SER E 11 6.52 -1.26 23.88
CA SER E 11 7.86 -1.74 24.31
C SER E 11 8.24 -3.15 23.83
N ASP E 12 7.27 -4.07 23.94
CA ASP E 12 7.36 -5.46 23.44
C ASP E 12 7.78 -5.59 21.98
N TYR E 13 7.37 -4.62 21.15
CA TYR E 13 7.61 -4.65 19.71
C TYR E 13 8.67 -3.68 19.22
N ARG E 14 8.99 -2.68 20.03
CA ARG E 14 9.87 -1.56 19.61
C ARG E 14 11.29 -1.98 19.38
N ARG E 15 11.83 -1.55 18.23
CA ARG E 15 13.24 -1.67 17.89
C ARG E 15 14.06 -0.97 19.00
N PRO E 16 15.20 -1.54 19.41
CA PRO E 16 15.93 -1.11 20.64
C PRO E 16 16.42 0.34 20.61
N GLU E 17 16.69 0.85 19.41
CA GLU E 17 17.15 2.25 19.16
C GLU E 17 16.07 3.29 19.54
N VAL E 18 14.83 2.82 19.66
CA VAL E 18 13.67 3.65 20.01
C VAL E 18 12.81 3.00 21.09
N LEU E 19 13.44 2.71 22.24
CA LEU E 19 12.75 2.17 23.41
C LEU E 19 12.67 3.22 24.53
N ASP E 20 13.54 4.22 24.42
CA ASP E 20 13.62 5.29 25.40
C ASP E 20 12.69 6.44 25.02
N SER E 21 11.70 6.66 25.89
CA SER E 21 10.72 7.76 25.77
C SER E 21 11.36 9.14 25.85
N THR E 22 12.50 9.23 26.55
CA THR E 22 13.25 10.46 26.70
C THR E 22 14.26 10.70 25.56
N LYS E 23 14.35 9.74 24.62
CA LYS E 23 15.30 9.79 23.49
C LYS E 23 14.62 10.13 22.15
N SER E 24 15.21 11.08 21.41
CA SER E 24 14.70 11.47 20.08
C SER E 24 14.87 10.34 19.07
N SER E 25 13.80 10.05 18.35
CA SER E 25 13.77 9.00 17.32
C SER E 25 14.62 9.37 16.09
N LYS E 26 14.69 10.68 15.80
CA LYS E 26 15.48 11.25 14.69
C LYS E 26 16.97 10.80 14.71
N GLU E 27 17.54 10.70 15.92
CA GLU E 27 18.89 10.17 16.14
C GLU E 27 19.09 8.81 15.44
N SER E 28 18.05 7.97 15.49
CA SER E 28 18.11 6.58 14.98
C SER E 28 17.30 6.26 13.70
N SER E 29 16.55 7.24 13.18
CA SER E 29 15.76 7.06 11.93
C SER E 29 16.60 6.63 10.72
N GLU E 30 17.78 7.25 10.59
CA GLU E 30 18.76 7.00 9.53
C GLU E 30 19.22 5.53 9.52
N ALA E 31 19.74 5.08 10.67
CA ALA E 31 20.20 3.72 10.89
C ALA E 31 19.09 2.67 10.75
N ARG E 32 17.87 3.04 11.17
CA ARG E 32 16.75 2.10 11.18
C ARG E 32 16.17 1.86 9.80
N LYS E 33 16.04 2.94 9.00
CA LYS E 33 15.61 2.85 7.59
C LYS E 33 16.70 2.15 6.80
N GLY E 34 17.96 2.45 7.14
CA GLY E 34 19.13 1.83 6.54
C GLY E 34 19.05 0.32 6.47
N PHE E 35 18.79 -0.32 7.62
CA PHE E 35 18.72 -1.78 7.73
C PHE E 35 17.66 -2.38 6.82
N SER E 36 16.41 -1.90 6.94
CA SER E 36 15.29 -2.42 6.15
C SER E 36 15.43 -2.16 4.64
N TYR E 37 16.11 -1.06 4.28
CA TYR E 37 16.37 -0.74 2.88
C TYR E 37 17.57 -1.48 2.31
N LEU E 38 18.53 -1.80 3.19
CA LEU E 38 19.67 -2.65 2.80
C LEU E 38 19.19 -4.05 2.47
N VAL E 39 18.26 -4.57 3.28
CA VAL E 39 17.64 -5.89 3.10
C VAL E 39 17.00 -5.96 1.71
N THR E 40 16.27 -4.90 1.39
CA THR E 40 15.61 -4.77 0.09
C THR E 40 16.61 -4.65 -1.08
N ALA E 41 17.62 -3.79 -0.93
CA ALA E 41 18.66 -3.58 -1.94
C ALA E 41 19.43 -4.89 -2.26
N THR E 42 19.80 -5.62 -1.19
CA THR E 42 20.44 -6.94 -1.26
C THR E 42 19.52 -7.97 -1.93
N THR E 43 18.21 -7.90 -1.63
CA THR E 43 17.18 -8.80 -2.21
C THR E 43 17.09 -8.66 -3.74
N THR E 44 16.91 -7.41 -4.19
CA THR E 44 16.84 -7.06 -5.60
C THR E 44 18.12 -7.47 -6.34
N VAL E 45 19.28 -7.20 -5.71
CA VAL E 45 20.61 -7.61 -6.18
C VAL E 45 20.66 -9.15 -6.43
N GLY E 46 20.11 -9.91 -5.48
CA GLY E 46 20.01 -11.36 -5.57
C GLY E 46 19.09 -11.81 -6.68
N VAL E 47 17.91 -11.18 -6.75
CA VAL E 47 16.90 -11.41 -7.81
C VAL E 47 17.47 -11.07 -9.20
N ALA E 48 18.20 -9.95 -9.28
CA ALA E 48 18.83 -9.46 -10.51
C ALA E 48 19.74 -10.53 -11.14
N TYR E 49 20.58 -11.14 -10.29
CA TYR E 49 21.50 -12.23 -10.66
C TYR E 49 20.75 -13.39 -11.31
N ALA E 50 19.72 -13.90 -10.61
CA ALA E 50 18.90 -15.06 -11.05
C ALA E 50 18.16 -14.75 -12.34
N ALA E 51 17.45 -13.62 -12.35
CA ALA E 51 16.69 -13.15 -13.51
C ALA E 51 17.59 -12.96 -14.72
N LYS E 52 18.82 -12.48 -14.50
CA LYS E 52 19.82 -12.37 -15.55
C LYS E 52 20.10 -13.76 -16.13
N ASN E 53 20.51 -14.69 -15.25
CA ASN E 53 20.87 -16.07 -15.62
C ASN E 53 19.75 -16.84 -16.32
N VAL E 54 18.50 -16.67 -15.86
CA VAL E 54 17.31 -17.29 -16.55
C VAL E 54 17.04 -16.63 -17.91
N VAL E 55 17.09 -15.28 -17.95
CA VAL E 55 16.93 -14.54 -19.22
C VAL E 55 18.05 -14.91 -20.21
N SER E 56 19.30 -15.01 -19.71
CA SER E 56 20.48 -15.34 -20.54
C SER E 56 20.38 -16.73 -21.16
N GLN E 57 19.99 -17.70 -20.32
CA GLN E 57 19.81 -19.10 -20.73
C GLN E 57 18.66 -19.31 -21.74
N PHE E 58 17.59 -18.55 -21.60
CA PHE E 58 16.47 -18.60 -22.55
C PHE E 58 16.84 -17.92 -23.89
N VAL E 59 17.58 -16.81 -23.80
CA VAL E 59 18.11 -16.10 -24.98
C VAL E 59 19.14 -17.00 -25.74
N SER E 60 20.01 -17.66 -24.99
CA SER E 60 21.02 -18.61 -25.54
C SER E 60 20.42 -19.82 -26.30
N SER E 61 19.19 -20.20 -25.93
CA SER E 61 18.48 -21.33 -26.52
C SER E 61 18.11 -21.10 -27.98
N MET E 62 18.09 -19.83 -28.37
CA MET E 62 17.80 -19.44 -29.75
C MET E 62 19.07 -19.25 -30.59
N SER E 63 20.23 -19.08 -29.92
CA SER E 63 21.51 -18.63 -30.53
C SER E 63 22.00 -19.43 -31.75
N ALA E 64 22.26 -20.73 -31.51
CA ALA E 64 22.67 -21.70 -32.55
C ALA E 64 22.96 -23.00 -31.83
N SER E 65 22.18 -24.03 -32.18
CA SER E 65 22.31 -25.38 -31.64
C SER E 65 23.71 -25.97 -31.96
N ALA E 66 24.31 -26.65 -30.97
CA ALA E 66 25.65 -27.29 -31.12
C ALA E 66 25.77 -28.19 -32.35
N ASP E 67 24.63 -28.79 -32.75
CA ASP E 67 24.54 -29.62 -33.97
C ASP E 67 24.72 -28.86 -35.32
N VAL E 68 24.37 -27.57 -35.31
CA VAL E 68 24.55 -26.67 -36.47
C VAL E 68 25.90 -25.92 -36.39
N LEU E 69 26.33 -25.60 -35.15
CA LEU E 69 27.61 -24.91 -34.85
C LEU E 69 28.89 -25.72 -35.27
N ALA E 70 28.78 -27.05 -35.27
CA ALA E 70 29.88 -27.97 -35.64
C ALA E 70 30.13 -27.97 -37.15
N MET E 71 29.06 -27.80 -37.92
CA MET E 71 29.14 -27.72 -39.39
C MET E 71 29.45 -26.28 -39.89
N SER E 72 30.24 -25.54 -39.11
CA SER E 72 30.66 -24.15 -39.45
C SER E 72 32.16 -24.06 -39.81
N LYS E 73 32.73 -25.21 -40.22
CA LYS E 73 34.15 -25.34 -40.61
C LYS E 73 34.33 -26.29 -41.83
N ILE E 74 33.22 -26.93 -42.25
CA ILE E 74 33.20 -28.06 -43.24
C ILE E 74 34.15 -28.01 -44.49
N GLU E 75 34.86 -29.13 -44.70
CA GLU E 75 35.99 -29.23 -45.66
C GLU E 75 35.60 -29.44 -47.13
N ILE E 76 36.38 -28.79 -48.02
CA ILE E 76 36.26 -28.92 -49.49
C ILE E 76 37.56 -29.51 -50.04
N LYS E 77 37.44 -30.34 -51.07
CA LYS E 77 38.59 -30.93 -51.75
C LYS E 77 39.09 -30.05 -52.91
N LEU E 78 40.39 -29.74 -52.89
CA LEU E 78 41.07 -29.03 -53.98
C LEU E 78 41.31 -29.95 -55.19
N SER E 79 41.32 -31.27 -54.92
CA SER E 79 41.49 -32.33 -55.94
C SER E 79 40.14 -32.84 -56.55
N ASP E 80 39.05 -32.11 -56.26
CA ASP E 80 37.71 -32.38 -56.81
C ASP E 80 37.30 -31.39 -57.91
N ILE E 81 37.82 -30.15 -57.82
CA ILE E 81 37.55 -29.08 -58.80
C ILE E 81 38.57 -29.15 -59.99
N PRO E 82 38.08 -29.28 -61.24
CA PRO E 82 38.94 -29.16 -62.44
C PRO E 82 39.49 -27.71 -62.66
N GLU E 83 40.46 -27.57 -63.60
CA GLU E 83 41.13 -26.28 -63.92
C GLU E 83 40.17 -25.22 -64.52
N GLY E 84 39.96 -24.13 -63.77
CA GLY E 84 39.14 -23.00 -64.20
C GLY E 84 37.69 -22.97 -63.68
N LYS E 85 37.04 -24.14 -63.63
CA LYS E 85 35.58 -24.30 -63.32
C LYS E 85 35.13 -23.91 -61.88
N ASN E 86 33.80 -23.94 -61.66
CA ASN E 86 33.18 -23.60 -60.35
C ASN E 86 32.32 -24.74 -59.76
N MET E 87 32.39 -24.88 -58.43
CA MET E 87 31.71 -25.96 -57.69
C MET E 87 30.66 -25.44 -56.67
N ALA E 88 29.56 -26.20 -56.54
CA ALA E 88 28.52 -25.96 -55.55
C ALA E 88 28.68 -26.91 -54.36
N PHE E 89 28.88 -26.34 -53.17
CA PHE E 89 29.03 -27.08 -51.90
C PHE E 89 28.48 -26.27 -50.70
N LYS E 90 27.54 -26.89 -49.95
CA LYS E 90 26.87 -26.27 -48.78
C LYS E 90 27.81 -26.12 -47.57
N TRP E 91 28.04 -24.86 -47.17
CA TRP E 91 28.87 -24.52 -46.01
C TRP E 91 28.20 -23.37 -45.24
N ARG E 92 27.91 -23.62 -43.94
CA ARG E 92 27.16 -22.69 -43.04
C ARG E 92 25.68 -22.44 -43.46
N GLY E 93 25.26 -23.05 -44.59
CA GLY E 93 23.97 -22.79 -45.22
C GLY E 93 24.06 -21.87 -46.44
N LYS E 94 25.11 -21.02 -46.47
CA LYS E 94 25.35 -20.04 -47.55
C LYS E 94 26.30 -20.62 -48.63
N PRO E 95 25.81 -20.70 -49.90
CA PRO E 95 26.55 -21.37 -51.00
C PRO E 95 27.96 -20.84 -51.26
N LEU E 96 28.94 -21.71 -50.95
CA LEU E 96 30.37 -21.43 -51.07
C LEU E 96 30.89 -21.69 -52.50
N PHE E 97 31.73 -20.78 -52.99
CA PHE E 97 32.34 -20.89 -54.30
C PHE E 97 33.88 -20.90 -54.24
N VAL E 98 34.46 -22.09 -54.47
CA VAL E 98 35.91 -22.27 -54.62
C VAL E 98 36.22 -22.19 -56.11
N ARG E 99 36.97 -21.14 -56.48
CA ARG E 99 37.29 -20.83 -57.87
C ARG E 99 38.78 -21.02 -58.18
N HIS E 100 39.06 -21.79 -59.25
CA HIS E 100 40.40 -21.95 -59.82
C HIS E 100 40.56 -20.96 -60.99
N ARG E 101 41.74 -20.36 -61.10
CA ARG E 101 42.02 -19.33 -62.12
C ARG E 101 43.24 -19.68 -63.02
N THR E 102 43.13 -19.31 -64.31
CA THR E 102 44.14 -19.63 -65.35
C THR E 102 44.85 -18.36 -65.94
N LYS E 103 45.36 -18.48 -67.18
CA LYS E 103 46.09 -17.40 -67.87
C LYS E 103 45.27 -16.14 -68.23
N LYS E 104 43.99 -16.34 -68.56
CA LYS E 104 43.05 -15.23 -68.90
C LYS E 104 42.27 -14.67 -67.67
N GLU E 105 42.85 -14.84 -66.46
CA GLU E 105 42.21 -14.41 -65.20
C GLU E 105 43.11 -13.81 -64.08
N ILE E 106 44.22 -14.50 -63.71
CA ILE E 106 45.13 -14.07 -62.61
C ILE E 106 45.82 -12.72 -62.89
N ASP E 107 46.40 -12.59 -64.09
CA ASP E 107 47.04 -11.34 -64.53
C ASP E 107 46.09 -10.39 -65.31
N GLN E 108 44.83 -10.83 -65.50
CA GLN E 108 43.77 -10.03 -66.13
C GLN E 108 43.05 -9.09 -65.12
N GLU E 109 43.07 -9.47 -63.83
CA GLU E 109 42.48 -8.67 -62.73
C GLU E 109 43.52 -7.97 -61.82
N ALA E 110 44.74 -8.53 -61.75
CA ALA E 110 45.87 -7.93 -60.99
C ALA E 110 46.41 -6.67 -61.70
N ALA E 111 46.49 -6.72 -63.04
CA ALA E 111 46.90 -5.58 -63.89
C ALA E 111 45.67 -4.76 -64.42
N VAL E 112 44.54 -4.86 -63.69
CA VAL E 112 43.31 -4.08 -63.95
C VAL E 112 43.09 -2.99 -62.86
N GLU E 113 42.28 -1.98 -63.18
CA GLU E 113 42.00 -0.79 -62.31
C GLU E 113 41.85 -1.08 -60.80
N VAL E 114 42.83 -0.55 -60.03
CA VAL E 114 42.99 -0.83 -58.58
C VAL E 114 42.10 0.05 -57.67
N SER E 115 42.14 1.37 -57.86
CA SER E 115 41.38 2.34 -57.05
C SER E 115 40.19 3.00 -57.81
N GLN E 116 39.49 2.18 -58.61
CA GLN E 116 38.27 2.57 -59.32
C GLN E 116 37.15 1.55 -59.02
N LEU E 117 36.71 1.54 -57.76
CA LEU E 117 35.73 0.59 -57.23
C LEU E 117 34.92 1.24 -56.07
N ARG E 118 34.10 0.42 -55.39
CA ARG E 118 33.37 0.84 -54.18
C ARG E 118 34.12 0.51 -52.87
N ASP E 119 34.87 -0.62 -52.90
CA ASP E 119 35.78 -1.05 -51.81
C ASP E 119 37.23 -1.19 -52.42
N PRO E 120 38.14 -0.25 -52.10
CA PRO E 120 39.48 -0.21 -52.73
C PRO E 120 40.43 -1.35 -52.28
N GLN E 121 40.45 -2.45 -53.05
CA GLN E 121 41.30 -3.63 -52.76
C GLN E 121 41.93 -4.21 -54.06
N HIS E 122 43.24 -4.48 -53.99
CA HIS E 122 43.96 -5.19 -55.05
C HIS E 122 43.72 -6.71 -54.88
N ASP E 123 43.93 -7.47 -55.96
CA ASP E 123 43.82 -8.94 -55.93
C ASP E 123 44.94 -9.63 -55.11
N LEU E 124 46.14 -9.02 -55.10
CA LEU E 124 47.33 -9.53 -54.36
C LEU E 124 47.12 -9.53 -52.82
N GLU E 125 46.52 -8.45 -52.31
CA GLU E 125 46.24 -8.28 -50.86
C GLU E 125 44.84 -8.80 -50.44
N ARG E 126 44.43 -9.93 -51.04
CA ARG E 126 43.11 -10.57 -50.82
C ARG E 126 43.17 -12.11 -50.76
N VAL E 127 44.19 -12.69 -51.41
CA VAL E 127 44.41 -14.15 -51.47
C VAL E 127 45.82 -14.56 -50.99
N LYS E 128 45.89 -15.71 -50.28
CA LYS E 128 47.15 -16.26 -49.75
C LYS E 128 48.11 -16.79 -50.84
N LYS E 129 47.53 -17.30 -51.94
CA LYS E 129 48.26 -17.76 -53.13
C LYS E 129 47.53 -17.28 -54.41
N PRO E 130 48.29 -16.91 -55.47
CA PRO E 130 47.69 -16.42 -56.74
C PRO E 130 46.72 -17.43 -57.43
N GLU E 131 47.05 -18.72 -57.36
CA GLU E 131 46.28 -19.81 -58.00
C GLU E 131 44.85 -19.99 -57.44
N TRP E 132 44.70 -19.72 -56.13
CA TRP E 132 43.45 -19.97 -55.40
C TRP E 132 42.68 -18.72 -54.94
N VAL E 133 41.41 -18.66 -55.33
CA VAL E 133 40.47 -17.64 -54.85
C VAL E 133 39.16 -18.30 -54.30
N ILE E 134 39.02 -18.27 -52.97
CA ILE E 134 37.89 -18.87 -52.27
C ILE E 134 37.01 -17.77 -51.67
N LEU E 135 35.71 -17.87 -51.95
CA LEU E 135 34.74 -16.83 -51.58
C LEU E 135 33.32 -17.38 -51.41
N ILE E 136 32.59 -16.85 -50.43
CA ILE E 136 31.18 -17.23 -50.22
C ILE E 136 30.29 -16.44 -51.18
N GLY E 137 29.34 -17.14 -51.82
CA GLY E 137 28.38 -16.53 -52.74
C GLY E 137 27.29 -15.77 -52.03
N VAL E 138 27.69 -14.82 -51.17
CA VAL E 138 26.78 -13.94 -50.43
C VAL E 138 27.14 -12.50 -50.79
N CYS E 139 26.17 -11.81 -51.42
CA CYS E 139 26.31 -10.39 -51.79
C CYS E 139 26.00 -9.51 -50.55
N THR E 140 26.97 -8.67 -50.15
CA THR E 140 26.83 -7.80 -48.93
C THR E 140 25.91 -6.56 -49.13
N HIS E 141 24.70 -6.83 -49.61
CA HIS E 141 23.68 -5.82 -49.93
C HIS E 141 22.29 -6.28 -49.47
N LEU E 142 21.84 -7.43 -49.99
CA LEU E 142 20.51 -8.00 -49.67
C LEU E 142 20.51 -9.52 -49.37
N GLY E 143 21.58 -10.23 -49.77
CA GLY E 143 21.81 -11.63 -49.39
C GLY E 143 21.66 -12.73 -50.44
N CYS E 144 21.41 -12.36 -51.69
CA CYS E 144 21.26 -13.32 -52.80
C CYS E 144 22.59 -13.98 -53.21
N VAL E 145 22.49 -15.07 -54.00
CA VAL E 145 23.65 -15.88 -54.45
C VAL E 145 23.93 -15.68 -55.96
N PRO E 146 25.16 -15.23 -56.30
CA PRO E 146 25.54 -15.01 -57.71
C PRO E 146 25.71 -16.28 -58.55
N ILE E 147 25.25 -16.22 -59.81
CA ILE E 147 25.54 -17.23 -60.84
C ILE E 147 27.04 -17.09 -61.19
N ALA E 148 27.76 -18.22 -61.18
CA ALA E 148 29.18 -18.29 -61.56
C ALA E 148 29.41 -17.98 -63.07
N ASN E 149 30.54 -17.31 -63.36
CA ASN E 149 31.00 -16.93 -64.74
C ASN E 149 30.18 -15.89 -65.54
N ALA E 150 28.91 -15.72 -65.17
CA ALA E 150 27.94 -14.84 -65.86
C ALA E 150 28.24 -13.32 -65.74
N GLY E 151 27.36 -12.50 -66.34
CA GLY E 151 27.49 -11.05 -66.35
C GLY E 151 28.29 -10.52 -67.52
N ASP E 152 28.72 -9.26 -67.41
CA ASP E 152 29.48 -8.57 -68.47
C ASP E 152 30.99 -8.57 -68.23
N PHE E 153 31.39 -8.45 -66.96
CA PHE E 153 32.81 -8.41 -66.56
C PHE E 153 33.53 -9.74 -66.75
N GLY E 154 32.81 -10.84 -66.49
CA GLY E 154 33.34 -12.20 -66.62
C GLY E 154 33.84 -12.74 -65.29
N GLY E 155 32.92 -12.88 -64.34
CA GLY E 155 33.22 -13.36 -63.01
C GLY E 155 32.03 -13.95 -62.29
N TYR E 156 31.11 -13.07 -61.87
CA TYR E 156 29.86 -13.45 -61.14
C TYR E 156 28.71 -12.47 -61.47
N TYR E 157 27.46 -12.94 -61.37
CA TYR E 157 26.28 -12.11 -61.61
C TYR E 157 25.08 -12.48 -60.72
N CYS E 158 24.56 -11.46 -60.02
CA CYS E 158 23.39 -11.60 -59.13
C CYS E 158 22.06 -11.31 -59.85
N PRO E 159 21.10 -12.27 -59.82
CA PRO E 159 19.81 -12.12 -60.54
C PRO E 159 18.74 -11.34 -59.73
N CYS E 160 19.16 -10.72 -58.62
CA CYS E 160 18.27 -9.95 -57.75
C CYS E 160 18.19 -8.48 -58.24
N HIS E 161 18.93 -7.58 -57.57
CA HIS E 161 18.90 -6.13 -57.86
C HIS E 161 20.08 -5.66 -58.76
N GLY E 162 20.64 -6.61 -59.52
CA GLY E 162 21.67 -6.35 -60.53
C GLY E 162 23.02 -5.89 -60.00
N SER E 163 23.88 -6.86 -59.67
CA SER E 163 25.25 -6.60 -59.20
C SER E 163 26.28 -7.44 -59.98
N HIS E 164 27.21 -6.75 -60.65
CA HIS E 164 28.25 -7.38 -61.49
C HIS E 164 29.60 -7.49 -60.77
N TYR E 165 30.16 -8.71 -60.77
CA TYR E 165 31.45 -9.03 -60.10
C TYR E 165 32.49 -9.64 -61.08
N ASP E 166 33.77 -9.37 -60.79
CA ASP E 166 34.89 -9.92 -61.57
C ASP E 166 35.39 -11.28 -60.98
N ALA E 167 36.55 -11.76 -61.48
CA ALA E 167 37.15 -13.05 -61.05
C ALA E 167 37.55 -13.09 -59.57
N SER E 168 38.02 -11.94 -59.06
CA SER E 168 38.37 -11.75 -57.65
C SER E 168 37.13 -11.79 -56.73
N GLY E 169 35.99 -11.40 -57.29
CA GLY E 169 34.72 -11.30 -56.56
C GLY E 169 34.33 -9.89 -56.15
N ARG E 170 35.14 -8.90 -56.57
CA ARG E 170 34.95 -7.47 -56.20
C ARG E 170 33.74 -6.83 -56.90
N ILE E 171 33.00 -5.98 -56.16
CA ILE E 171 31.84 -5.25 -56.70
C ILE E 171 32.22 -4.17 -57.74
N ARG E 172 32.03 -4.53 -59.02
CA ARG E 172 32.37 -3.69 -60.16
C ARG E 172 31.21 -2.76 -60.58
N LYS E 173 30.01 -3.34 -60.77
CA LYS E 173 28.81 -2.58 -61.20
C LYS E 173 27.55 -2.91 -60.36
N GLY E 174 26.63 -1.94 -60.27
CA GLY E 174 25.38 -2.08 -59.51
C GLY E 174 25.41 -1.44 -58.12
N PRO E 175 24.30 -1.54 -57.34
CA PRO E 175 24.24 -0.96 -55.99
C PRO E 175 24.59 -1.95 -54.83
N ALA E 176 25.86 -1.92 -54.38
CA ALA E 176 26.35 -2.69 -53.21
C ALA E 176 27.63 -2.03 -52.61
N PRO E 177 27.66 -1.82 -51.27
CA PRO E 177 28.74 -1.05 -50.62
C PRO E 177 30.11 -1.76 -50.55
N LEU E 178 30.11 -3.07 -50.26
CA LEU E 178 31.34 -3.88 -50.11
C LEU E 178 31.31 -5.14 -51.03
N ASN E 179 32.51 -5.67 -51.34
CA ASN E 179 32.70 -6.86 -52.24
C ASN E 179 32.03 -8.17 -51.73
N LEU E 180 32.05 -9.22 -52.58
CA LEU E 180 31.62 -10.58 -52.19
C LEU E 180 32.53 -11.09 -51.06
N GLU E 181 31.91 -11.79 -50.10
CA GLU E 181 32.57 -12.21 -48.87
C GLU E 181 33.75 -13.15 -49.07
N VAL E 182 34.91 -12.74 -48.52
CA VAL E 182 36.14 -13.56 -48.50
C VAL E 182 36.34 -14.10 -47.06
N PRO E 183 36.25 -15.44 -46.87
CA PRO E 183 36.38 -16.05 -45.53
C PRO E 183 37.83 -16.06 -44.99
N SER E 184 38.00 -16.39 -43.70
CA SER E 184 39.32 -16.57 -43.09
C SER E 184 39.78 -18.01 -43.33
N TYR E 185 40.79 -18.17 -44.20
CA TYR E 185 41.19 -19.50 -44.70
C TYR E 185 42.70 -19.85 -44.63
N GLU E 186 42.98 -21.16 -44.72
CA GLU E 186 44.32 -21.75 -44.94
C GLU E 186 44.24 -23.21 -45.50
N PHE E 187 45.19 -23.56 -46.39
CA PHE E 187 45.30 -24.91 -46.97
C PHE E 187 46.66 -25.57 -46.69
N THR E 188 46.62 -26.84 -46.25
CA THR E 188 47.85 -27.60 -45.87
C THR E 188 48.33 -28.62 -46.93
N SER E 189 47.62 -28.71 -48.06
CA SER E 189 47.95 -29.64 -49.16
C SER E 189 47.48 -29.13 -50.55
N ASP E 190 47.61 -29.99 -51.57
CA ASP E 190 47.03 -29.78 -52.92
C ASP E 190 45.64 -30.45 -53.05
N ASP E 191 45.10 -30.95 -51.92
CA ASP E 191 43.82 -31.67 -51.84
C ASP E 191 42.98 -31.43 -50.54
N MET E 192 43.46 -30.52 -49.67
CA MET E 192 42.80 -30.20 -48.38
C MET E 192 42.76 -28.70 -48.06
N VAL E 193 41.57 -28.22 -47.67
CA VAL E 193 41.34 -26.82 -47.22
C VAL E 193 40.20 -26.72 -46.17
N ILE E 194 40.46 -25.96 -45.10
CA ILE E 194 39.50 -25.74 -44.01
C ILE E 194 39.11 -24.25 -43.94
N VAL E 195 37.80 -23.99 -43.98
CA VAL E 195 37.24 -22.62 -43.81
C VAL E 195 36.62 -22.40 -42.40
N GLY E 196 37.46 -21.95 -41.46
CA GLY E 196 37.05 -21.68 -40.09
C GLY E 196 37.26 -20.23 -39.69
N VAL F 6 -32.89 -35.01 39.62
CA VAL F 6 -32.18 -35.92 38.65
C VAL F 6 -32.71 -35.75 37.20
N SER F 7 -31.76 -35.71 36.25
CA SER F 7 -32.01 -35.78 34.79
C SER F 7 -30.72 -36.33 34.13
N ALA F 8 -30.30 -37.54 34.59
CA ALA F 8 -28.98 -38.17 34.31
C ALA F 8 -28.58 -38.33 32.83
N SER F 9 -29.53 -38.84 32.03
CA SER F 9 -29.38 -38.93 30.57
C SER F 9 -29.29 -37.52 29.90
N SER F 10 -30.30 -36.67 30.16
CA SER F 10 -30.39 -35.31 29.60
C SER F 10 -29.23 -34.35 29.96
N ARG F 11 -28.41 -34.74 30.95
CA ARG F 11 -27.19 -34.00 31.30
C ARG F 11 -25.89 -34.59 30.75
N TRP F 12 -25.96 -35.85 30.27
CA TRP F 12 -24.88 -36.49 29.49
C TRP F 12 -25.06 -36.13 28.01
N LEU F 13 -26.31 -36.20 27.52
CA LEU F 13 -26.70 -35.72 26.17
C LEU F 13 -26.42 -34.20 26.02
N GLU F 14 -26.39 -33.49 27.16
CA GLU F 14 -25.93 -32.10 27.27
C GLU F 14 -24.42 -32.02 27.42
N LYS F 15 -23.82 -33.00 28.09
CA LYS F 15 -22.36 -33.01 28.31
C LYS F 15 -21.54 -33.34 27.05
N ILE F 16 -22.17 -34.09 26.11
CA ILE F 16 -21.58 -34.36 24.77
C ILE F 16 -21.50 -33.03 24.04
N ARG F 17 -22.61 -32.28 24.10
CA ARG F 17 -22.75 -30.94 23.50
C ARG F 17 -21.69 -30.00 24.03
N LYS F 18 -21.52 -29.96 25.36
CA LYS F 18 -20.49 -29.12 26.00
C LYS F 18 -19.11 -29.51 25.55
N TRP F 19 -18.90 -30.84 25.40
CA TRP F 19 -17.65 -31.40 24.88
C TRP F 19 -17.40 -30.89 23.44
N TYR F 20 -18.44 -31.02 22.58
CA TYR F 20 -18.35 -30.65 21.16
C TYR F 20 -18.04 -29.18 20.99
N TYR F 21 -18.83 -28.36 21.70
CA TYR F 21 -18.62 -26.93 21.82
C TYR F 21 -17.14 -26.59 22.09
N ASN F 22 -16.52 -27.25 23.08
CA ASN F 22 -15.12 -27.02 23.41
C ASN F 22 -14.19 -27.46 22.32
N ALA F 23 -14.58 -28.53 21.61
CA ALA F 23 -13.83 -29.08 20.48
C ALA F 23 -13.95 -28.17 19.22
N ALA F 24 -15.12 -27.56 19.02
CA ALA F 24 -15.37 -26.62 17.93
C ALA F 24 -14.41 -25.44 18.02
N GLY F 25 -14.13 -24.99 19.23
CA GLY F 25 -13.09 -24.00 19.48
C GLY F 25 -13.25 -22.57 18.94
N PHE F 26 -14.49 -22.17 18.60
CA PHE F 26 -14.72 -20.74 18.28
C PHE F 26 -14.64 -19.89 19.53
N ASN F 27 -15.05 -20.50 20.64
CA ASN F 27 -14.91 -19.91 21.96
C ASN F 27 -13.47 -19.55 22.35
N LYS F 28 -12.48 -20.21 21.74
CA LYS F 28 -11.06 -19.88 21.97
C LYS F 28 -10.72 -18.49 21.38
N LEU F 29 -11.43 -18.15 20.29
CA LEU F 29 -11.23 -16.94 19.53
C LEU F 29 -12.27 -15.86 19.98
N GLY F 30 -12.92 -16.10 21.15
CA GLY F 30 -13.88 -15.18 21.76
C GLY F 30 -15.27 -15.14 21.14
N LEU F 31 -15.49 -16.01 20.14
CA LEU F 31 -16.71 -16.04 19.35
C LEU F 31 -17.93 -16.61 20.05
N MET F 32 -19.12 -16.29 19.53
CA MET F 32 -20.34 -16.92 19.96
C MET F 32 -20.89 -17.73 18.80
N ARG F 33 -21.66 -18.78 19.11
CA ARG F 33 -22.19 -19.70 18.09
C ARG F 33 -22.81 -18.97 16.86
N ASP F 34 -23.68 -17.99 17.12
CA ASP F 34 -24.34 -17.24 16.06
C ASP F 34 -23.39 -16.31 15.25
N ASP F 35 -22.16 -16.09 15.74
CA ASP F 35 -21.12 -15.32 15.01
C ASP F 35 -20.49 -16.15 13.90
N THR F 36 -20.62 -17.47 14.01
CA THR F 36 -19.97 -18.36 13.09
C THR F 36 -20.87 -18.86 11.97
N ILE F 37 -22.18 -18.55 12.06
CA ILE F 37 -23.17 -18.95 11.04
C ILE F 37 -22.83 -18.45 9.64
N HIS F 38 -23.08 -19.30 8.64
CA HIS F 38 -22.92 -18.95 7.24
C HIS F 38 -24.00 -17.98 6.80
N GLU F 39 -23.56 -16.83 6.28
CA GLU F 39 -24.46 -15.76 5.87
C GLU F 39 -25.13 -16.13 4.56
N ASN F 40 -26.37 -16.60 4.63
CA ASN F 40 -27.22 -16.70 3.44
C ASN F 40 -28.25 -15.52 3.47
N ASP F 41 -29.23 -15.53 2.58
CA ASP F 41 -30.20 -14.46 2.56
C ASP F 41 -30.97 -14.30 3.90
N ASP F 42 -31.50 -15.42 4.42
CA ASP F 42 -32.20 -15.40 5.73
C ASP F 42 -31.30 -14.83 6.85
N VAL F 43 -30.02 -15.25 6.87
CA VAL F 43 -29.05 -14.78 7.88
C VAL F 43 -28.71 -13.32 7.71
N LYS F 44 -28.44 -12.92 6.43
CA LYS F 44 -28.10 -11.55 6.09
C LYS F 44 -29.24 -10.63 6.55
N GLU F 45 -30.48 -11.14 6.45
CA GLU F 45 -31.66 -10.39 6.88
C GLU F 45 -31.75 -10.24 8.37
N ALA F 46 -31.48 -11.32 9.08
CA ALA F 46 -31.50 -11.32 10.52
C ALA F 46 -30.38 -10.44 11.10
N ILE F 47 -29.19 -10.48 10.49
CA ILE F 47 -28.08 -9.54 10.88
C ILE F 47 -28.56 -8.10 10.73
N ARG F 48 -29.33 -7.86 9.66
CA ARG F 48 -29.88 -6.55 9.33
C ARG F 48 -30.86 -6.07 10.38
N ARG F 49 -31.69 -7.00 10.88
CA ARG F 49 -32.71 -6.70 11.87
C ARG F 49 -32.21 -6.53 13.30
N LEU F 50 -30.94 -6.84 13.57
CA LEU F 50 -30.43 -6.75 14.99
C LEU F 50 -30.39 -5.29 15.46
N PRO F 51 -30.63 -5.05 16.76
CA PRO F 51 -30.58 -3.68 17.29
C PRO F 51 -29.12 -3.21 17.38
N GLU F 52 -28.91 -1.90 17.52
CA GLU F 52 -27.58 -1.32 17.45
C GLU F 52 -26.54 -2.00 18.36
N ASN F 53 -26.92 -2.20 19.63
CA ASN F 53 -26.02 -2.76 20.66
C ASN F 53 -25.44 -4.10 20.28
N LEU F 54 -26.34 -5.00 19.82
CA LEU F 54 -26.01 -6.37 19.44
C LEU F 54 -25.18 -6.45 18.17
N TYR F 55 -25.62 -5.72 17.13
CA TYR F 55 -24.86 -5.57 15.87
C TYR F 55 -23.45 -5.03 16.15
N ASP F 56 -23.35 -3.97 16.96
CA ASP F 56 -22.03 -3.44 17.28
C ASP F 56 -21.12 -4.45 17.93
N ASP F 57 -21.65 -5.16 18.98
CA ASP F 57 -20.96 -6.26 19.72
C ASP F 57 -20.52 -7.41 18.81
N ARG F 58 -21.40 -7.78 17.87
CA ARG F 58 -21.12 -8.79 16.83
C ARG F 58 -19.86 -8.44 15.98
N VAL F 59 -19.86 -7.22 15.40
CA VAL F 59 -18.74 -6.70 14.58
C VAL F 59 -17.43 -6.77 15.36
N PHE F 60 -17.47 -6.44 16.66
CA PHE F 60 -16.23 -6.45 17.43
C PHE F 60 -15.68 -7.80 17.62
N ARG F 61 -16.57 -8.77 17.85
CA ARG F 61 -16.15 -10.13 18.09
C ARG F 61 -15.49 -10.70 16.85
N ILE F 62 -16.13 -10.46 15.70
CA ILE F 62 -15.62 -10.92 14.41
C ILE F 62 -14.29 -10.27 14.08
N LYS F 63 -14.15 -8.97 14.39
CA LYS F 63 -12.89 -8.26 14.18
C LYS F 63 -11.78 -8.93 15.05
N ARG F 64 -12.08 -9.12 16.34
CA ARG F 64 -11.14 -9.73 17.29
C ARG F 64 -10.77 -11.19 16.90
N ALA F 65 -11.78 -11.95 16.43
CA ALA F 65 -11.61 -13.30 15.86
C ALA F 65 -10.71 -13.33 14.60
N LEU F 66 -11.00 -12.46 13.65
CA LEU F 66 -10.20 -12.37 12.41
C LEU F 66 -8.79 -11.85 12.66
N ASP F 67 -8.65 -11.04 13.72
CA ASP F 67 -7.36 -10.55 14.19
C ASP F 67 -6.50 -11.71 14.69
N LEU F 68 -7.04 -12.47 15.67
CA LEU F 68 -6.31 -13.63 16.24
C LEU F 68 -5.99 -14.67 15.18
N SER F 69 -7.01 -15.00 14.36
CA SER F 69 -6.90 -15.95 13.25
C SER F 69 -5.77 -15.61 12.31
N MET F 70 -5.49 -14.32 12.20
CA MET F 70 -4.36 -13.82 11.44
C MET F 70 -3.05 -14.06 12.20
N ARG F 71 -2.90 -13.49 13.40
CA ARG F 71 -1.68 -13.70 14.23
C ARG F 71 -1.48 -15.19 14.68
N GLN F 72 -2.43 -16.04 14.24
CA GLN F 72 -2.51 -17.47 14.50
C GLN F 72 -2.55 -17.82 15.99
N GLN F 73 -3.32 -17.00 16.72
CA GLN F 73 -3.43 -17.11 18.16
C GLN F 73 -4.87 -17.43 18.59
N ILE F 74 -5.01 -17.66 19.88
CA ILE F 74 -6.28 -17.76 20.57
C ILE F 74 -6.20 -16.82 21.79
N LEU F 75 -7.34 -16.60 22.44
CA LEU F 75 -7.37 -15.84 23.69
C LEU F 75 -6.86 -16.68 24.88
N PRO F 76 -6.37 -16.01 25.94
CA PRO F 76 -6.19 -16.68 27.24
C PRO F 76 -7.46 -17.52 27.62
N LYS F 77 -7.28 -18.60 28.40
CA LYS F 77 -8.38 -19.56 28.71
C LYS F 77 -9.60 -18.91 29.37
N GLU F 78 -9.31 -17.94 30.24
CA GLU F 78 -10.28 -17.30 31.11
C GLU F 78 -11.25 -16.48 30.30
N GLN F 79 -10.75 -15.98 29.18
CA GLN F 79 -11.44 -15.09 28.29
C GLN F 79 -12.17 -15.79 27.10
N TRP F 80 -12.16 -17.13 27.08
CA TRP F 80 -12.97 -17.91 26.13
C TRP F 80 -14.45 -17.82 26.49
N THR F 81 -15.30 -18.09 25.51
CA THR F 81 -16.75 -18.10 25.72
C THR F 81 -17.09 -19.40 26.38
N LYS F 82 -17.83 -19.30 27.47
CA LYS F 82 -18.28 -20.47 28.19
C LYS F 82 -19.55 -20.91 27.54
N TYR F 83 -19.72 -22.23 27.44
CA TYR F 83 -20.87 -22.86 26.80
C TYR F 83 -22.22 -22.37 27.36
N GLU F 84 -22.22 -22.10 28.67
CA GLU F 84 -23.35 -21.60 29.45
C GLU F 84 -23.64 -20.15 29.10
N GLU F 85 -22.57 -19.37 28.96
CA GLU F 85 -22.64 -17.92 28.74
C GLU F 85 -22.88 -17.56 27.26
N ASP F 86 -23.15 -18.59 26.43
CA ASP F 86 -23.34 -18.42 24.98
C ASP F 86 -24.75 -17.93 24.67
N LYS F 87 -24.82 -16.62 24.44
CA LYS F 87 -26.06 -15.93 24.12
C LYS F 87 -26.44 -16.23 22.68
N SER F 88 -27.57 -16.91 22.53
CA SER F 88 -28.08 -17.28 21.23
C SER F 88 -28.81 -16.09 20.52
N TYR F 89 -28.20 -14.90 20.58
CA TYR F 89 -28.83 -13.61 20.18
C TYR F 89 -29.50 -13.50 18.79
N LEU F 90 -29.06 -14.33 17.82
CA LEU F 90 -29.62 -14.31 16.46
C LEU F 90 -30.86 -15.17 16.25
N GLU F 91 -30.92 -16.32 16.93
CA GLU F 91 -31.98 -17.33 16.70
C GLU F 91 -33.42 -16.80 16.55
N PRO F 92 -33.95 -15.96 17.49
CA PRO F 92 -35.32 -15.44 17.32
C PRO F 92 -35.45 -14.56 16.04
N TYR F 93 -34.40 -13.81 15.68
CA TYR F 93 -34.45 -12.97 14.47
C TYR F 93 -34.55 -13.81 13.20
N LEU F 94 -33.72 -14.87 13.15
CA LEU F 94 -33.68 -15.80 12.02
C LEU F 94 -34.91 -16.69 11.97
N LYS F 95 -35.43 -17.05 13.15
CA LYS F 95 -36.66 -17.84 13.24
C LYS F 95 -37.80 -17.08 12.56
N GLU F 96 -37.85 -15.75 12.79
CA GLU F 96 -38.91 -14.87 12.29
C GLU F 96 -38.83 -14.66 10.78
N VAL F 97 -37.60 -14.66 10.25
CA VAL F 97 -37.30 -14.44 8.82
C VAL F 97 -37.67 -15.69 8.00
N ILE F 98 -37.39 -16.87 8.57
CA ILE F 98 -37.72 -18.14 7.95
C ILE F 98 -39.24 -18.33 7.99
N ARG F 99 -39.85 -17.86 9.09
CA ARG F 99 -41.29 -18.02 9.31
C ARG F 99 -42.04 -17.13 8.30
N GLU F 100 -41.43 -15.99 7.99
CA GLU F 100 -41.93 -15.01 7.04
C GLU F 100 -41.76 -15.53 5.61
N ARG F 101 -40.58 -16.09 5.33
CA ARG F 101 -40.28 -16.67 4.01
C ARG F 101 -41.18 -17.82 3.66
N LYS F 102 -41.48 -18.64 4.65
CA LYS F 102 -42.30 -19.86 4.45
C LYS F 102 -43.76 -19.53 4.14
N GLU F 103 -44.24 -18.42 4.71
CA GLU F 103 -45.55 -17.87 4.41
C GLU F 103 -45.60 -17.41 2.92
N ARG F 104 -44.50 -16.80 2.45
CA ARG F 104 -44.38 -16.41 1.04
C ARG F 104 -44.44 -17.66 0.16
N GLU F 105 -43.60 -18.63 0.51
CA GLU F 105 -43.52 -19.90 -0.21
C GLU F 105 -44.83 -20.70 -0.20
N GLU F 106 -45.65 -20.49 0.84
CA GLU F 106 -46.97 -21.09 0.95
C GLU F 106 -47.98 -20.34 0.09
N TRP F 107 -47.86 -19.02 0.04
CA TRP F 107 -48.75 -18.21 -0.76
C TRP F 107 -48.49 -18.41 -2.27
N ALA F 108 -47.21 -18.61 -2.61
CA ALA F 108 -46.79 -18.89 -3.98
C ALA F 108 -47.31 -20.24 -4.54
N LYS F 109 -47.79 -21.12 -3.65
CA LYS F 109 -48.25 -22.46 -4.00
C LYS F 109 -49.69 -22.51 -4.51
N LYS F 110 -50.55 -21.67 -3.95
CA LYS F 110 -52.01 -21.76 -4.18
C LYS F 110 -52.51 -21.24 -5.53
N GLY G 1 -17.48 -6.22 -8.16
CA GLY G 1 -16.36 -5.94 -7.23
C GLY G 1 -16.69 -4.86 -6.21
N ARG G 2 -16.03 -4.92 -5.05
CA ARG G 2 -16.22 -3.91 -3.98
C ARG G 2 -14.94 -3.20 -3.58
N GLN G 3 -15.09 -2.00 -3.03
CA GLN G 3 -13.95 -1.12 -2.67
C GLN G 3 -14.14 -0.58 -1.26
N PHE G 4 -13.06 -0.11 -0.64
CA PHE G 4 -13.11 0.52 0.69
C PHE G 4 -14.05 1.73 0.74
N GLY G 5 -14.75 1.88 1.87
CA GLY G 5 -15.76 2.91 2.04
C GLY G 5 -17.16 2.47 1.64
N HIS G 6 -17.30 1.24 1.13
CA HIS G 6 -18.59 0.65 0.71
C HIS G 6 -18.82 -0.77 1.23
N LEU G 7 -17.83 -1.33 1.93
CA LEU G 7 -17.88 -2.72 2.34
C LEU G 7 -18.97 -3.03 3.38
N THR G 8 -18.85 -2.44 4.58
CA THR G 8 -19.87 -2.57 5.67
C THR G 8 -19.78 -1.45 6.76
N ARG G 9 -20.85 -1.29 7.53
CA ARG G 9 -20.93 -0.38 8.70
C ARG G 9 -20.20 -0.97 9.94
N VAL G 10 -19.32 -0.16 10.53
CA VAL G 10 -18.54 -0.54 11.75
C VAL G 10 -18.46 0.72 12.63
N ARG G 11 -18.82 0.57 13.90
CA ARG G 11 -18.83 1.68 14.87
C ARG G 11 -18.06 1.30 16.12
N HIS G 12 -17.32 2.28 16.66
CA HIS G 12 -16.70 2.24 18.04
C HIS G 12 -15.43 1.38 18.26
N VAL G 13 -14.69 1.10 17.19
CA VAL G 13 -13.49 0.26 17.26
C VAL G 13 -12.26 1.09 16.93
N ILE G 14 -11.47 1.36 17.95
CA ILE G 14 -10.17 2.03 17.79
C ILE G 14 -9.11 0.97 17.41
N THR G 15 -8.23 1.30 16.45
CA THR G 15 -7.07 0.46 16.07
C THR G 15 -5.79 1.26 16.17
N TYR G 16 -4.84 0.74 16.95
CA TYR G 16 -3.53 1.37 17.14
C TYR G 16 -2.50 0.58 16.37
N SER G 17 -1.88 1.23 15.39
CA SER G 17 -0.83 0.63 14.58
C SER G 17 0.47 1.36 14.78
N LEU G 18 1.56 0.64 14.51
CA LEU G 18 2.91 1.18 14.54
C LEU G 18 3.59 1.04 13.17
N SER G 19 4.45 2.00 12.85
CA SER G 19 5.30 1.99 11.64
C SER G 19 6.28 0.79 11.70
N PRO G 20 6.58 0.14 10.54
CA PRO G 20 7.51 -1.01 10.51
C PRO G 20 8.95 -0.61 10.85
N PHE G 21 9.28 0.66 10.63
CA PHE G 21 10.57 1.21 10.94
C PHE G 21 10.75 1.48 12.44
N GLU G 22 9.64 1.52 13.18
CA GLU G 22 9.67 1.76 14.63
C GLU G 22 9.72 0.45 15.45
N GLN G 23 9.38 -0.65 14.79
CA GLN G 23 9.28 -1.95 15.42
C GLN G 23 10.24 -3.00 14.80
N ARG G 24 10.39 -4.15 15.49
CA ARG G 24 11.20 -5.27 14.99
C ARG G 24 10.35 -6.32 14.28
N ALA G 25 10.88 -6.82 13.17
CA ALA G 25 10.19 -7.79 12.30
C ALA G 25 9.97 -9.15 12.98
N PHE G 26 10.93 -9.57 13.81
CA PHE G 26 10.81 -10.81 14.61
C PHE G 26 10.93 -10.45 16.11
N PRO G 27 9.81 -10.01 16.74
CA PRO G 27 9.81 -9.62 18.16
C PRO G 27 10.38 -10.70 19.08
N HIS G 28 9.73 -11.86 19.16
CA HIS G 28 10.20 -12.96 20.00
C HIS G 28 10.06 -14.27 19.23
N TYR G 29 10.88 -14.40 18.19
CA TYR G 29 10.73 -15.44 17.16
C TYR G 29 10.71 -16.88 17.65
N PHE G 30 11.59 -17.21 18.59
CA PHE G 30 11.69 -18.55 19.12
C PHE G 30 11.04 -18.73 20.51
N SER G 31 11.11 -17.67 21.33
CA SER G 31 10.53 -17.65 22.68
C SER G 31 8.98 -17.64 22.73
N LYS G 32 8.34 -17.26 21.60
CA LYS G 32 6.86 -17.26 21.46
C LYS G 32 6.40 -18.21 20.35
N GLY G 33 7.21 -18.28 19.27
CA GLY G 33 6.92 -19.10 18.11
C GLY G 33 6.87 -20.58 18.38
N ILE G 34 7.90 -21.11 19.04
CA ILE G 34 7.93 -22.53 19.43
C ILE G 34 6.75 -22.93 20.38
N PRO G 35 6.51 -22.20 21.51
CA PRO G 35 5.29 -22.45 22.32
C PRO G 35 4.02 -22.50 21.47
N ASN G 36 3.92 -21.59 20.49
CA ASN G 36 2.79 -21.48 19.57
C ASN G 36 2.69 -22.68 18.64
N VAL G 37 3.83 -23.10 18.07
CA VAL G 37 3.81 -24.17 17.05
C VAL G 37 3.42 -25.54 17.56
N LEU G 38 3.85 -25.84 18.79
CA LEU G 38 3.43 -27.07 19.49
C LEU G 38 1.92 -26.99 19.83
N ARG G 39 1.52 -25.86 20.43
CA ARG G 39 0.10 -25.54 20.72
C ARG G 39 -0.80 -25.75 19.46
N ARG G 40 -0.29 -25.31 18.29
CA ARG G 40 -0.99 -25.43 16.97
C ARG G 40 -1.09 -26.89 16.54
N THR G 41 0.00 -27.64 16.78
CA THR G 41 0.13 -29.07 16.43
C THR G 41 -0.80 -29.93 17.30
N ARG G 42 -0.73 -29.73 18.64
CA ARG G 42 -1.58 -30.40 19.66
C ARG G 42 -3.08 -30.20 19.37
N ALA G 43 -3.42 -29.00 18.86
CA ALA G 43 -4.78 -28.63 18.46
C ALA G 43 -5.32 -29.50 17.31
N CYS G 44 -4.43 -30.00 16.44
CA CYS G 44 -4.84 -30.73 15.25
C CYS G 44 -4.43 -32.18 15.10
N ILE G 45 -3.44 -32.66 15.88
CA ILE G 45 -2.94 -34.05 15.73
C ILE G 45 -3.97 -35.15 15.80
N LEU G 46 -4.97 -35.00 16.66
CA LEU G 46 -6.06 -35.98 16.78
C LEU G 46 -7.09 -35.90 15.64
N ARG G 47 -6.90 -34.95 14.73
CA ARG G 47 -7.84 -34.71 13.64
C ARG G 47 -7.28 -34.95 12.25
N VAL G 48 -5.95 -34.93 12.14
CA VAL G 48 -5.22 -35.06 10.84
C VAL G 48 -4.43 -36.37 10.81
N ALA G 49 -3.75 -36.71 11.92
CA ALA G 49 -2.91 -37.92 12.01
C ALA G 49 -3.60 -39.30 11.89
N PRO G 50 -4.70 -39.59 12.63
CA PRO G 50 -5.35 -40.93 12.59
C PRO G 50 -5.69 -41.58 11.21
N PRO G 51 -6.15 -40.85 10.16
CA PRO G 51 -6.30 -41.49 8.83
C PRO G 51 -4.95 -41.79 8.14
N PHE G 52 -3.94 -40.93 8.34
CA PHE G 52 -2.60 -41.16 7.80
C PHE G 52 -1.89 -42.38 8.39
N VAL G 53 -2.01 -42.57 9.72
CA VAL G 53 -1.55 -43.82 10.38
C VAL G 53 -2.29 -45.02 9.75
N ALA G 54 -3.64 -44.93 9.67
CA ALA G 54 -4.49 -45.95 9.05
C ALA G 54 -4.12 -46.26 7.60
N PHE G 55 -3.77 -45.22 6.81
CA PHE G 55 -3.21 -45.42 5.47
C PHE G 55 -1.85 -46.13 5.58
N TYR G 56 -0.92 -45.55 6.37
CA TYR G 56 0.45 -46.11 6.50
C TYR G 56 0.49 -47.61 6.80
N LEU G 57 -0.28 -48.05 7.81
CA LEU G 57 -0.39 -49.47 8.15
C LEU G 57 -1.03 -50.34 7.04
N VAL G 58 -2.01 -49.78 6.28
CA VAL G 58 -2.61 -50.47 5.12
C VAL G 58 -1.54 -50.61 4.03
N TYR G 59 -0.77 -49.53 3.82
CA TYR G 59 0.36 -49.50 2.88
C TYR G 59 1.44 -50.55 3.21
N THR G 60 1.86 -50.59 4.48
CA THR G 60 2.94 -51.50 4.92
C THR G 60 2.55 -53.00 4.95
N TRP G 61 1.31 -53.29 5.39
CA TRP G 61 0.68 -54.63 5.31
C TRP G 61 0.46 -55.06 3.87
N GLY G 62 -0.16 -54.18 3.06
CA GLY G 62 -0.52 -54.46 1.66
C GLY G 62 0.64 -54.87 0.78
N THR G 63 1.76 -54.15 0.96
CA THR G 63 3.01 -54.42 0.24
C THR G 63 3.68 -55.69 0.73
N GLN G 64 3.63 -55.92 2.05
CA GLN G 64 4.14 -57.17 2.67
C GLN G 64 3.29 -58.40 2.25
N GLU G 65 1.97 -58.23 2.09
CA GLU G 65 1.07 -59.27 1.58
C GLU G 65 1.24 -59.52 0.06
N PHE G 66 1.71 -58.49 -0.67
CA PHE G 66 1.93 -58.58 -2.14
C PHE G 66 3.02 -59.60 -2.50
N GLU G 67 4.22 -59.40 -1.93
CA GLU G 67 5.40 -60.25 -2.19
C GLU G 67 5.27 -61.66 -1.59
N LYS G 68 4.83 -61.71 -0.33
CA LYS G 68 4.56 -62.96 0.38
C LYS G 68 3.20 -63.52 -0.09
N SER G 69 3.09 -63.82 -1.39
CA SER G 69 1.89 -64.45 -1.98
C SER G 69 2.16 -65.33 -3.20
N LYS G 70 3.01 -64.85 -4.11
CA LYS G 70 3.31 -65.59 -5.35
C LYS G 70 4.33 -66.75 -5.20
N ARG G 71 5.27 -66.62 -4.25
CA ARG G 71 6.15 -67.74 -3.88
C ARG G 71 5.33 -68.83 -3.21
N LYS G 72 5.70 -70.09 -3.48
CA LYS G 72 5.02 -71.25 -2.93
C LYS G 72 5.66 -71.68 -1.60
N ASN G 73 5.23 -72.86 -1.11
CA ASN G 73 5.79 -73.55 0.07
C ASN G 73 5.66 -75.11 -0.05
N PRO G 74 4.55 -75.64 -0.62
CA PRO G 74 4.52 -77.04 -1.08
C PRO G 74 4.67 -77.15 -2.62
N ALA G 75 4.57 -78.37 -3.16
CA ALA G 75 4.63 -78.63 -4.62
C ALA G 75 3.32 -78.19 -5.34
N GLU H 12 48.51 -64.32 -12.27
CA GLU H 12 48.02 -63.32 -13.28
C GLU H 12 46.57 -62.88 -13.00
N LEU H 13 46.35 -61.54 -13.01
CA LEU H 13 45.03 -60.88 -12.86
C LEU H 13 44.25 -61.11 -11.54
N VAL H 14 44.32 -60.13 -10.64
CA VAL H 14 43.65 -60.18 -9.33
C VAL H 14 42.37 -59.31 -9.24
N ASP H 15 41.22 -59.93 -9.56
CA ASP H 15 39.90 -59.25 -9.56
C ASP H 15 39.40 -58.95 -8.15
N PRO H 16 39.22 -57.65 -7.81
CA PRO H 16 38.73 -57.24 -6.48
C PRO H 16 37.35 -57.80 -6.13
N LEU H 17 36.49 -58.05 -7.13
CA LEU H 17 35.15 -58.62 -6.90
C LEU H 17 35.21 -59.95 -6.14
N THR H 18 35.87 -60.96 -6.73
CA THR H 18 35.99 -62.30 -6.12
C THR H 18 36.88 -62.36 -4.87
N THR H 19 37.81 -61.38 -4.73
CA THR H 19 38.66 -61.21 -3.51
C THR H 19 37.85 -60.79 -2.26
N VAL H 20 36.87 -59.88 -2.47
CA VAL H 20 35.99 -59.34 -1.40
C VAL H 20 34.60 -60.06 -1.38
N ARG H 21 34.26 -60.79 -2.45
CA ARG H 21 33.07 -61.66 -2.51
C ARG H 21 33.16 -62.83 -1.50
N GLU H 22 34.40 -63.29 -1.25
CA GLU H 22 34.70 -64.35 -0.27
C GLU H 22 34.45 -63.90 1.19
N GLN H 23 34.63 -62.59 1.45
CA GLN H 23 34.29 -61.96 2.74
C GLN H 23 32.74 -61.82 2.87
N CYS H 24 32.07 -61.62 1.72
CA CYS H 24 30.60 -61.47 1.63
C CYS H 24 29.85 -62.78 1.82
N GLU H 25 30.28 -63.84 1.11
CA GLU H 25 29.73 -65.21 1.25
C GLU H 25 29.88 -65.73 2.72
N GLN H 26 30.95 -65.30 3.37
CA GLN H 26 31.22 -65.57 4.79
C GLN H 26 30.63 -64.46 5.70
N LEU H 27 29.29 -64.33 5.67
CA LEU H 27 28.53 -63.42 6.56
C LEU H 27 27.33 -64.12 7.18
N GLU H 28 26.97 -63.65 8.39
CA GLU H 28 25.87 -64.20 9.22
C GLU H 28 24.57 -64.57 8.46
N LYS H 29 23.93 -63.56 7.86
CA LYS H 29 22.68 -63.74 7.09
C LYS H 29 22.91 -64.42 5.73
N CYS H 30 24.16 -64.39 5.23
CA CYS H 30 24.53 -64.95 3.92
C CYS H 30 24.52 -66.49 3.85
N VAL H 31 25.28 -67.14 4.76
CA VAL H 31 25.33 -68.61 4.84
C VAL H 31 23.96 -69.19 5.13
N LYS H 32 23.18 -68.46 5.98
CA LYS H 32 21.81 -68.83 6.33
C LYS H 32 20.91 -68.99 5.09
N ALA H 33 21.09 -68.10 4.11
CA ALA H 33 20.34 -68.14 2.84
C ALA H 33 20.87 -69.20 1.86
N ARG H 34 22.10 -69.67 2.08
CA ARG H 34 22.65 -70.80 1.31
C ARG H 34 22.17 -72.15 1.87
N GLU H 35 21.91 -72.18 3.18
CA GLU H 35 21.38 -73.37 3.88
C GLU H 35 20.00 -73.79 3.34
N ARG H 36 19.09 -72.81 3.19
CA ARG H 36 17.78 -73.07 2.61
C ARG H 36 17.82 -73.27 1.07
N LEU H 37 18.91 -72.81 0.43
CA LEU H 37 19.16 -73.04 -1.00
C LEU H 37 19.58 -74.48 -1.24
N GLU H 38 20.51 -74.97 -0.39
CA GLU H 38 21.01 -76.36 -0.40
C GLU H 38 19.93 -77.39 -0.07
N LEU H 39 19.04 -77.05 0.88
CA LEU H 39 17.92 -77.94 1.26
C LEU H 39 16.83 -78.00 0.18
N CYS H 40 16.76 -76.93 -0.62
CA CYS H 40 15.98 -76.90 -1.85
C CYS H 40 16.70 -77.72 -2.97
N ASP H 41 18.05 -77.61 -3.02
CA ASP H 41 18.89 -78.36 -3.99
C ASP H 41 18.72 -79.90 -3.82
N GLU H 42 19.00 -80.37 -2.59
CA GLU H 42 18.91 -81.79 -2.22
C GLU H 42 17.45 -82.31 -2.04
N ARG H 43 16.48 -81.55 -2.59
CA ARG H 43 15.06 -81.96 -2.66
C ARG H 43 14.48 -81.97 -4.10
N VAL H 44 14.99 -81.06 -4.94
CA VAL H 44 14.66 -81.01 -6.38
C VAL H 44 15.43 -82.12 -7.12
N SER H 45 16.71 -82.28 -6.74
CA SER H 45 17.57 -83.36 -7.27
C SER H 45 17.14 -84.74 -6.76
N SER H 46 16.69 -84.80 -5.50
CA SER H 46 16.27 -86.05 -4.84
C SER H 46 14.92 -86.64 -5.31
N ARG H 47 13.94 -85.76 -5.57
CA ARG H 47 12.61 -86.19 -6.01
C ARG H 47 12.55 -86.60 -7.50
N SER H 48 11.42 -87.22 -7.88
CA SER H 48 11.17 -87.75 -9.23
C SER H 48 11.16 -86.67 -10.34
N GLN H 49 9.98 -86.06 -10.60
CA GLN H 49 9.80 -85.06 -11.65
C GLN H 49 8.88 -83.90 -11.16
N THR H 50 9.40 -83.13 -10.21
CA THR H 50 8.69 -81.98 -9.60
C THR H 50 8.82 -80.69 -10.46
N GLU H 51 8.15 -79.61 -10.01
CA GLU H 51 8.33 -78.26 -10.54
C GLU H 51 8.55 -77.21 -9.42
N GLU H 52 8.73 -77.71 -8.19
CA GLU H 52 9.01 -76.86 -7.00
C GLU H 52 10.51 -76.43 -6.99
N ASP H 53 10.88 -75.71 -8.05
CA ASP H 53 12.27 -75.33 -8.38
C ASP H 53 12.87 -74.20 -7.51
N CYS H 54 14.19 -74.02 -7.64
CA CYS H 54 14.97 -73.19 -6.73
C CYS H 54 15.54 -71.91 -7.32
N THR H 55 14.80 -71.32 -8.27
CA THR H 55 15.09 -69.97 -8.78
C THR H 55 14.90 -68.93 -7.65
N GLU H 56 13.95 -69.22 -6.75
CA GLU H 56 13.58 -68.38 -5.58
C GLU H 56 14.77 -68.20 -4.60
N GLU H 57 15.23 -69.31 -4.02
CA GLU H 57 16.30 -69.37 -3.00
C GLU H 57 17.64 -68.84 -3.52
N LEU H 58 17.85 -68.99 -4.84
CA LEU H 58 19.03 -68.45 -5.54
C LEU H 58 19.09 -66.94 -5.38
N LEU H 59 17.96 -66.28 -5.68
CA LEU H 59 17.83 -64.81 -5.62
C LEU H 59 17.93 -64.24 -4.20
N ASP H 60 17.46 -65.04 -3.21
CA ASP H 60 17.54 -64.71 -1.77
C ASP H 60 18.99 -64.60 -1.29
N PHE H 61 19.84 -65.54 -1.77
CA PHE H 61 21.28 -65.55 -1.46
C PHE H 61 21.98 -64.33 -2.07
N LEU H 62 21.70 -64.09 -3.36
CA LEU H 62 22.27 -62.96 -4.11
C LEU H 62 21.81 -61.57 -3.59
N HIS H 63 20.63 -61.53 -2.94
CA HIS H 63 20.11 -60.36 -2.23
C HIS H 63 21.04 -60.01 -1.02
N ALA H 64 21.29 -61.02 -0.18
CA ALA H 64 22.15 -60.87 0.99
C ALA H 64 23.62 -60.63 0.63
N ARG H 65 24.07 -61.29 -0.44
CA ARG H 65 25.45 -61.24 -0.89
C ARG H 65 25.80 -59.88 -1.54
N ASP H 66 25.08 -59.52 -2.60
CA ASP H 66 25.35 -58.27 -3.32
C ASP H 66 25.11 -56.97 -2.54
N HIS H 67 24.32 -57.05 -1.46
CA HIS H 67 24.17 -55.94 -0.50
C HIS H 67 25.52 -55.62 0.16
N CYS H 68 26.26 -56.67 0.51
CA CYS H 68 27.58 -56.54 1.11
C CYS H 68 28.63 -56.10 0.08
N VAL H 69 28.50 -56.64 -1.15
CA VAL H 69 29.44 -56.34 -2.27
C VAL H 69 29.62 -54.80 -2.47
N ALA H 70 28.49 -54.08 -2.50
CA ALA H 70 28.47 -52.62 -2.73
C ALA H 70 29.20 -51.77 -1.67
N HIS H 71 29.13 -52.20 -0.41
CA HIS H 71 29.74 -51.50 0.75
C HIS H 71 31.27 -51.26 0.65
N LYS H 72 31.99 -52.21 0.04
CA LYS H 72 33.48 -52.24 0.07
C LYS H 72 34.17 -52.23 -1.31
N LEU H 73 33.46 -52.73 -2.33
CA LEU H 73 33.99 -52.88 -3.71
C LEU H 73 34.82 -51.71 -4.27
N PHE H 74 34.36 -50.49 -4.02
CA PHE H 74 34.94 -49.28 -4.65
C PHE H 74 36.12 -48.63 -3.90
N ASN H 75 36.55 -49.27 -2.79
CA ASN H 75 37.60 -48.72 -1.89
C ASN H 75 38.98 -48.51 -2.52
N SER H 76 39.46 -49.51 -3.27
CA SER H 76 40.73 -49.44 -4.00
C SER H 76 40.58 -49.91 -5.47
N LEU H 77 39.68 -49.22 -6.17
CA LEU H 77 39.52 -49.35 -7.62
C LEU H 77 40.09 -48.08 -8.23
N LYS H 78 41.06 -48.26 -9.13
CA LYS H 78 41.74 -47.14 -9.81
C LYS H 78 40.83 -46.38 -10.79
N MET I 1 -20.89 56.30 17.05
CA MET I 1 -20.87 54.86 17.47
C MET I 1 -21.68 53.99 16.50
N LEU I 2 -21.67 54.38 15.24
CA LEU I 2 -22.52 53.79 14.21
C LEU I 2 -21.82 52.63 13.47
N SER I 3 -22.17 51.41 13.89
CA SER I 3 -21.72 50.12 13.30
C SER I 3 -22.51 48.98 13.97
N VAL I 4 -23.09 48.09 13.16
CA VAL I 4 -23.84 46.93 13.68
C VAL I 4 -22.93 45.76 14.21
N ALA I 5 -21.65 46.09 14.47
CA ALA I 5 -20.71 45.26 15.19
C ALA I 5 -20.37 45.95 16.52
N ALA I 6 -20.19 47.28 16.47
CA ALA I 6 -19.91 48.12 17.66
C ALA I 6 -21.13 48.25 18.62
N ARG I 7 -22.35 48.04 18.08
CA ARG I 7 -23.59 47.92 18.85
C ARG I 7 -23.94 46.40 18.91
N SER I 8 -23.01 45.62 19.52
CA SER I 8 -22.96 44.15 19.45
C SER I 8 -24.30 43.46 19.61
N GLY I 9 -24.89 43.16 18.46
CA GLY I 9 -26.26 42.65 18.40
C GLY I 9 -26.69 41.98 17.12
N PRO I 10 -26.93 42.77 16.05
CA PRO I 10 -27.53 42.24 14.81
C PRO I 10 -26.53 41.48 13.96
N PHE I 11 -27.02 40.81 12.94
CA PHE I 11 -26.19 39.96 12.12
C PHE I 11 -25.37 40.67 11.01
N ALA I 12 -24.14 40.15 10.82
CA ALA I 12 -23.21 40.54 9.74
C ALA I 12 -22.61 39.24 9.13
N PRO I 13 -22.80 39.00 7.81
CA PRO I 13 -22.06 37.95 7.13
C PRO I 13 -20.85 38.47 6.42
N VAL I 14 -19.84 37.62 6.33
CA VAL I 14 -18.58 37.92 5.72
C VAL I 14 -18.26 36.76 4.77
N LEU I 15 -17.89 37.12 3.54
CA LEU I 15 -17.36 36.21 2.53
C LEU I 15 -16.01 36.66 2.10
N SER I 16 -15.15 35.73 1.65
CA SER I 16 -13.85 36.14 1.05
C SER I 16 -13.30 35.23 -0.05
N ALA I 17 -12.36 35.81 -0.85
CA ALA I 17 -11.43 35.01 -1.69
C ALA I 17 -10.72 33.82 -0.86
N THR I 18 -9.80 34.19 0.09
CA THR I 18 -8.92 33.19 0.82
C THR I 18 -9.40 32.72 2.19
N SER I 19 -10.32 33.46 2.79
CA SER I 19 -10.74 33.23 4.18
C SER I 19 -12.17 32.71 4.35
N ARG I 20 -12.37 31.91 5.41
CA ARG I 20 -13.68 31.31 5.75
C ARG I 20 -14.78 32.35 6.08
N GLY I 21 -16.04 31.95 5.85
CA GLY I 21 -17.21 32.80 6.08
C GLY I 21 -17.60 32.92 7.54
N VAL I 22 -17.90 34.16 7.97
CA VAL I 22 -18.32 34.47 9.34
C VAL I 22 -19.79 34.96 9.42
N ALA I 23 -20.38 34.86 10.62
CA ALA I 23 -21.76 35.31 10.88
C ALA I 23 -21.93 35.98 12.25
N GLY I 24 -22.82 36.98 12.27
CA GLY I 24 -23.44 37.50 13.48
C GLY I 24 -22.68 38.24 14.52
N ALA I 25 -23.46 38.84 15.44
CA ALA I 25 -22.94 39.56 16.61
C ALA I 25 -23.45 39.05 18.01
N LEU I 26 -24.52 39.64 18.59
CA LEU I 26 -24.87 39.36 20.03
C LEU I 26 -26.36 39.71 20.58
N ARG I 27 -27.24 38.74 20.93
CA ARG I 27 -27.06 37.25 20.90
C ARG I 27 -26.14 36.47 21.93
N PRO I 28 -26.77 35.79 22.89
CA PRO I 28 -26.15 34.75 23.71
C PRO I 28 -25.35 33.65 23.00
N LEU I 29 -24.50 33.01 23.82
CA LEU I 29 -23.35 32.12 23.49
C LEU I 29 -22.15 32.65 24.34
N VAL I 30 -21.12 31.80 24.50
CA VAL I 30 -19.93 32.07 25.38
C VAL I 30 -20.26 31.99 26.90
N GLN I 31 -21.32 32.69 27.35
CA GLN I 31 -21.91 32.48 28.71
C GLN I 31 -23.02 31.40 28.69
N ALA I 32 -23.09 30.66 27.57
CA ALA I 32 -24.05 29.56 27.34
C ALA I 32 -23.33 28.21 27.19
N ALA I 33 -22.01 28.28 27.08
CA ALA I 33 -21.13 27.10 26.96
C ALA I 33 -20.30 26.81 28.28
N VAL I 34 -20.49 27.69 29.27
CA VAL I 34 -19.99 27.51 30.66
C VAL I 34 -21.05 26.67 31.47
N PRO I 35 -22.36 27.05 31.43
CA PRO I 35 -23.42 26.08 31.80
C PRO I 35 -23.46 25.04 30.67
N ALA I 36 -22.78 23.94 30.93
CA ALA I 36 -22.47 22.93 29.94
C ALA I 36 -23.66 22.09 29.33
N THR I 37 -23.31 20.98 28.63
CA THR I 37 -24.22 20.18 27.75
C THR I 37 -24.64 20.95 26.45
N SER I 38 -23.72 21.81 25.96
CA SER I 38 -23.82 22.52 24.64
C SER I 38 -22.72 22.05 23.65
N GLU I 39 -22.97 20.88 23.04
CA GLU I 39 -22.08 20.22 22.07
C GLU I 39 -21.93 20.99 20.73
N SER I 40 -22.98 21.78 20.40
CA SER I 40 -23.12 22.58 19.16
C SER I 40 -23.18 21.75 17.82
N PRO I 41 -24.00 22.21 16.83
CA PRO I 41 -23.95 21.66 15.46
C PRO I 41 -22.48 21.61 14.92
N VAL I 42 -21.89 20.40 15.00
CA VAL I 42 -20.49 20.15 14.63
C VAL I 42 -20.33 19.25 13.37
N LEU I 43 -19.94 19.93 12.27
CA LEU I 43 -19.40 19.31 11.03
C LEU I 43 -20.31 18.63 10.00
N ASP I 44 -21.63 18.60 10.25
CA ASP I 44 -22.62 17.91 9.35
C ASP I 44 -22.78 18.67 7.97
N LEU I 45 -21.81 18.42 7.06
CA LEU I 45 -21.57 19.21 5.82
C LEU I 45 -21.31 20.75 6.11
N LYS I 46 -20.09 21.04 6.65
CA LYS I 46 -19.72 22.35 7.26
C LYS I 46 -18.24 22.82 7.02
N ARG I 47 -18.06 24.15 7.12
CA ARG I 47 -16.81 24.92 6.98
C ARG I 47 -15.74 24.62 8.05
N SER I 48 -14.58 25.29 7.91
CA SER I 48 -13.48 25.25 8.89
C SER I 48 -13.77 25.96 10.20
N VAL I 49 -13.49 25.23 11.28
CA VAL I 49 -13.60 25.74 12.65
C VAL I 49 -12.36 26.62 12.97
N LEU I 50 -12.62 27.86 13.46
CA LEU I 50 -11.59 28.86 13.96
C LEU I 50 -11.07 29.96 13.01
N CYS I 51 -10.85 29.62 11.71
CA CYS I 51 -10.21 30.49 10.66
C CYS I 51 -8.69 30.71 10.88
N ARG I 52 -7.91 30.50 9.81
CA ARG I 52 -6.44 30.58 9.91
C ARG I 52 -5.66 31.41 8.87
N GLU I 53 -5.62 32.72 9.13
CA GLU I 53 -4.61 33.64 8.58
C GLU I 53 -3.89 34.34 9.80
N SER I 54 -3.90 33.62 10.94
CA SER I 54 -3.30 34.02 12.26
C SER I 54 -1.91 33.30 12.55
N LEU I 55 -1.31 32.77 11.46
CA LEU I 55 -0.01 32.05 11.47
C LEU I 55 1.16 32.92 11.97
N ARG I 56 2.12 32.27 12.62
CA ARG I 56 3.21 32.95 13.34
C ARG I 56 4.61 32.64 12.75
N GLY I 57 5.65 33.26 13.33
CA GLY I 57 7.03 33.00 12.97
C GLY I 57 7.47 31.63 13.46
N VAL J 1 32.68 2.85 12.28
CA VAL J 1 31.21 2.65 12.49
C VAL J 1 30.64 3.69 13.53
N ALA J 2 30.97 4.98 13.32
CA ALA J 2 30.65 6.09 14.27
C ALA J 2 29.17 6.60 14.38
N PRO J 3 28.53 7.04 13.26
CA PRO J 3 27.07 7.25 13.29
C PRO J 3 26.32 6.04 12.65
N THR J 4 26.93 4.85 12.77
CA THR J 4 26.52 3.58 12.09
C THR J 4 26.70 3.59 10.57
N LEU J 5 27.26 2.48 10.06
CA LEU J 5 27.49 2.28 8.62
C LEU J 5 26.19 2.23 7.81
N THR J 6 25.14 1.67 8.42
CA THR J 6 23.79 1.61 7.82
C THR J 6 23.14 3.00 7.69
N ALA J 7 23.41 3.89 8.66
CA ALA J 7 22.92 5.28 8.62
C ALA J 7 23.55 6.10 7.49
N ARG J 8 24.87 5.97 7.35
CA ARG J 8 25.62 6.64 6.28
C ARG J 8 25.36 6.02 4.91
N LEU J 9 25.00 4.74 4.88
CA LEU J 9 24.59 4.05 3.65
C LEU J 9 23.23 4.54 3.21
N TYR J 10 22.37 4.91 4.18
CA TYR J 10 21.04 5.43 3.88
C TYR J 10 21.09 6.86 3.36
N SER J 11 21.80 7.74 4.08
CA SER J 11 21.95 9.16 3.72
C SER J 11 22.74 9.41 2.44
N LEU J 12 23.63 8.46 2.07
CA LEU J 12 24.48 8.61 0.89
C LEU J 12 23.96 7.95 -0.36
N LEU J 13 23.22 6.86 -0.19
CA LEU J 13 22.81 6.06 -1.32
C LEU J 13 21.33 5.72 -1.36
N PHE J 14 20.77 5.31 -0.21
CA PHE J 14 19.37 4.82 -0.13
C PHE J 14 18.27 5.89 -0.19
N ARG J 15 18.59 7.14 0.18
CA ARG J 15 17.61 8.25 0.30
C ARG J 15 16.79 8.42 -0.99
N ARG J 16 17.47 8.85 -2.05
CA ARG J 16 16.85 9.06 -3.35
C ARG J 16 16.77 7.73 -4.04
N THR J 17 15.64 7.50 -4.71
CA THR J 17 15.41 6.24 -5.43
C THR J 17 16.39 6.05 -6.59
N SER J 18 16.90 7.18 -7.12
CA SER J 18 17.92 7.19 -8.16
C SER J 18 19.25 6.55 -7.68
N THR J 19 19.83 7.09 -6.60
CA THR J 19 21.07 6.53 -6.01
C THR J 19 20.84 5.14 -5.38
N PHE J 20 19.61 4.87 -4.93
CA PHE J 20 19.22 3.53 -4.46
C PHE J 20 19.30 2.49 -5.59
N ALA J 21 18.71 2.84 -6.75
CA ALA J 21 18.78 2.03 -7.97
C ALA J 21 20.21 1.84 -8.42
N LEU J 22 20.95 2.95 -8.53
CA LEU J 22 22.36 2.94 -8.94
C LEU J 22 23.23 2.05 -8.06
N THR J 23 22.99 2.07 -6.75
CA THR J 23 23.66 1.17 -5.81
C THR J 23 23.33 -0.29 -6.07
N ILE J 24 22.06 -0.59 -6.40
CA ILE J 24 21.67 -1.98 -6.74
C ILE J 24 22.34 -2.48 -8.02
N VAL J 25 22.25 -1.69 -9.10
CA VAL J 25 22.86 -2.10 -10.38
C VAL J 25 24.38 -2.20 -10.36
N VAL J 26 25.03 -1.26 -9.65
CA VAL J 26 26.49 -1.31 -9.41
C VAL J 26 26.82 -2.51 -8.52
N GLY J 27 25.99 -2.73 -7.50
CA GLY J 27 26.10 -3.87 -6.58
C GLY J 27 25.83 -5.22 -7.24
N ALA J 28 24.89 -5.27 -8.21
CA ALA J 28 24.53 -6.51 -8.93
C ALA J 28 25.64 -7.02 -9.84
N LEU J 29 26.43 -6.07 -10.35
CA LEU J 29 27.57 -6.35 -11.22
C LEU J 29 28.78 -6.87 -10.44
N PHE J 30 29.11 -6.19 -9.32
CA PHE J 30 30.17 -6.62 -8.35
C PHE J 30 29.86 -8.02 -7.81
N PHE J 31 28.63 -8.21 -7.31
CA PHE J 31 28.18 -9.47 -6.70
C PHE J 31 28.21 -10.67 -7.66
N GLU J 32 27.85 -10.43 -8.94
CA GLU J 32 27.86 -11.46 -9.97
C GLU J 32 29.24 -12.07 -10.18
N ARG J 33 30.29 -11.22 -10.13
CA ARG J 33 31.68 -11.67 -10.21
C ARG J 33 32.11 -12.49 -8.97
N ALA J 34 31.92 -11.92 -7.77
CA ALA J 34 32.31 -12.56 -6.50
C ALA J 34 31.54 -13.85 -6.19
N PHE J 35 30.37 -14.03 -6.82
CA PHE J 35 29.55 -15.22 -6.61
C PHE J 35 29.73 -16.34 -7.66
N ASP J 36 29.74 -15.98 -8.96
CA ASP J 36 29.89 -16.98 -10.07
C ASP J 36 31.12 -17.90 -9.82
N GLN J 37 32.32 -17.32 -9.85
CA GLN J 37 33.58 -18.04 -9.62
C GLN J 37 33.83 -18.42 -8.14
N GLY J 38 33.30 -17.59 -7.22
CA GLY J 38 33.36 -17.85 -5.77
C GLY J 38 32.62 -19.12 -5.35
N ALA J 39 31.48 -19.39 -6.00
CA ALA J 39 30.73 -20.65 -5.86
C ALA J 39 31.31 -21.79 -6.74
N ASP J 40 31.95 -21.42 -7.87
CA ASP J 40 32.67 -22.38 -8.73
C ASP J 40 33.89 -22.97 -8.03
N ALA J 41 34.59 -22.13 -7.24
CA ALA J 41 35.72 -22.52 -6.38
C ALA J 41 35.32 -23.55 -5.30
N ILE J 42 34.10 -23.40 -4.76
CA ILE J 42 33.54 -24.36 -3.80
C ILE J 42 33.13 -25.68 -4.53
N TYR J 43 32.70 -25.55 -5.79
CA TYR J 43 32.39 -26.69 -6.67
C TYR J 43 33.65 -27.46 -7.07
N GLU J 44 34.78 -26.73 -7.12
CA GLU J 44 36.11 -27.31 -7.36
C GLU J 44 36.56 -28.26 -6.24
N HIS J 45 36.39 -27.81 -4.98
CA HIS J 45 36.82 -28.56 -3.79
C HIS J 45 36.12 -29.91 -3.54
N ILE J 46 34.84 -30.00 -3.92
CA ILE J 46 34.06 -31.25 -3.78
C ILE J 46 34.37 -32.24 -4.94
N ASN J 47 34.98 -31.72 -6.00
CA ASN J 47 35.41 -32.52 -7.15
C ASN J 47 36.91 -32.24 -7.47
N GLU J 48 37.75 -32.31 -6.41
CA GLU J 48 39.20 -31.92 -6.37
C GLU J 48 40.06 -32.14 -7.61
N GLY J 49 39.86 -33.28 -8.27
CA GLY J 49 40.62 -33.64 -9.46
C GLY J 49 39.83 -34.42 -10.48
N LYS J 50 38.58 -34.77 -10.16
CA LYS J 50 37.73 -35.59 -11.04
C LYS J 50 37.07 -34.82 -12.21
N LEU J 51 37.40 -33.52 -12.34
CA LEU J 51 36.91 -32.64 -13.42
C LEU J 51 37.96 -32.52 -14.52
N TRP J 52 37.49 -32.25 -15.75
CA TRP J 52 38.39 -32.08 -16.92
C TRP J 52 39.34 -30.86 -16.82
N LYS J 53 38.90 -29.82 -16.10
CA LYS J 53 39.71 -28.62 -15.81
C LYS J 53 41.00 -28.94 -15.00
N HIS J 54 40.96 -30.01 -14.19
CA HIS J 54 42.10 -30.48 -13.36
C HIS J 54 43.03 -31.44 -14.16
N ILE J 55 42.40 -32.35 -14.92
CA ILE J 55 43.06 -33.31 -15.83
C ILE J 55 43.91 -32.58 -16.91
N LYS J 56 43.32 -31.52 -17.51
CA LYS J 56 43.88 -30.68 -18.60
C LYS J 56 45.32 -30.98 -19.11
N HIS J 57 46.32 -30.69 -18.27
CA HIS J 57 47.77 -30.80 -18.61
C HIS J 57 48.32 -32.22 -18.89
N LYS J 58 47.51 -33.26 -18.62
CA LYS J 58 47.86 -34.67 -18.89
C LYS J 58 47.90 -34.97 -20.40
N TYR J 59 47.03 -34.31 -21.17
CA TYR J 59 47.02 -34.44 -22.65
C TYR J 59 47.18 -33.06 -23.33
N GLU J 60 48.43 -32.59 -23.39
CA GLU J 60 48.79 -31.27 -23.96
C GLU J 60 49.88 -31.42 -25.02
N ASN J 61 49.69 -30.72 -26.16
CA ASN J 61 50.67 -30.70 -27.25
C ASN J 61 51.87 -29.81 -26.93
N MET K 1 2.24 24.71 -30.39
CA MET K 1 1.83 23.81 -29.26
C MET K 1 2.91 23.66 -28.16
N LEU K 2 4.14 24.12 -28.45
CA LEU K 2 5.31 24.01 -27.51
C LEU K 2 5.75 25.33 -26.80
N THR K 3 5.29 26.49 -27.33
CA THR K 3 5.59 27.83 -26.77
C THR K 3 5.06 28.03 -25.32
N ARG K 4 3.98 27.30 -24.98
CA ARG K 4 3.40 27.29 -23.62
C ARG K 4 4.34 26.68 -22.53
N PHE K 5 5.27 25.82 -22.97
CA PHE K 5 6.22 25.14 -22.07
C PHE K 5 7.54 25.90 -21.84
N LEU K 6 7.70 27.09 -22.44
CA LEU K 6 8.91 27.91 -22.26
C LEU K 6 8.70 29.17 -21.40
N GLY K 7 9.37 29.18 -20.24
CA GLY K 7 9.34 30.29 -19.30
C GLY K 7 10.12 29.98 -18.02
N PRO K 8 10.39 31.00 -17.16
CA PRO K 8 11.25 30.86 -15.95
C PRO K 8 10.93 29.67 -15.00
N ARG K 9 9.65 29.34 -14.82
CA ARG K 9 9.26 28.20 -13.98
C ARG K 9 9.78 26.86 -14.53
N TYR K 10 9.63 26.68 -15.84
CA TYR K 10 10.12 25.49 -16.52
C TYR K 10 11.65 25.41 -16.55
N ARG K 11 12.31 26.57 -16.52
CA ARG K 11 13.77 26.64 -16.37
C ARG K 11 14.17 26.06 -15.01
N GLN K 12 13.42 26.44 -13.96
CA GLN K 12 13.62 25.93 -12.59
C GLN K 12 13.21 24.47 -12.51
N LEU K 13 12.11 24.11 -13.18
CA LEU K 13 11.59 22.73 -13.18
C LEU K 13 12.53 21.73 -13.85
N ALA K 14 13.25 22.18 -14.87
CA ALA K 14 14.23 21.33 -15.57
C ALA K 14 15.49 21.12 -14.70
N ARG K 15 16.04 22.22 -14.15
CA ARG K 15 17.21 22.21 -13.25
C ARG K 15 16.96 21.37 -11.97
N ASN K 16 15.73 21.46 -11.43
CA ASN K 16 15.31 20.71 -10.21
C ASN K 16 15.34 19.19 -10.44
N TRP K 17 15.01 18.78 -11.67
CA TRP K 17 14.91 17.37 -12.07
C TRP K 17 16.14 16.74 -12.80
N VAL K 18 17.21 17.53 -13.03
CA VAL K 18 18.35 17.04 -13.82
C VAL K 18 19.41 16.13 -13.17
N PRO K 19 19.84 16.41 -11.91
CA PRO K 19 20.59 15.41 -11.12
C PRO K 19 19.90 14.02 -11.10
N THR K 20 18.57 13.99 -10.96
CA THR K 20 17.78 12.76 -11.00
C THR K 20 17.82 12.09 -12.38
N ALA K 21 17.48 12.85 -13.43
CA ALA K 21 17.43 12.35 -14.84
C ALA K 21 18.80 11.85 -15.34
N GLY K 22 19.87 12.47 -14.81
CA GLY K 22 21.24 12.05 -15.06
C GLY K 22 21.54 10.71 -14.34
N LEU K 23 21.13 10.60 -13.07
CA LEU K 23 21.36 9.38 -12.29
C LEU K 23 20.57 8.17 -12.78
N TRP K 24 19.39 8.41 -13.41
CA TRP K 24 18.61 7.33 -14.05
C TRP K 24 19.28 6.84 -15.35
N GLY K 25 20.00 7.75 -16.01
CA GLY K 25 20.79 7.41 -17.20
C GLY K 25 21.98 6.55 -16.84
N ALA K 26 22.62 6.88 -15.71
CA ALA K 26 23.71 6.09 -15.13
C ALA K 26 23.21 4.69 -14.74
N VAL K 27 21.99 4.63 -14.20
CA VAL K 27 21.29 3.36 -13.91
C VAL K 27 21.07 2.54 -15.20
N GLY K 28 20.55 3.19 -16.24
CA GLY K 28 20.27 2.57 -17.53
C GLY K 28 21.53 2.08 -18.22
N ALA K 29 22.60 2.88 -18.12
CA ALA K 29 23.87 2.56 -18.76
C ALA K 29 24.52 1.35 -18.11
N VAL K 30 24.79 1.46 -16.80
CA VAL K 30 25.34 0.36 -15.98
C VAL K 30 24.47 -0.88 -16.16
N GLY K 31 23.14 -0.65 -16.09
CA GLY K 31 22.12 -1.66 -16.33
C GLY K 31 22.18 -2.39 -17.65
N LEU K 32 22.36 -1.63 -18.75
CA LEU K 32 22.51 -2.21 -20.11
C LEU K 32 23.88 -2.91 -20.26
N VAL K 33 24.94 -2.22 -19.77
CA VAL K 33 26.33 -2.72 -19.77
C VAL K 33 26.46 -4.08 -19.04
N TRP K 34 25.93 -4.14 -17.82
CA TRP K 34 25.91 -5.35 -16.98
C TRP K 34 25.12 -6.50 -17.60
N ALA K 35 23.93 -6.20 -18.14
CA ALA K 35 23.01 -7.23 -18.67
C ALA K 35 23.46 -7.92 -19.97
N THR K 36 24.07 -7.17 -20.88
CA THR K 36 24.49 -7.78 -22.17
C THR K 36 25.97 -8.31 -22.11
N ASP K 37 26.68 -7.95 -21.01
CA ASP K 37 28.14 -8.30 -20.81
C ASP K 37 29.05 -7.53 -21.84
N TRP K 38 28.93 -6.18 -21.95
CA TRP K 38 29.63 -5.30 -22.96
C TRP K 38 31.09 -5.18 -22.68
N ARG K 39 31.71 -6.30 -22.93
CA ARG K 39 33.09 -6.39 -22.71
C ARG K 39 33.80 -5.13 -23.30
N LEU K 40 33.18 -4.43 -24.29
CA LEU K 40 33.76 -3.17 -24.80
C LEU K 40 33.92 -2.16 -23.64
N ILE K 41 32.84 -1.97 -22.86
CA ILE K 41 32.84 -1.07 -21.68
C ILE K 41 33.52 -1.78 -20.46
N LEU K 42 33.18 -3.06 -20.25
CA LEU K 42 33.60 -3.84 -19.05
C LEU K 42 35.07 -4.27 -18.94
N ASP K 43 35.79 -4.34 -20.08
CA ASP K 43 37.25 -4.65 -20.11
C ASP K 43 38.04 -3.63 -19.24
N TRP K 44 37.59 -2.36 -19.29
CA TRP K 44 38.19 -1.23 -18.56
C TRP K 44 37.70 -1.08 -17.06
N VAL K 45 37.01 -2.12 -16.54
CA VAL K 45 36.51 -2.15 -15.14
C VAL K 45 37.47 -2.97 -14.22
N PRO K 46 38.03 -2.32 -13.17
CA PRO K 46 39.15 -2.89 -12.37
C PRO K 46 38.96 -4.24 -11.61
N TYR K 47 37.73 -4.78 -11.54
CA TYR K 47 37.51 -6.12 -10.93
C TYR K 47 36.78 -7.10 -11.84
N ILE K 48 35.82 -6.60 -12.61
CA ILE K 48 35.05 -7.42 -13.55
C ILE K 48 35.93 -7.74 -14.78
N ASN K 49 36.59 -8.90 -14.70
CA ASN K 49 37.48 -9.39 -15.74
C ASN K 49 37.26 -10.91 -15.97
N GLY K 50 36.01 -11.25 -16.33
CA GLY K 50 35.58 -12.61 -16.65
C GLY K 50 36.15 -13.14 -17.95
N LYS K 51 36.65 -12.22 -18.78
CA LYS K 51 37.40 -12.51 -20.01
C LYS K 51 38.87 -12.90 -19.69
N PHE K 52 39.12 -13.33 -18.43
CA PHE K 52 40.47 -13.66 -17.90
C PHE K 52 41.29 -14.65 -18.76
N LYS K 53 42.02 -14.06 -19.71
CA LYS K 53 42.82 -14.78 -20.72
C LYS K 53 44.04 -15.46 -20.06
C1 CDL L . 2.08 7.58 -8.05
O1 CDL L . 2.10 7.97 -6.67
CA2 CDL L . 1.46 6.19 -8.24
OA2 CDL L . 0.40 5.91 -7.33
PA1 CDL L . 0.65 5.23 -5.88
OA3 CDL L . -0.76 4.49 -5.32
OA4 CDL L . 1.11 6.44 -4.77
OA5 CDL L . 1.83 4.11 -6.06
CA3 CDL L . 1.65 2.73 -5.68
CA4 CDL L . 2.03 1.77 -6.82
OA6 CDL L . 3.43 1.94 -7.20
CA5 CDL L . 3.78 2.61 -8.44
OA7 CDL L . 2.87 3.19 -9.04
C11 CDL L . 4.64 1.76 -9.40
C12 CDL L . 3.95 0.52 -9.98
C13 CDL L . 4.92 -0.38 -10.74
C14 CDL L . 4.18 -1.44 -11.57
C15 CDL L . 5.12 -2.27 -12.47
C16 CDL L . 5.14 -1.76 -13.93
C17 CDL L . 4.57 -2.79 -14.92
C18 CDL L . 4.34 -2.17 -16.28
CA6 CDL L . 1.77 0.33 -6.32
OA8 CDL L . 1.74 -0.61 -7.41
CA7 CDL L . 2.41 -1.89 -7.18
OA9 CDL L . 3.62 -1.75 -7.33
C31 CDL L . 1.90 -2.94 -8.19
C32 CDL L . 2.32 -4.39 -7.90
C33 CDL L . 1.54 -5.38 -8.78
C34 CDL L . 2.14 -6.79 -8.77
C35 CDL L . 1.07 -7.86 -8.46
C36 CDL L . 1.53 -9.28 -8.77
C37 CDL L . 1.61 -10.16 -7.51
C38 CDL L . 2.65 -11.25 -7.68
CB2 CDL L . 3.49 7.57 -8.64
OB2 CDL L . 4.54 7.81 -7.67
PB2 CDL L . 6.06 7.26 -7.84
OB3 CDL L . 7.15 8.51 -8.21
OB4 CDL L . 6.52 6.60 -6.36
OB5 CDL L . 6.02 6.08 -8.97
CB3 CDL L . 6.50 6.25 -10.32
CB4 CDL L . 6.73 4.86 -10.98
OB6 CDL L . 7.95 4.88 -11.75
CB5 CDL L . 9.12 4.31 -11.11
OB7 CDL L . 9.85 5.24 -10.80
C51 CDL L . 9.85 3.35 -12.08
C52 CDL L . 11.22 2.83 -11.56
C53 CDL L . 11.37 1.29 -11.60
C54 CDL L . 12.03 0.80 -12.90
C55 CDL L . 13.58 0.73 -12.83
C56 CDL L . 14.23 1.89 -13.59
C57 CDL L . 14.68 1.50 -15.00
C58 CDL L . 14.93 2.73 -15.86
CB6 CDL L . 5.53 4.50 -11.89
OB8 CDL L . 5.93 4.28 -13.27
CB7 CDL L . 4.88 3.83 -14.15
OB9 CDL L . 5.15 2.73 -14.59
C71 CDL L . 4.57 4.80 -15.32
C72 CDL L . 5.81 5.28 -16.13
C73 CDL L . 5.45 5.71 -17.56
C74 CDL L . 6.70 6.21 -18.31
C75 CDL L . 7.19 5.23 -19.38
C76 CDL L . 8.04 5.93 -20.45
C77 CDL L . 7.73 5.42 -21.85
C78 CDL L . 8.87 4.58 -22.44
C27 PEE M . -0.66 -4.31 -17.92
C26 PEE M . -1.68 -5.41 -17.77
C25 PEE M . -1.02 -6.79 -17.59
C24 PEE M . -1.50 -7.50 -16.31
C23 PEE M . -0.46 -8.49 -15.76
C22 PEE M . 0.34 -7.90 -14.59
C21 PEE M . 1.86 -8.00 -14.82
C20 PEE M . 2.61 -6.74 -14.39
C19 PEE M . 4.11 -7.03 -14.16
C18 PEE M . 4.67 -6.31 -12.91
C17 PEE M . 5.18 -7.30 -11.83
C16 PEE M . 6.35 -6.75 -11.03
C15 PEE M . 6.08 -6.77 -9.51
C14 PEE M . 7.37 -6.62 -8.70
C13 PEE M . 7.06 -6.35 -7.23
C12 PEE M . 7.93 -5.22 -6.68
C11 PEE M . 7.46 -4.71 -5.30
C10 PEE M . 6.62 -3.42 -5.40
O4 PEE M . 5.64 -3.55 -4.70
O2 PEE M . 7.37 -2.22 -5.04
C2 PEE M . 6.86 -1.01 -5.65
C1 PEE M . 7.07 0.18 -4.68
O3P PEE M . 6.05 0.23 -3.68
P PEE M . 5.54 1.57 -2.92
O2P PEE M . 6.25 1.69 -1.39
O1P PEE M . 3.86 1.50 -2.77
O4P PEE M . 5.99 2.90 -3.75
C4 PEE M . 5.05 3.78 -4.45
C5 PEE M . 4.63 4.98 -3.60
N PEE M . 5.41 6.16 -3.94
C3 PEE M . 7.58 -0.65 -6.97
O3 PEE M . 7.28 -1.51 -8.09
C30 PEE M . 8.41 -1.69 -8.99
O5 PEE M . 8.57 -0.71 -9.69
C31 PEE M . 8.27 -2.94 -9.88
C32 PEE M . 9.54 -3.30 -10.70
C33 PEE M . 9.65 -4.79 -11.03
C34 PEE M . 10.39 -5.03 -12.36
C35 PEE M . 10.19 -6.46 -12.87
C36 PEE M . 11.08 -6.75 -14.09
C37 PEE M . 10.98 -8.21 -14.57
C38 PEE M . 12.31 -8.77 -15.09
C39 PEE M . 12.41 -8.75 -16.63
C40 PEE M . 12.10 -10.11 -17.26
C41 PEE M . 12.13 -10.06 -18.79
C42 PEE M . 10.71 -10.07 -19.40
C43 PEE M . 10.29 -8.68 -19.89
C44 PEE M . 9.14 -8.74 -20.88
C45 PEE M . 9.42 -7.92 -22.13
C27 PEE N . -10.01 -34.40 -7.62
C26 PEE N . -9.82 -34.67 -6.15
C25 PEE N . -9.01 -33.56 -5.47
C24 PEE N . -9.33 -33.53 -3.97
C23 PEE N . -8.39 -32.61 -3.21
C22 PEE N . -7.42 -33.40 -2.36
C21 PEE N . -6.72 -32.48 -1.38
C20 PEE N . -5.23 -32.40 -1.69
C19 PEE N . -4.39 -32.89 -0.51
C18 PEE N . -3.73 -31.73 0.24
C17 PEE N . -4.48 -31.36 1.52
C16 PEE N . -4.44 -29.85 1.74
C15 PEE N . -5.80 -29.20 1.62
C14 PEE N . -5.95 -27.95 2.49
C13 PEE N . -6.37 -28.27 3.92
C12 PEE N . -6.01 -27.11 4.85
C11 PEE N . -5.26 -27.59 6.11
C10 PEE N . -5.80 -26.84 7.31
O4 PEE N . -6.81 -27.40 7.68
O2 PEE N . -4.78 -26.57 8.32
C2 PEE N . -4.86 -27.05 9.74
C1 PEE N . -6.08 -26.66 10.59
O3P PEE N . -6.16 -25.25 10.52
P PEE N . -7.49 -24.38 10.79
O2P PEE N . -8.86 -25.32 10.58
O1P PEE N . -7.48 -23.05 9.77
O4P PEE N . -7.31 -23.91 12.32
C4 PEE N . -6.15 -23.12 12.66
C5 PEE N . -6.36 -22.38 13.98
N PEE N . -5.09 -21.81 14.40
C3 PEE N . -4.40 -28.50 9.98
O3 PEE N . -3.01 -28.64 9.61
C30 PEE N . -2.83 -29.43 8.41
O5 PEE N . -3.02 -30.60 8.65
C31 PEE N . -1.44 -29.19 7.75
C32 PEE N . -0.65 -30.46 7.33
C33 PEE N . -0.31 -30.45 5.83
C34 PEE N . -1.09 -31.51 5.04
C35 PEE N . -0.29 -32.09 3.89
C36 PEE N . -1.02 -33.27 3.25
C37 PEE N . -0.11 -34.11 2.36
C38 PEE N . -0.82 -35.40 1.91
C39 PEE N . -0.24 -36.01 0.61
C40 PEE N . -0.95 -35.48 -0.65
C41 PEE N . -2.06 -36.40 -1.16
C42 PEE N . -1.95 -36.65 -2.66
C43 PEE N . -3.32 -36.90 -3.31
C44 PEE N . -3.37 -36.31 -4.72
C45 PEE N . -4.77 -35.88 -5.12
FE HEC O . -9.09 -21.11 -8.34
CHA HEC O . -9.51 -18.87 -5.74
CHB HEC O . -6.79 -19.10 -9.86
CHC HEC O . -7.98 -23.75 -10.23
CHD HEC O . -11.85 -22.91 -7.30
NA HEC O . -8.32 -19.30 -7.92
C1A HEC O . -8.53 -18.63 -6.73
C2A HEC O . -7.63 -17.49 -6.77
C3A HEC O . -6.89 -17.56 -7.91
C4A HEC O . -7.24 -18.80 -8.59
CMA HEC O . -5.87 -16.57 -8.38
CAA HEC O . -7.51 -16.34 -5.76
CBA HEC O . -6.44 -16.66 -4.66
CGA HEC O . -6.88 -17.68 -3.77
O1A HEC O . -6.21 -18.72 -3.69
O2A HEC O . -7.97 -17.60 -3.12
NB HEC O . -7.66 -21.39 -9.72
C1B HEC O . -6.84 -20.41 -10.25
C2B HEC O . -6.04 -20.97 -11.31
C3B HEC O . -6.42 -22.25 -11.46
C4B HEC O . -7.50 -22.50 -10.50
CMB HEC O . -4.99 -20.22 -12.13
CAB HEC O . -5.77 -23.26 -12.39
CBB HEC O . -6.18 -23.05 -13.87
NC HEC O . -9.82 -22.92 -8.74
C1C HEC O . -9.10 -23.90 -9.41
C2C HEC O . -9.77 -25.16 -9.28
C3C HEC O . -10.86 -24.96 -8.49
C4C HEC O . -10.78 -23.57 -8.01
CMC HEC O . -9.35 -26.44 -9.94
CAC HEC O . -11.72 -26.08 -7.98
CBC HEC O . -13.14 -26.10 -8.49
ND HEC O . -10.43 -20.89 -6.86
C1D HEC O . -11.53 -21.71 -6.65
C2D HEC O . -12.28 -21.18 -5.55
C3D HEC O . -11.62 -20.07 -5.11
C4D HEC O . -10.48 -19.86 -5.94
CMD HEC O . -13.57 -21.77 -5.02
CAD HEC O . -12.08 -19.19 -3.92
CBD HEC O . -11.10 -19.40 -2.75
CGD HEC O . -11.25 -18.55 -1.65
O1D HEC O . -11.15 -19.04 -0.51
O2D HEC O . -11.28 -17.29 -1.78
FE HEC P . 3.60 -28.82 -22.57
CHA HEC P . 5.66 -31.51 -23.16
CHB HEC P . 2.12 -30.45 -19.85
CHC HEC P . 2.04 -25.88 -21.70
CHD HEC P . 4.26 -27.61 -25.80
NA HEC P . 3.87 -30.63 -21.65
C1A HEC P . 4.75 -31.59 -22.13
C2A HEC P . 4.65 -32.71 -21.21
C3A HEC P . 3.67 -32.42 -20.28
C4A HEC P . 3.14 -31.07 -20.57
CMA HEC P . 3.21 -33.33 -19.17
CAA HEC P . 5.54 -33.99 -21.24
CBA HEC P . 6.71 -33.76 -20.22
CGA HEC P . 7.85 -34.56 -20.45
O1A HEC P . 8.89 -34.05 -20.94
O2A HEC P . 7.87 -35.75 -20.06
NB HEC P . 2.41 -28.24 -21.05
C1B HEC P . 1.86 -29.08 -20.06
C2B HEC P . 0.92 -28.31 -19.26
C3B HEC P . 0.84 -27.06 -19.80
C4B HEC P . 1.74 -27.03 -20.97
CMB HEC P . 0.20 -28.84 -18.04
CAB HEC P . 0.09 -25.86 -19.22
CBB HEC P . -1.45 -26.04 -19.20
NC HEC P . 3.26 -27.08 -23.52
C1C HEC P . 2.45 -26.04 -23.03
C2C HEC P . 2.34 -25.01 -24.08
C3C HEC P . 2.99 -25.47 -25.18
C4C HEC P . 3.48 -26.81 -24.87
CMC HEC P . 1.69 -23.66 -23.93
CAC HEC P . 3.01 -24.82 -26.57
CBC HEC P . 3.87 -23.56 -26.62
ND HEC P . 4.76 -29.41 -24.11
C1D HEC P . 4.92 -28.75 -25.33
C2D HEC P . 5.79 -29.57 -26.16
C3D HEC P . 6.15 -30.67 -25.45
C4D HEC P . 5.45 -30.61 -24.20
CMD HEC P . 6.28 -29.23 -27.55
CAD HEC P . 7.03 -31.82 -25.97
CBD HEC P . 8.52 -31.62 -25.59
CGD HEC P . 8.82 -32.19 -24.33
O1D HEC P . 9.58 -31.57 -23.55
O2D HEC P . 8.35 -33.32 -23.98
O1 MYX Q . 0.44 -39.29 -16.93
C1 MYX Q . 0.32 -38.60 -17.94
N1 MYX Q . 0.56 -37.29 -17.85
C2 MYX Q . -0.11 -39.19 -19.29
C3 MYX Q . -0.36 -40.52 -19.60
O2 MYX Q . -0.73 -40.91 -20.97
C4 MYX Q . -0.81 -40.01 -22.06
C5 MYX Q . -0.33 -41.65 -18.58
C6 MYX Q . 0.90 -42.51 -18.87
C7 MYX Q . -1.63 -42.45 -18.66
O3 MYX Q . -1.57 -43.75 -18.04
C8 MYX Q . -2.37 -44.74 -18.71
C9 MYX Q . -2.85 -41.62 -18.26
C10 MYX Q . -3.60 -41.83 -17.18
C11 MYX Q . -4.87 -41.06 -16.98
C12 MYX Q . -5.62 -41.31 -15.91
N2 MYX Q . -5.31 -40.11 -17.83
C13 MYX Q . -6.53 -39.53 -17.31
C14 MYX Q . -7.35 -38.50 -17.94
C15 MYX Q . -7.08 -38.03 -19.21
N3 MYX Q . -8.51 -37.99 -17.35
C16 MYX Q . -9.13 -37.02 -18.25
C17 MYX Q . -10.45 -36.30 -17.96
C18 MYX Q . -10.80 -36.29 -16.48
C19 MYX Q . -10.48 -34.89 -18.54
C20 MYX Q . -11.42 -34.61 -19.50
C21 MYX Q . -11.46 -33.21 -20.10
C22 MYX Q . -12.41 -32.93 -21.06
C23 MYX Q . -12.48 -31.55 -21.68
C24 MYX Q . -11.85 -31.58 -23.07
C25 MYX Q . -13.92 -31.06 -21.78
S1 MYX Q . -6.97 -40.29 -15.86
S2 MYX Q . -8.26 -36.92 -19.75
C1 CDL R . 2.18 -17.04 11.97
O1 CDL R . 2.61 -18.41 11.90
CA2 CDL R . 2.70 -16.24 10.77
OA2 CDL R . 3.84 -16.87 10.14
PA1 CDL R . 4.50 -16.25 8.81
OA3 CDL R . 6.02 -15.62 9.20
OA4 CDL R . 3.49 -15.05 8.18
OA5 CDL R . 4.64 -17.48 7.77
CA3 CDL R . 3.68 -17.68 6.70
CA4 CDL R . 4.26 -18.45 5.49
OA6 CDL R . 4.68 -17.55 4.42
CA5 CDL R . 4.01 -17.65 3.10
OA7 CDL R . 2.84 -17.30 3.08
C11 CDL R . 4.38 -18.92 2.25
C12 CDL R . 3.27 -19.55 1.38
C13 CDL R . 3.89 -20.64 0.50
C14 CDL R . 2.99 -21.85 0.21
C15 CDL R . 3.86 -23.08 -0.11
C16 CDL R . 3.89 -23.44 -1.61
C17 CDL R . 5.17 -24.16 -2.03
C18 CDL R . 4.93 -25.04 -3.24
CA6 CDL R . 5.34 -19.49 5.86
OA8 CDL R . 6.67 -18.92 5.93
CA7 CDL R . 7.77 -19.69 5.32
OA9 CDL R . 7.72 -20.89 5.58
C31 CDL R . 9.14 -19.14 5.78
C32 CDL R . 10.25 -19.26 4.74
C33 CDL R . 11.49 -19.95 5.31
C34 CDL R . 12.71 -19.02 5.41
C35 CDL R . 13.78 -19.62 6.34
C36 CDL R . 15.17 -19.66 5.69
C37 CDL R . 15.78 -21.07 5.64
C38 CDL R . 17.08 -21.11 4.86
CB2 CDL R . 2.62 -16.38 13.27
OB2 CDL R . 3.86 -16.92 13.74
PB2 CDL R . 3.96 -17.92 15.02
OB3 CDL R . 4.61 -17.08 16.35
OB4 CDL R . 2.46 -18.59 15.44
OB5 CDL R . 4.92 -19.13 14.53
CB3 CDL R . 6.26 -18.89 14.03
CB4 CDL R . 6.82 -20.19 13.45
OB6 CDL R . 8.26 -20.17 13.43
CB5 CDL R . 8.91 -21.32 14.04
OB7 CDL R . 9.39 -20.99 15.11
C51 CDL R . 10.06 -21.85 13.16
C52 CDL R . 10.23 -23.38 13.22
C53 CDL R . 11.20 -23.86 14.32
C54 CDL R . 12.53 -24.43 13.79
C55 CDL R . 13.43 -24.85 14.95
C56 CDL R . 14.91 -24.87 14.54
C57 CDL R . 15.68 -23.70 15.14
C58 CDL R . 16.42 -22.93 14.06
CB6 CDL R . 6.18 -20.47 12.06
OB8 CDL R . 6.91 -19.89 10.97
CB7 CDL R . 7.73 -20.86 10.26
OB9 CDL R . 8.84 -20.41 10.10
C71 CDL R . 7.14 -21.30 8.91
C72 CDL R . 7.39 -22.80 8.63
C73 CDL R . 8.75 -23.10 7.98
C74 CDL R . 9.38 -24.39 8.53
C75 CDL R . 10.68 -24.76 7.81
C76 CDL R . 11.83 -25.06 8.78
C77 CDL R . 13.14 -25.36 8.05
C78 CDL R . 14.08 -26.19 8.90
FE HEC S . 24.58 -56.09 -24.61
CHA HEC S . 21.23 -56.60 -23.85
CHB HEC S . 24.79 -53.48 -22.30
CHC HEC S . 28.01 -55.88 -25.12
CHD HEC S . 24.21 -58.23 -27.33
NA HEC S . 23.27 -55.22 -23.34
C1A HEC S . 21.93 -55.56 -23.26
C2A HEC S . 21.35 -54.72 -22.24
C3A HEC S . 22.34 -53.85 -21.79
C4A HEC S . 23.58 -54.16 -22.50
CMA HEC S . 22.17 -52.77 -20.76
CAA HEC S . 19.86 -54.74 -21.85
CBA HEC S . 19.59 -55.56 -20.57
CGA HEC S . 18.80 -54.79 -19.71
O1A HEC S . 17.56 -55.01 -19.58
O2A HEC S . 19.32 -53.84 -19.10
NB HEC S . 26.08 -54.96 -23.87
C1B HEC S . 25.95 -53.98 -22.89
C2B HEC S . 27.24 -53.39 -22.61
C3B HEC S . 28.15 -53.96 -23.46
C4B HEC S . 27.41 -54.97 -24.25
CMB HEC S . 27.47 -52.27 -21.63
CAB HEC S . 29.68 -53.79 -23.47
CBB HEC S . 30.42 -53.73 -22.10
NC HEC S . 25.87 -56.94 -25.88
C1C HEC S . 27.22 -56.62 -26.01
C2C HEC S . 27.77 -57.38 -27.13
C3C HEC S . 26.74 -58.05 -27.74
C4C HEC S . 25.52 -57.72 -26.98
CMC HEC S . 29.21 -57.40 -27.58
CAC HEC S . 26.84 -58.96 -28.98
CBC HEC S . 26.47 -60.45 -28.70
ND HEC S . 23.06 -57.17 -25.39
C1D HEC S . 23.12 -57.99 -26.49
C2D HEC S . 21.79 -58.57 -26.70
C3D HEC S . 20.99 -58.12 -25.73
C4D HEC S . 21.75 -57.20 -24.96
CMD HEC S . 21.39 -59.53 -27.81
CAD HEC S . 19.47 -58.42 -25.63
CBD HEC S . 19.10 -59.46 -24.53
CGD HEC S . 17.74 -59.28 -24.18
O1D HEC S . 16.81 -59.85 -24.82
O2D HEC S . 17.44 -58.49 -23.26
C27 PEE T . 13.76 -13.52 -23.58
C26 PEE T . 12.51 -14.03 -22.88
C25 PEE T . 12.74 -14.23 -21.37
C24 PEE T . 12.30 -15.62 -20.91
C23 PEE T . 12.78 -15.96 -19.50
C22 PEE T . 11.59 -16.35 -18.61
C21 PEE T . 11.85 -17.59 -17.74
C20 PEE T . 10.71 -17.87 -16.76
C19 PEE T . 11.15 -18.72 -15.57
C18 PEE T . 10.95 -18.02 -14.21
C17 PEE T . 11.36 -18.92 -13.04
C16 PEE T . 12.79 -18.68 -12.55
C15 PEE T . 13.54 -20.00 -12.35
C14 PEE T . 14.94 -19.78 -11.75
C13 PEE T . 16.01 -20.61 -12.48
C12 PEE T . 17.45 -20.28 -12.04
C11 PEE T . 18.44 -20.47 -13.20
C10 PEE T . 19.74 -21.19 -12.81
O4 PEE T . 19.78 -22.27 -13.36
O2 PEE T . 20.87 -20.36 -13.21
C2 PEE T . 22.17 -20.60 -12.60
C1 PEE T . 23.22 -20.38 -13.70
O3P PEE T . 24.58 -20.70 -13.31
P PEE T . 25.78 -20.90 -14.40
O2P PEE T . 25.47 -22.23 -15.40
O1P PEE T . 27.26 -21.05 -13.61
O4P PEE T . 25.78 -19.53 -15.26
C4 PEE T . 26.60 -19.39 -16.44
C5 PEE T . 26.53 -17.94 -16.93
N PEE T . 26.93 -17.04 -15.88
C3 PEE T . 22.37 -19.58 -11.47
O3 PEE T . 21.56 -19.94 -10.34
C30 PEE T . 20.52 -18.98 -10.00
O5 PEE T . 21.00 -17.96 -9.57
C31 PEE T . 19.54 -19.63 -8.97
C32 PEE T . 18.60 -18.66 -8.24
C33 PEE T . 17.31 -19.31 -7.72
C34 PEE T . 16.06 -18.68 -8.34
C35 PEE T . 15.40 -17.59 -7.49
C36 PEE T . 13.98 -17.25 -7.99
C37 PEE T . 13.85 -15.79 -8.45
C38 PEE T . 13.06 -15.68 -9.76
C39 PEE T . 13.77 -14.79 -10.79
C40 PEE T . 12.74 -14.09 -11.69
C41 PEE T . 12.67 -14.69 -13.09
C42 PEE T . 12.06 -13.70 -14.09
C43 PEE T . 11.45 -14.43 -15.28
C44 PEE T . 10.04 -13.92 -15.62
C45 PEE T . 10.00 -13.33 -17.03
FE1 FES U . 22.70 -9.43 -55.01
FE2 FES U . 20.44 -7.94 -54.53
S1 FES U . 21.77 -7.89 -56.30
S2 FES U . 21.60 -9.20 -53.12
C1 CDL V . -1.69 -23.48 8.56
O1 CDL V . -2.12 -22.98 7.29
CA2 CDL V . -2.88 -23.94 9.40
OA2 CDL V . -2.42 -24.90 10.38
PA1 CDL V . -2.44 -24.65 11.99
OA3 CDL V . -3.61 -25.62 12.68
OA4 CDL V . -2.75 -23.00 12.34
OA5 CDL V . -0.95 -25.07 12.52
CA3 CDL V . -0.16 -26.13 11.94
CA4 CDL V . 1.32 -26.02 12.40
OA6 CDL V . 1.89 -27.21 13.07
CA5 CDL V . 1.96 -28.52 12.39
OA7 CDL V . 0.97 -29.16 12.65
C11 CDL V . 3.17 -29.43 12.76
C12 CDL V . 4.46 -28.73 13.21
C13 CDL V . 5.61 -29.74 13.35
C14 CDL V . 6.40 -29.54 14.65
C15 CDL V . 6.10 -30.62 15.70
C16 CDL V . 6.93 -31.91 15.49
C17 CDL V . 8.15 -31.97 16.41
C18 CDL V . 9.44 -31.82 15.61
CA6 CDL V . 2.21 -25.42 11.31
OA8 CDL V . 3.29 -24.63 11.92
CA7 CDL V . 4.57 -24.49 11.20
OA9 CDL V . 4.43 -24.20 10.02
C31 CDL V . 5.52 -25.69 11.36
C32 CDL V . 7.02 -25.36 11.42
C33 CDL V . 7.84 -26.55 11.98
C34 CDL V . 8.70 -27.24 10.92
C35 CDL V . 8.57 -28.77 10.96
C36 CDL V . 9.52 -29.45 9.97
C37 CDL V . 9.20 -30.93 9.77
C38 CDL V . 10.35 -31.84 10.18
CB2 CDL V . -0.96 -22.39 9.30
OB2 CDL V . -0.99 -21.16 8.56
PB2 CDL V . 0.36 -20.46 8.07
OB3 CDL V . -0.10 -19.06 7.20
OB4 CDL V . 1.39 -20.01 9.34
OB5 CDL V . 1.00 -21.59 7.09
CB3 CDL V . 2.20 -22.34 7.38
CB4 CDL V . 2.16 -23.68 6.65
OB6 CDL V . 3.03 -24.66 7.30
CB5 CDL V . 2.75 -26.10 7.11
OB7 CDL V . 1.56 -26.38 7.19
C51 CDL V . 3.55 -26.93 8.12
C52 CDL V . 3.67 -28.44 7.78
C53 CDL V . 3.87 -29.27 9.07
C54 CDL V . 4.20 -30.75 8.79
C55 CDL V . 5.11 -31.33 9.89
C56 CDL V . 4.62 -32.68 10.44
C57 CDL V . 5.43 -33.14 11.68
C58 CDL V . 4.71 -34.18 12.52
CB6 CDL V . 2.52 -23.48 5.16
OB8 CDL V . 1.69 -24.35 4.37
CB7 CDL V . 2.33 -24.80 3.17
OB9 CDL V . 1.59 -24.56 2.25
C71 CDL V . 2.57 -26.33 3.19
C72 CDL V . 4.06 -26.70 3.00
C73 CDL V . 4.28 -28.15 2.50
C74 CDL V . 4.22 -29.22 3.63
C75 CDL V . 4.90 -30.53 3.23
C76 CDL V . 3.90 -31.59 2.69
C77 CDL V . 4.00 -31.71 1.16
C78 CDL V . 3.00 -32.70 0.58
C23 PLX W . 6.02 -13.49 -13.04
C22 PLX W . 6.82 -14.79 -13.06
C21 PLX W . 8.18 -14.65 -12.37
C20 PLX W . 8.13 -15.16 -10.92
C19 PLX W . 9.03 -14.32 -10.01
C18 PLX W . 8.95 -14.77 -8.54
C17 PLX W . 10.23 -14.51 -7.77
C16 PLX W . 10.18 -13.21 -6.95
C15 PLX W . 10.92 -12.07 -7.66
C14 PLX W . 9.97 -10.95 -8.08
C13 PLX W . 10.62 -9.56 -7.96
C12 PLX W . 10.28 -8.89 -6.63
C11 PLX W . 11.35 -7.87 -6.20
C10 PLX W . 11.45 -7.76 -4.69
C9 PLX W . 10.60 -6.62 -4.13
C8 PLX W . 11.48 -5.49 -3.61
C7 PLX W . 10.89 -4.11 -3.96
C6 PLX W . 11.67 -3.38 -5.08
O7 PLX W . 10.99 -3.45 -6.34
O6 PLX W . 12.04 -2.02 -4.69
C4 PLX W . 11.09 -0.98 -4.98
C3 PLX W . 10.58 -0.36 -3.70
O4 PLX W . 11.60 -0.23 -2.74
P1 PLX W . 11.16 -0.08 -1.20
O1 PLX W . 12.15 1.06 -0.71
C2 PLX W . 11.74 2.38 -0.99
C1 PLX W . 12.82 3.12 -1.76
N1 PLX W . 13.54 4.13 -0.95
C1C PLX W . 12.67 4.85 0.01
C1B PLX W . 14.62 3.49 -0.19
C1A PLX W . 14.12 5.13 -1.85
O2 PLX W . 11.44 -1.37 -0.49
C5 PLX W . 11.76 0.11 -5.79
O8 PLX W . 12.47 -0.44 -6.91
C24 PLX W . 13.88 -0.16 -6.92
O9 PLX W . 14.23 1.04 -6.22
C25 PLX W . 14.38 -0.06 -8.38
C26 PLX W . 15.86 -0.38 -8.45
C27 PLX W . 16.32 -0.72 -9.87
C28 PLX W . 17.44 -1.76 -9.80
C29 PLX W . 17.68 -2.45 -11.15
C30 PLX W . 16.96 -3.80 -11.24
C31 PLX W . 17.59 -4.71 -12.30
C32 PLX W . 17.01 -4.46 -13.70
C33 PLX W . 18.08 -3.90 -14.64
C34 PLX W . 17.62 -2.60 -15.32
C35 PLX W . 18.22 -2.46 -16.73
C36 PLX W . 17.19 -2.80 -17.82
C37 PLX W . 17.67 -3.95 -18.70
C38 PLX W . 18.19 -3.44 -20.06
C39 PLX W . 18.47 -4.59 -21.02
O3 PLX W . 9.67 0.22 -1.05
#